data_1YXL
# 
_entry.id   1YXL 
# 
_audit_conform.dict_name       mmcif_pdbx.dic 
_audit_conform.dict_version    5.397 
_audit_conform.dict_location   http://mmcif.pdb.org/dictionaries/ascii/mmcif_pdbx.dic 
# 
loop_
_database_2.database_id 
_database_2.database_code 
_database_2.pdbx_database_accession 
_database_2.pdbx_DOI 
PDB   1YXL         pdb_00001yxl 10.2210/pdb1yxl/pdb 
RCSB  RCSB032039   ?            ?                   
WWPDB D_1000032039 ?            ?                   
# 
loop_
_pdbx_audit_revision_history.ordinal 
_pdbx_audit_revision_history.data_content_type 
_pdbx_audit_revision_history.major_revision 
_pdbx_audit_revision_history.minor_revision 
_pdbx_audit_revision_history.revision_date 
1 'Structure model' 1 0 2005-03-08 
2 'Structure model' 1 1 2008-04-30 
3 'Structure model' 1 2 2011-07-13 
4 'Structure model' 1 3 2017-10-11 
5 'Structure model' 1 4 2023-10-25 
6 'Structure model' 1 5 2024-10-30 
# 
_pdbx_audit_revision_details.ordinal             1 
_pdbx_audit_revision_details.revision_ordinal    1 
_pdbx_audit_revision_details.data_content_type   'Structure model' 
_pdbx_audit_revision_details.provider            repository 
_pdbx_audit_revision_details.type                'Initial release' 
_pdbx_audit_revision_details.description         ? 
_pdbx_audit_revision_details.details             ? 
# 
loop_
_pdbx_audit_revision_group.ordinal 
_pdbx_audit_revision_group.revision_ordinal 
_pdbx_audit_revision_group.data_content_type 
_pdbx_audit_revision_group.group 
1 2 'Structure model' 'Version format compliance' 
2 3 'Structure model' 'Version format compliance' 
3 4 'Structure model' 'Refinement description'    
4 5 'Structure model' 'Data collection'           
5 5 'Structure model' 'Database references'       
6 5 'Structure model' 'Derived calculations'      
7 5 'Structure model' 'Refinement description'    
8 6 'Structure model' 'Structure summary'         
# 
loop_
_pdbx_audit_revision_category.ordinal 
_pdbx_audit_revision_category.revision_ordinal 
_pdbx_audit_revision_category.data_content_type 
_pdbx_audit_revision_category.category 
1  4 'Structure model' software                      
2  5 'Structure model' chem_comp_atom                
3  5 'Structure model' chem_comp_bond                
4  5 'Structure model' database_2                    
5  5 'Structure model' pdbx_initial_refinement_model 
6  5 'Structure model' pdbx_struct_conn_angle        
7  5 'Structure model' struct_conn                   
8  5 'Structure model' struct_site                   
9  6 'Structure model' pdbx_entry_details            
10 6 'Structure model' pdbx_modification_feature     
# 
loop_
_pdbx_audit_revision_item.ordinal 
_pdbx_audit_revision_item.revision_ordinal 
_pdbx_audit_revision_item.data_content_type 
_pdbx_audit_revision_item.item 
1  4 'Structure model' '_software.classification'                    
2  4 'Structure model' '_software.name'                              
3  5 'Structure model' '_database_2.pdbx_DOI'                        
4  5 'Structure model' '_database_2.pdbx_database_accession'         
5  5 'Structure model' '_pdbx_struct_conn_angle.ptnr1_auth_comp_id'  
6  5 'Structure model' '_pdbx_struct_conn_angle.ptnr1_auth_seq_id'   
7  5 'Structure model' '_pdbx_struct_conn_angle.ptnr1_label_asym_id' 
8  5 'Structure model' '_pdbx_struct_conn_angle.ptnr1_label_atom_id' 
9  5 'Structure model' '_pdbx_struct_conn_angle.ptnr1_label_comp_id' 
10 5 'Structure model' '_pdbx_struct_conn_angle.ptnr1_label_seq_id'  
11 5 'Structure model' '_pdbx_struct_conn_angle.ptnr3_auth_comp_id'  
12 5 'Structure model' '_pdbx_struct_conn_angle.ptnr3_auth_seq_id'   
13 5 'Structure model' '_pdbx_struct_conn_angle.ptnr3_label_asym_id' 
14 5 'Structure model' '_pdbx_struct_conn_angle.ptnr3_label_atom_id' 
15 5 'Structure model' '_pdbx_struct_conn_angle.ptnr3_label_comp_id' 
16 5 'Structure model' '_pdbx_struct_conn_angle.ptnr3_label_seq_id'  
17 5 'Structure model' '_pdbx_struct_conn_angle.value'               
18 5 'Structure model' '_struct_conn.pdbx_dist_value'                
19 5 'Structure model' '_struct_conn.ptnr1_auth_comp_id'             
20 5 'Structure model' '_struct_conn.ptnr1_auth_seq_id'              
21 5 'Structure model' '_struct_conn.ptnr1_label_asym_id'            
22 5 'Structure model' '_struct_conn.ptnr1_label_atom_id'            
23 5 'Structure model' '_struct_conn.ptnr1_label_comp_id'            
24 5 'Structure model' '_struct_conn.ptnr1_label_seq_id'             
25 5 'Structure model' '_struct_conn.ptnr2_auth_comp_id'             
26 5 'Structure model' '_struct_conn.ptnr2_auth_seq_id'              
27 5 'Structure model' '_struct_conn.ptnr2_label_asym_id'            
28 5 'Structure model' '_struct_conn.ptnr2_label_atom_id'            
29 5 'Structure model' '_struct_conn.ptnr2_label_comp_id'            
30 5 'Structure model' '_struct_conn.ptnr2_label_seq_id'             
31 5 'Structure model' '_struct_site.pdbx_auth_asym_id'              
32 5 'Structure model' '_struct_site.pdbx_auth_comp_id'              
33 5 'Structure model' '_struct_site.pdbx_auth_seq_id'               
# 
_pdbx_database_status.status_code                     REL 
_pdbx_database_status.entry_id                        1YXL 
_pdbx_database_status.recvd_initial_deposition_date   2005-02-22 
_pdbx_database_status.deposit_site                    RCSB 
_pdbx_database_status.process_site                    PDBJ 
_pdbx_database_status.status_code_sf                  ? 
_pdbx_database_status.status_code_mr                  ? 
_pdbx_database_status.SG_entry                        ? 
_pdbx_database_status.pdb_format_compatible           Y 
_pdbx_database_status.status_code_cs                  ? 
_pdbx_database_status.methods_development_category    ? 
_pdbx_database_status.status_code_nmr_data            ? 
# 
loop_
_audit_author.name 
_audit_author.pdbx_ordinal 
'Singh, R.K.' 1 
'Jabeen, T.'  2 
'Sharma, S.'  3 
'Kaur, P.'    4 
'Singh, T.P.' 5 
# 
_citation.id                        primary 
_citation.title                     'Crystal Structure of a novel phospholipase A2 from Naja naja sagittifera at 1.5 A resolution' 
_citation.journal_abbrev            'To be Published' 
_citation.journal_volume            ? 
_citation.page_first                ? 
_citation.page_last                 ? 
_citation.year                      ? 
_citation.journal_id_ASTM           ? 
_citation.country                   ? 
_citation.journal_id_ISSN           ? 
_citation.journal_id_CSD            0353 
_citation.book_publisher            ? 
_citation.pdbx_database_id_PubMed   ? 
_citation.pdbx_database_id_DOI      ? 
# 
loop_
_citation_author.citation_id 
_citation_author.name 
_citation_author.ordinal 
_citation_author.identifier_ORCID 
primary 'Singh, R.K.' 1 ? 
primary 'Jabeen, T.'  2 ? 
primary 'Sharma, S.'  3 ? 
primary 'Kaur, P.'    4 ? 
primary 'Singh, T.P.' 5 ? 
# 
loop_
_entity.id 
_entity.type 
_entity.src_method 
_entity.pdbx_description 
_entity.formula_weight 
_entity.pdbx_number_of_molecules 
_entity.pdbx_ec 
_entity.pdbx_mutation 
_entity.pdbx_fragment 
_entity.details 
1 polymer     nat 'Phospholipase A2 isoform 3' 13183.592 1   3.1.1.4 ? ? ? 
2 non-polymer syn 'CALCIUM ION'                40.078    1   ?       ? ? ? 
3 non-polymer syn 'PHOSPHATE ION'              94.971    1   ?       ? ? ? 
4 non-polymer syn 'ACETIC ACID'                60.052    1   ?       ? ? ? 
5 water       nat water                        18.015    142 ?       ? ? ? 
# 
_entity_name_com.entity_id   1 
_entity_name_com.name        'Phosphatidylcholine 2-acylhydrolase, Fragment' 
# 
_entity_poly.entity_id                      1 
_entity_poly.type                           'polypeptide(L)' 
_entity_poly.nstd_linkage                   no 
_entity_poly.nstd_monomer                   no 
_entity_poly.pdbx_seq_one_letter_code       
;NLYQFKNMIQCTVPSRSWQDFADYGCYCGKGGSGTPVDDLDRCCQVHDNCYNEAENISGCRPYFKTYSYECTQGTLTCKG
DNNACAASVCDCDRLAAICFAGAPYNDANYNIDLKARCN
;
_entity_poly.pdbx_seq_one_letter_code_can   
;NLYQFKNMIQCTVPSRSWQDFADYGCYCGKGGSGTPVDDLDRCCQVHDNCYNEAENISGCRPYFKTYSYECTQGTLTCKG
DNNACAASVCDCDRLAAICFAGAPYNDANYNIDLKARCN
;
_entity_poly.pdbx_strand_id                 A 
_entity_poly.pdbx_target_identifier         ? 
# 
loop_
_pdbx_entity_nonpoly.entity_id 
_pdbx_entity_nonpoly.name 
_pdbx_entity_nonpoly.comp_id 
2 'CALCIUM ION'   CA  
3 'PHOSPHATE ION' PO4 
4 'ACETIC ACID'   ACY 
5 water           HOH 
# 
loop_
_entity_poly_seq.entity_id 
_entity_poly_seq.num 
_entity_poly_seq.mon_id 
_entity_poly_seq.hetero 
1 1   ASN n 
1 2   LEU n 
1 3   TYR n 
1 4   GLN n 
1 5   PHE n 
1 6   LYS n 
1 7   ASN n 
1 8   MET n 
1 9   ILE n 
1 10  GLN n 
1 11  CYS n 
1 12  THR n 
1 13  VAL n 
1 14  PRO n 
1 15  SER n 
1 16  ARG n 
1 17  SER n 
1 18  TRP n 
1 19  GLN n 
1 20  ASP n 
1 21  PHE n 
1 22  ALA n 
1 23  ASP n 
1 24  TYR n 
1 25  GLY n 
1 26  CYS n 
1 27  TYR n 
1 28  CYS n 
1 29  GLY n 
1 30  LYS n 
1 31  GLY n 
1 32  GLY n 
1 33  SER n 
1 34  GLY n 
1 35  THR n 
1 36  PRO n 
1 37  VAL n 
1 38  ASP n 
1 39  ASP n 
1 40  LEU n 
1 41  ASP n 
1 42  ARG n 
1 43  CYS n 
1 44  CYS n 
1 45  GLN n 
1 46  VAL n 
1 47  HIS n 
1 48  ASP n 
1 49  ASN n 
1 50  CYS n 
1 51  TYR n 
1 52  ASN n 
1 53  GLU n 
1 54  ALA n 
1 55  GLU n 
1 56  ASN n 
1 57  ILE n 
1 58  SER n 
1 59  GLY n 
1 60  CYS n 
1 61  ARG n 
1 62  PRO n 
1 63  TYR n 
1 64  PHE n 
1 65  LYS n 
1 66  THR n 
1 67  TYR n 
1 68  SER n 
1 69  TYR n 
1 70  GLU n 
1 71  CYS n 
1 72  THR n 
1 73  GLN n 
1 74  GLY n 
1 75  THR n 
1 76  LEU n 
1 77  THR n 
1 78  CYS n 
1 79  LYS n 
1 80  GLY n 
1 81  ASP n 
1 82  ASN n 
1 83  ASN n 
1 84  ALA n 
1 85  CYS n 
1 86  ALA n 
1 87  ALA n 
1 88  SER n 
1 89  VAL n 
1 90  CYS n 
1 91  ASP n 
1 92  CYS n 
1 93  ASP n 
1 94  ARG n 
1 95  LEU n 
1 96  ALA n 
1 97  ALA n 
1 98  ILE n 
1 99  CYS n 
1 100 PHE n 
1 101 ALA n 
1 102 GLY n 
1 103 ALA n 
1 104 PRO n 
1 105 TYR n 
1 106 ASN n 
1 107 ASP n 
1 108 ALA n 
1 109 ASN n 
1 110 TYR n 
1 111 ASN n 
1 112 ILE n 
1 113 ASP n 
1 114 LEU n 
1 115 LYS n 
1 116 ALA n 
1 117 ARG n 
1 118 CYS n 
1 119 ASN n 
# 
_entity_src_nat.entity_id                  1 
_entity_src_nat.pdbx_src_id                1 
_entity_src_nat.pdbx_alt_source_flag       sample 
_entity_src_nat.pdbx_beg_seq_num           ? 
_entity_src_nat.pdbx_end_seq_num           ? 
_entity_src_nat.common_name                ? 
_entity_src_nat.pdbx_organism_scientific   'Naja sagittifera' 
_entity_src_nat.pdbx_ncbi_taxonomy_id      195058 
_entity_src_nat.genus                      Naja 
_entity_src_nat.species                    ? 
_entity_src_nat.strain                     ? 
_entity_src_nat.tissue                     venom 
_entity_src_nat.tissue_fraction            ? 
_entity_src_nat.pdbx_secretion             ? 
_entity_src_nat.pdbx_fragment              ? 
_entity_src_nat.pdbx_variant               ? 
_entity_src_nat.pdbx_cell_line             ? 
_entity_src_nat.pdbx_atcc                  ? 
_entity_src_nat.pdbx_cellular_location     ? 
_entity_src_nat.pdbx_organ                 ? 
_entity_src_nat.pdbx_organelle             ? 
_entity_src_nat.pdbx_cell                  ? 
_entity_src_nat.pdbx_plasmid_name          ? 
_entity_src_nat.pdbx_plasmid_details       ? 
_entity_src_nat.details                    ? 
# 
loop_
_chem_comp.id 
_chem_comp.type 
_chem_comp.mon_nstd_flag 
_chem_comp.name 
_chem_comp.pdbx_synonyms 
_chem_comp.formula 
_chem_comp.formula_weight 
ACY non-polymer         . 'ACETIC ACID'   ? 'C2 H4 O2'       60.052  
ALA 'L-peptide linking' y ALANINE         ? 'C3 H7 N O2'     89.093  
ARG 'L-peptide linking' y ARGININE        ? 'C6 H15 N4 O2 1' 175.209 
ASN 'L-peptide linking' y ASPARAGINE      ? 'C4 H8 N2 O3'    132.118 
ASP 'L-peptide linking' y 'ASPARTIC ACID' ? 'C4 H7 N O4'     133.103 
CA  non-polymer         . 'CALCIUM ION'   ? 'Ca 2'           40.078  
CYS 'L-peptide linking' y CYSTEINE        ? 'C3 H7 N O2 S'   121.158 
GLN 'L-peptide linking' y GLUTAMINE       ? 'C5 H10 N2 O3'   146.144 
GLU 'L-peptide linking' y 'GLUTAMIC ACID' ? 'C5 H9 N O4'     147.129 
GLY 'peptide linking'   y GLYCINE         ? 'C2 H5 N O2'     75.067  
HIS 'L-peptide linking' y HISTIDINE       ? 'C6 H10 N3 O2 1' 156.162 
HOH non-polymer         . WATER           ? 'H2 O'           18.015  
ILE 'L-peptide linking' y ISOLEUCINE      ? 'C6 H13 N O2'    131.173 
LEU 'L-peptide linking' y LEUCINE         ? 'C6 H13 N O2'    131.173 
LYS 'L-peptide linking' y LYSINE          ? 'C6 H15 N2 O2 1' 147.195 
MET 'L-peptide linking' y METHIONINE      ? 'C5 H11 N O2 S'  149.211 
PHE 'L-peptide linking' y PHENYLALANINE   ? 'C9 H11 N O2'    165.189 
PO4 non-polymer         . 'PHOSPHATE ION' ? 'O4 P -3'        94.971  
PRO 'L-peptide linking' y PROLINE         ? 'C5 H9 N O2'     115.130 
SER 'L-peptide linking' y SERINE          ? 'C3 H7 N O3'     105.093 
THR 'L-peptide linking' y THREONINE       ? 'C4 H9 N O3'     119.119 
TRP 'L-peptide linking' y TRYPTOPHAN      ? 'C11 H12 N2 O2'  204.225 
TYR 'L-peptide linking' y TYROSINE        ? 'C9 H11 N O3'    181.189 
VAL 'L-peptide linking' y VALINE          ? 'C5 H11 N O2'    117.146 
# 
loop_
_pdbx_poly_seq_scheme.asym_id 
_pdbx_poly_seq_scheme.entity_id 
_pdbx_poly_seq_scheme.seq_id 
_pdbx_poly_seq_scheme.mon_id 
_pdbx_poly_seq_scheme.ndb_seq_num 
_pdbx_poly_seq_scheme.pdb_seq_num 
_pdbx_poly_seq_scheme.auth_seq_num 
_pdbx_poly_seq_scheme.pdb_mon_id 
_pdbx_poly_seq_scheme.auth_mon_id 
_pdbx_poly_seq_scheme.pdb_strand_id 
_pdbx_poly_seq_scheme.pdb_ins_code 
_pdbx_poly_seq_scheme.hetero 
A 1 1   ASN 1   1   1   ASN ASN A . n 
A 1 2   LEU 2   2   2   LEU LEU A . n 
A 1 3   TYR 3   3   3   TYR TYR A . n 
A 1 4   GLN 4   4   4   GLN GLN A . n 
A 1 5   PHE 5   5   5   PHE PHE A . n 
A 1 6   LYS 6   6   6   LYS LYS A . n 
A 1 7   ASN 7   7   7   ASN ASN A . n 
A 1 8   MET 8   8   8   MET MET A . n 
A 1 9   ILE 9   9   9   ILE ILE A . n 
A 1 10  GLN 10  10  10  GLN GLN A . n 
A 1 11  CYS 11  11  11  CYS CYS A . n 
A 1 12  THR 12  12  12  THR THR A . n 
A 1 13  VAL 13  13  13  VAL VAL A . n 
A 1 14  PRO 14  14  14  PRO PRO A . n 
A 1 15  SER 15  15  15  SER SER A . n 
A 1 16  ARG 16  17  17  ARG ARG A . n 
A 1 17  SER 17  18  18  SER SER A . n 
A 1 18  TRP 18  19  19  TRP TRP A . n 
A 1 19  GLN 19  20  20  GLN GLN A . n 
A 1 20  ASP 20  21  21  ASP ASP A . n 
A 1 21  PHE 21  22  22  PHE PHE A . n 
A 1 22  ALA 22  23  23  ALA ALA A . n 
A 1 23  ASP 23  24  24  ASP ASP A . n 
A 1 24  TYR 24  25  25  TYR TYR A . n 
A 1 25  GLY 25  26  26  GLY GLY A . n 
A 1 26  CYS 26  27  27  CYS CYS A . n 
A 1 27  TYR 27  28  28  TYR TYR A . n 
A 1 28  CYS 28  29  29  CYS CYS A . n 
A 1 29  GLY 29  30  30  GLY GLY A . n 
A 1 30  LYS 30  31  31  LYS LYS A . n 
A 1 31  GLY 31  32  32  GLY GLY A . n 
A 1 32  GLY 32  33  33  GLY GLY A . n 
A 1 33  SER 33  34  34  SER SER A . n 
A 1 34  GLY 34  35  35  GLY GLY A . n 
A 1 35  THR 35  36  36  THR THR A . n 
A 1 36  PRO 36  37  37  PRO PRO A . n 
A 1 37  VAL 37  38  38  VAL VAL A . n 
A 1 38  ASP 38  39  39  ASP ASP A . n 
A 1 39  ASP 39  40  40  ASP ASP A . n 
A 1 40  LEU 40  41  41  LEU LEU A . n 
A 1 41  ASP 41  42  42  ASP ASP A . n 
A 1 42  ARG 42  43  43  ARG ARG A . n 
A 1 43  CYS 43  44  44  CYS CYS A . n 
A 1 44  CYS 44  45  45  CYS CYS A . n 
A 1 45  GLN 45  46  46  GLN GLN A . n 
A 1 46  VAL 46  47  47  VAL VAL A . n 
A 1 47  HIS 47  48  48  HIS HIS A . n 
A 1 48  ASP 48  49  49  ASP ASP A . n 
A 1 49  ASN 49  50  50  ASN ASN A . n 
A 1 50  CYS 50  51  51  CYS CYS A . n 
A 1 51  TYR 51  52  52  TYR TYR A . n 
A 1 52  ASN 52  53  53  ASN ASN A . n 
A 1 53  GLU 53  54  54  GLU GLU A . n 
A 1 54  ALA 54  55  55  ALA ALA A . n 
A 1 55  GLU 55  56  56  GLU GLU A . n 
A 1 56  ASN 56  57  57  ASN ASN A . n 
A 1 57  ILE 57  58  58  ILE ILE A . n 
A 1 58  SER 58  59  59  SER SER A . n 
A 1 59  GLY 59  60  60  GLY GLY A . n 
A 1 60  CYS 60  61  61  CYS CYS A . n 
A 1 61  ARG 61  62  62  ARG ARG A . n 
A 1 62  PRO 62  63  63  PRO PRO A . n 
A 1 63  TYR 63  64  64  TYR TYR A . n 
A 1 64  PHE 64  65  65  PHE PHE A . n 
A 1 65  LYS 65  66  66  LYS LYS A . n 
A 1 66  THR 66  67  67  THR THR A . n 
A 1 67  TYR 67  68  68  TYR TYR A . n 
A 1 68  SER 68  69  69  SER SER A . n 
A 1 69  TYR 69  70  70  TYR TYR A . n 
A 1 70  GLU 70  71  71  GLU GLU A . n 
A 1 71  CYS 71  72  72  CYS CYS A . n 
A 1 72  THR 72  73  73  THR THR A . n 
A 1 73  GLN 73  74  74  GLN GLN A . n 
A 1 74  GLY 74  75  75  GLY GLY A . n 
A 1 75  THR 75  76  76  THR THR A . n 
A 1 76  LEU 76  77  77  LEU LEU A . n 
A 1 77  THR 77  78  78  THR THR A . n 
A 1 78  CYS 78  79  79  CYS CYS A . n 
A 1 79  LYS 79  80  80  LYS LYS A . n 
A 1 80  GLY 80  81  81  GLY GLY A . n 
A 1 81  ASP 81  82  82  ASP ASP A . n 
A 1 82  ASN 82  83  83  ASN ASN A . n 
A 1 83  ASN 83  84  84  ASN ASN A . n 
A 1 84  ALA 84  85  85  ALA ALA A . n 
A 1 85  CYS 85  86  86  CYS CYS A . n 
A 1 86  ALA 86  87  87  ALA ALA A . n 
A 1 87  ALA 87  88  88  ALA ALA A . n 
A 1 88  SER 88  89  89  SER SER A . n 
A 1 89  VAL 89  90  90  VAL VAL A . n 
A 1 90  CYS 90  91  91  CYS CYS A . n 
A 1 91  ASP 91  92  92  ASP ASP A . n 
A 1 92  CYS 92  93  93  CYS CYS A . n 
A 1 93  ASP 93  94  94  ASP ASP A . n 
A 1 94  ARG 94  95  95  ARG ARG A . n 
A 1 95  LEU 95  96  96  LEU LEU A . n 
A 1 96  ALA 96  97  97  ALA ALA A . n 
A 1 97  ALA 97  98  98  ALA ALA A . n 
A 1 98  ILE 98  99  99  ILE ILE A . n 
A 1 99  CYS 99  100 100 CYS CYS A . n 
A 1 100 PHE 100 101 101 PHE PHE A . n 
A 1 101 ALA 101 102 102 ALA ALA A . n 
A 1 102 GLY 102 103 103 GLY GLY A . n 
A 1 103 ALA 103 104 104 ALA ALA A . n 
A 1 104 PRO 104 105 105 PRO PRO A . n 
A 1 105 TYR 105 106 106 TYR TYR A . n 
A 1 106 ASN 106 107 107 ASN ASN A . n 
A 1 107 ASP 107 108 108 ASP ASP A . n 
A 1 108 ALA 108 109 109 ALA ALA A . n 
A 1 109 ASN 109 110 110 ASN ASN A . n 
A 1 110 TYR 110 111 111 TYR TYR A . n 
A 1 111 ASN 111 112 112 ASN ASN A . n 
A 1 112 ILE 112 113 113 ILE ILE A . n 
A 1 113 ASP 113 114 114 ASP ASP A . n 
A 1 114 LEU 114 115 115 LEU LEU A . n 
A 1 115 LYS 115 116 116 LYS LYS A . n 
A 1 116 ALA 116 117 117 ALA ALA A . n 
A 1 117 ARG 117 118 118 ARG ARG A . n 
A 1 118 CYS 118 119 119 CYS CYS A . n 
A 1 119 ASN 119 120 120 ASN ASN A . n 
# 
loop_
_pdbx_nonpoly_scheme.asym_id 
_pdbx_nonpoly_scheme.entity_id 
_pdbx_nonpoly_scheme.mon_id 
_pdbx_nonpoly_scheme.ndb_seq_num 
_pdbx_nonpoly_scheme.pdb_seq_num 
_pdbx_nonpoly_scheme.auth_seq_num 
_pdbx_nonpoly_scheme.pdb_mon_id 
_pdbx_nonpoly_scheme.auth_mon_id 
_pdbx_nonpoly_scheme.pdb_strand_id 
_pdbx_nonpoly_scheme.pdb_ins_code 
B 2 CA  1   201 201 CA  CA  A . 
C 3 PO4 1   401 401 PO4 PO4 A . 
D 4 ACY 1   301 301 ACY ACY A . 
E 5 HOH 1   402 1   HOH HOH A . 
E 5 HOH 2   403 2   HOH HOH A . 
E 5 HOH 3   404 3   HOH HOH A . 
E 5 HOH 4   405 4   HOH HOH A . 
E 5 HOH 5   406 5   HOH HOH A . 
E 5 HOH 6   407 6   HOH HOH A . 
E 5 HOH 7   408 7   HOH HOH A . 
E 5 HOH 8   409 8   HOH HOH A . 
E 5 HOH 9   410 9   HOH HOH A . 
E 5 HOH 10  411 10  HOH HOH A . 
E 5 HOH 11  412 11  HOH HOH A . 
E 5 HOH 12  413 12  HOH HOH A . 
E 5 HOH 13  414 13  HOH HOH A . 
E 5 HOH 14  415 14  HOH HOH A . 
E 5 HOH 15  416 15  HOH HOH A . 
E 5 HOH 16  417 16  HOH HOH A . 
E 5 HOH 17  418 17  HOH HOH A . 
E 5 HOH 18  419 18  HOH HOH A . 
E 5 HOH 19  420 19  HOH HOH A . 
E 5 HOH 20  421 20  HOH HOH A . 
E 5 HOH 21  422 21  HOH HOH A . 
E 5 HOH 22  423 22  HOH HOH A . 
E 5 HOH 23  424 23  HOH HOH A . 
E 5 HOH 24  425 24  HOH HOH A . 
E 5 HOH 25  426 25  HOH HOH A . 
E 5 HOH 26  427 26  HOH HOH A . 
E 5 HOH 27  428 27  HOH HOH A . 
E 5 HOH 28  429 28  HOH HOH A . 
E 5 HOH 29  430 29  HOH HOH A . 
E 5 HOH 30  431 30  HOH HOH A . 
E 5 HOH 31  432 31  HOH HOH A . 
E 5 HOH 32  433 32  HOH HOH A . 
E 5 HOH 33  434 33  HOH HOH A . 
E 5 HOH 34  435 34  HOH HOH A . 
E 5 HOH 35  436 35  HOH HOH A . 
E 5 HOH 36  437 36  HOH HOH A . 
E 5 HOH 37  438 37  HOH HOH A . 
E 5 HOH 38  439 38  HOH HOH A . 
E 5 HOH 39  440 39  HOH HOH A . 
E 5 HOH 40  441 40  HOH HOH A . 
E 5 HOH 41  442 41  HOH HOH A . 
E 5 HOH 42  443 42  HOH HOH A . 
E 5 HOH 43  444 43  HOH HOH A . 
E 5 HOH 44  445 44  HOH HOH A . 
E 5 HOH 45  446 45  HOH HOH A . 
E 5 HOH 46  447 46  HOH HOH A . 
E 5 HOH 47  448 47  HOH HOH A . 
E 5 HOH 48  449 48  HOH HOH A . 
E 5 HOH 49  450 49  HOH HOH A . 
E 5 HOH 50  451 50  HOH HOH A . 
E 5 HOH 51  452 51  HOH HOH A . 
E 5 HOH 52  453 52  HOH HOH A . 
E 5 HOH 53  454 53  HOH HOH A . 
E 5 HOH 54  455 54  HOH HOH A . 
E 5 HOH 55  456 55  HOH HOH A . 
E 5 HOH 56  457 56  HOH HOH A . 
E 5 HOH 57  458 57  HOH HOH A . 
E 5 HOH 58  459 58  HOH HOH A . 
E 5 HOH 59  460 59  HOH HOH A . 
E 5 HOH 60  461 60  HOH HOH A . 
E 5 HOH 61  462 61  HOH HOH A . 
E 5 HOH 62  463 62  HOH HOH A . 
E 5 HOH 63  464 63  HOH HOH A . 
E 5 HOH 64  465 64  HOH HOH A . 
E 5 HOH 65  466 65  HOH HOH A . 
E 5 HOH 66  467 66  HOH HOH A . 
E 5 HOH 67  468 67  HOH HOH A . 
E 5 HOH 68  469 68  HOH HOH A . 
E 5 HOH 69  470 69  HOH HOH A . 
E 5 HOH 70  471 70  HOH HOH A . 
E 5 HOH 71  472 71  HOH HOH A . 
E 5 HOH 72  473 72  HOH HOH A . 
E 5 HOH 73  474 73  HOH HOH A . 
E 5 HOH 74  475 74  HOH HOH A . 
E 5 HOH 75  476 75  HOH HOH A . 
E 5 HOH 76  477 76  HOH HOH A . 
E 5 HOH 77  478 77  HOH HOH A . 
E 5 HOH 78  479 78  HOH HOH A . 
E 5 HOH 79  480 79  HOH HOH A . 
E 5 HOH 80  481 80  HOH HOH A . 
E 5 HOH 81  482 81  HOH HOH A . 
E 5 HOH 82  483 82  HOH HOH A . 
E 5 HOH 83  484 83  HOH HOH A . 
E 5 HOH 84  485 84  HOH HOH A . 
E 5 HOH 85  486 85  HOH HOH A . 
E 5 HOH 86  487 86  HOH HOH A . 
E 5 HOH 87  488 87  HOH HOH A . 
E 5 HOH 88  489 88  HOH HOH A . 
E 5 HOH 89  490 89  HOH HOH A . 
E 5 HOH 90  491 90  HOH HOH A . 
E 5 HOH 91  492 91  HOH HOH A . 
E 5 HOH 92  493 92  HOH HOH A . 
E 5 HOH 93  494 93  HOH HOH A . 
E 5 HOH 94  495 94  HOH HOH A . 
E 5 HOH 95  496 95  HOH HOH A . 
E 5 HOH 96  497 96  HOH HOH A . 
E 5 HOH 97  498 97  HOH HOH A . 
E 5 HOH 98  499 98  HOH HOH A . 
E 5 HOH 99  500 99  HOH HOH A . 
E 5 HOH 100 501 100 HOH HOH A . 
E 5 HOH 101 502 101 HOH HOH A . 
E 5 HOH 102 503 102 HOH HOH A . 
E 5 HOH 103 504 103 HOH HOH A . 
E 5 HOH 104 505 104 HOH HOH A . 
E 5 HOH 105 506 105 HOH HOH A . 
E 5 HOH 106 507 106 HOH HOH A . 
E 5 HOH 107 508 107 HOH HOH A . 
E 5 HOH 108 509 108 HOH HOH A . 
E 5 HOH 109 510 109 HOH HOH A . 
E 5 HOH 110 511 110 HOH HOH A . 
E 5 HOH 111 512 111 HOH HOH A . 
E 5 HOH 112 513 112 HOH HOH A . 
E 5 HOH 113 514 113 HOH HOH A . 
E 5 HOH 114 515 114 HOH HOH A . 
E 5 HOH 115 516 115 HOH HOH A . 
E 5 HOH 116 517 116 HOH HOH A . 
E 5 HOH 117 518 117 HOH HOH A . 
E 5 HOH 118 519 118 HOH HOH A . 
E 5 HOH 119 520 119 HOH HOH A . 
E 5 HOH 120 521 120 HOH HOH A . 
E 5 HOH 121 522 121 HOH HOH A . 
E 5 HOH 122 523 122 HOH HOH A . 
E 5 HOH 123 524 123 HOH HOH A . 
E 5 HOH 124 525 124 HOH HOH A . 
E 5 HOH 125 526 125 HOH HOH A . 
E 5 HOH 126 527 126 HOH HOH A . 
E 5 HOH 127 528 127 HOH HOH A . 
E 5 HOH 128 529 128 HOH HOH A . 
E 5 HOH 129 530 129 HOH HOH A . 
E 5 HOH 130 531 130 HOH HOH A . 
E 5 HOH 131 532 131 HOH HOH A . 
E 5 HOH 132 533 132 HOH HOH A . 
E 5 HOH 133 534 133 HOH HOH A . 
E 5 HOH 134 535 134 HOH HOH A . 
E 5 HOH 135 536 135 HOH HOH A . 
E 5 HOH 136 537 136 HOH HOH A . 
E 5 HOH 137 538 137 HOH HOH A . 
E 5 HOH 138 539 138 HOH HOH A . 
E 5 HOH 139 540 139 HOH HOH A . 
E 5 HOH 140 541 140 HOH HOH A . 
E 5 HOH 141 542 141 HOH HOH A . 
E 5 HOH 142 543 142 HOH HOH A . 
# 
loop_
_software.name 
_software.classification 
_software.version 
_software.citation_id 
_software.pdbx_ordinal 
REFMAC refinement        5.0          ? 1 
MAR345 'data collection' .            ? 2 
CCP4   'data scaling'    '(TRUNCATE)' ? 3 
AMoRE  phasing           .            ? 4 
# 
_cell.entry_id           1YXL 
_cell.length_a           42.017 
_cell.length_b           42.017 
_cell.length_c           64.451 
_cell.angle_alpha        90.00 
_cell.angle_beta         90.00 
_cell.angle_gamma        90.00 
_cell.Z_PDB              4 
_cell.pdbx_unique_axis   ? 
# 
_symmetry.entry_id                         1YXL 
_symmetry.space_group_name_H-M             'P 41' 
_symmetry.pdbx_full_space_group_name_H-M   ? 
_symmetry.cell_setting                     ? 
_symmetry.Int_Tables_number                76 
_symmetry.space_group_name_Hall            ? 
# 
_exptl.entry_id          1YXL 
_exptl.method            'X-RAY DIFFRACTION' 
_exptl.crystals_number   1 
# 
_exptl_crystal.id                    1 
_exptl_crystal.density_meas          ? 
_exptl_crystal.density_Matthews      2.2 
_exptl_crystal.density_percent_sol   44.1 
_exptl_crystal.description           ? 
_exptl_crystal.F_000                 ? 
_exptl_crystal.preparation           ? 
# 
_exptl_crystal_grow.crystal_id      1 
_exptl_crystal_grow.method          'VAPOR DIFFUSION, HANGING DROP' 
_exptl_crystal_grow.temp            298 
_exptl_crystal_grow.temp_details    ? 
_exptl_crystal_grow.pH              6.0 
_exptl_crystal_grow.pdbx_details    '1mM CaCl2, 35% ethanol, pH 6.0, VAPOR DIFFUSION, HANGING DROP, temperature 298K' 
_exptl_crystal_grow.pdbx_pH_range   . 
# 
_diffrn.id                     1 
_diffrn.ambient_temp           100 
_diffrn.ambient_temp_details   ? 
_diffrn.crystal_id             1 
# 
_diffrn_detector.diffrn_id              1 
_diffrn_detector.detector               'IMAGE PLATE' 
_diffrn_detector.type                   MARRESEARCH 
_diffrn_detector.pdbx_collection_date   2003-01-02 
_diffrn_detector.details                Mirror 
# 
_diffrn_radiation.diffrn_id                        1 
_diffrn_radiation.wavelength_id                    1 
_diffrn_radiation.pdbx_monochromatic_or_laue_m_l   M 
_diffrn_radiation.monochromator                    Crystal 
_diffrn_radiation.pdbx_diffrn_protocol             'SINGLE WAVELENGTH' 
_diffrn_radiation.pdbx_scattering_type             x-ray 
# 
_diffrn_radiation_wavelength.id           1 
_diffrn_radiation_wavelength.wavelength   1.5418 
_diffrn_radiation_wavelength.wt           1.0 
# 
_diffrn_source.diffrn_id                   1 
_diffrn_source.source                      'ROTATING ANODE' 
_diffrn_source.type                        'CU K-ALPHA' 
_diffrn_source.pdbx_synchrotron_site       ? 
_diffrn_source.pdbx_synchrotron_beamline   ? 
_diffrn_source.pdbx_wavelength             ? 
_diffrn_source.pdbx_wavelength_list        1.5418 
# 
_reflns.entry_id                     1YXL 
_reflns.observed_criterion_sigma_F   0.0 
_reflns.observed_criterion_sigma_I   0.0 
_reflns.d_resolution_high            1.477 
_reflns.d_resolution_low             20.99 
_reflns.number_all                   17781 
_reflns.number_obs                   17781 
_reflns.percent_possible_obs         ? 
_reflns.pdbx_Rmerge_I_obs            ? 
_reflns.pdbx_Rsym_value              0.038 
_reflns.pdbx_netI_over_sigmaI        26.6 
_reflns.B_iso_Wilson_estimate        20.6 
_reflns.pdbx_redundancy              3.9 
_reflns.R_free_details               ? 
_reflns.limit_h_max                  ? 
_reflns.limit_h_min                  ? 
_reflns.limit_k_max                  ? 
_reflns.limit_k_min                  ? 
_reflns.limit_l_max                  ? 
_reflns.limit_l_min                  ? 
_reflns.observed_criterion_F_max     ? 
_reflns.observed_criterion_F_min     ? 
_reflns.pdbx_chi_squared             ? 
_reflns.pdbx_scaling_rejects         ? 
_reflns.pdbx_diffrn_id               1 
_reflns.pdbx_ordinal                 1 
# 
_reflns_shell.d_res_high             1.477 
_reflns_shell.d_res_low              1.53 
_reflns_shell.percent_possible_all   97.5 
_reflns_shell.Rmerge_I_obs           ? 
_reflns_shell.pdbx_Rsym_value        0.375 
_reflns_shell.meanI_over_sigI_obs    2.0 
_reflns_shell.pdbx_redundancy        ? 
_reflns_shell.percent_possible_obs   ? 
_reflns_shell.number_unique_all      ? 
_reflns_shell.number_measured_all    ? 
_reflns_shell.number_measured_obs    ? 
_reflns_shell.number_unique_obs      ? 
_reflns_shell.pdbx_chi_squared       ? 
_reflns_shell.pdbx_diffrn_id         ? 
_reflns_shell.pdbx_ordinal           1 
# 
_refine.entry_id                                 1YXL 
_refine.ls_number_reflns_obs                     17781 
_refine.ls_number_reflns_all                     17781 
_refine.pdbx_ls_sigma_I                          0.0 
_refine.pdbx_ls_sigma_F                          0.0 
_refine.pdbx_data_cutoff_high_absF               ? 
_refine.pdbx_data_cutoff_low_absF                ? 
_refine.pdbx_data_cutoff_high_rms_absF           ? 
_refine.ls_d_res_low                             20 
_refine.ls_d_res_high                            1.477 
_refine.ls_percent_reflns_obs                    99.99 
_refine.ls_R_factor_obs                          0.18971 
_refine.ls_R_factor_all                          0.1904 
_refine.ls_R_factor_R_work                       0.18842 
_refine.ls_R_factor_R_free                       0.22961 
_refine.ls_R_factor_R_free_error                 ? 
_refine.ls_R_factor_R_free_error_details         ? 
_refine.ls_percent_reflns_R_free                 3.2 
_refine.ls_number_reflns_R_free                  586 
_refine.ls_number_parameters                     ? 
_refine.ls_number_restraints                     ? 
_refine.occupancy_min                            ? 
_refine.occupancy_max                            ? 
_refine.correlation_coeff_Fo_to_Fc               0.963 
_refine.correlation_coeff_Fo_to_Fc_free          0.944 
_refine.B_iso_mean                               19.954 
_refine.aniso_B[1][1]                            -0.43 
_refine.aniso_B[2][2]                            -0.43 
_refine.aniso_B[3][3]                            0.85 
_refine.aniso_B[1][2]                            0.00 
_refine.aniso_B[1][3]                            0.00 
_refine.aniso_B[2][3]                            0.00 
_refine.solvent_model_details                    'BABINET MODEL WITH MASK' 
_refine.solvent_model_param_ksol                 ? 
_refine.solvent_model_param_bsol                 ? 
_refine.pdbx_solvent_vdw_probe_radii             1.40 
_refine.pdbx_solvent_ion_probe_radii             0.80 
_refine.pdbx_solvent_shrinkage_radii             0.80 
_refine.pdbx_ls_cross_valid_method               THROUGHOUT 
_refine.details                                  'HYDROGENS HAVE BEEN ADDED IN THE RIDING POSITIONS' 
_refine.pdbx_starting_model                      1PSH 
_refine.pdbx_method_to_determine_struct          'MOLECULAR REPLACEMENT' 
_refine.pdbx_isotropic_thermal_model             ? 
_refine.pdbx_stereochemistry_target_values       'MAXIMUM LIKELIHOOD' 
_refine.pdbx_stereochem_target_val_spec_case     ? 
_refine.pdbx_R_Free_selection_details            RANDOM 
_refine.pdbx_overall_ESU_R                       0.079 
_refine.pdbx_overall_ESU_R_Free                  0.084 
_refine.overall_SU_ML                            0.088 
_refine.overall_SU_B                             2.395 
_refine.ls_redundancy_reflns_obs                 ? 
_refine.B_iso_min                                ? 
_refine.B_iso_max                                ? 
_refine.overall_SU_R_Cruickshank_DPI             ? 
_refine.overall_SU_R_free                        ? 
_refine.ls_wR_factor_R_free                      ? 
_refine.ls_wR_factor_R_work                      ? 
_refine.overall_FOM_free_R_set                   ? 
_refine.overall_FOM_work_R_set                   ? 
_refine.pdbx_refine_id                           'X-RAY DIFFRACTION' 
_refine.pdbx_diffrn_id                           1 
_refine.pdbx_TLS_residual_ADP_flag               ? 
_refine.pdbx_overall_phase_error                 ? 
_refine.pdbx_overall_SU_R_free_Cruickshank_DPI   ? 
_refine.pdbx_overall_SU_R_Blow_DPI               ? 
_refine.pdbx_overall_SU_R_free_Blow_DPI          ? 
# 
_refine_hist.pdbx_refine_id                   'X-RAY DIFFRACTION' 
_refine_hist.cycle_id                         LAST 
_refine_hist.pdbx_number_atoms_protein        913 
_refine_hist.pdbx_number_atoms_nucleic_acid   0 
_refine_hist.pdbx_number_atoms_ligand         6 
_refine_hist.number_atoms_solvent             146 
_refine_hist.number_atoms_total               1065 
_refine_hist.d_res_high                       1.477 
_refine_hist.d_res_low                        20 
# 
loop_
_refine_ls_restr.type 
_refine_ls_restr.dev_ideal 
_refine_ls_restr.dev_ideal_target 
_refine_ls_restr.weight 
_refine_ls_restr.number 
_refine_ls_restr.pdbx_refine_id 
_refine_ls_restr.pdbx_restraint_function 
r_bond_refined_d             0.010  0.021  ? 945  'X-RAY DIFFRACTION' ? 
r_bond_other_d               0.002  0.020  ? 746  'X-RAY DIFFRACTION' ? 
r_angle_refined_deg          1.798  1.945  ? 1283 'X-RAY DIFFRACTION' ? 
r_angle_other_deg            1.076  3.000  ? 1751 'X-RAY DIFFRACTION' ? 
r_dihedral_angle_1_deg       3.958  3.000  ? 117  'X-RAY DIFFRACTION' ? 
r_dihedral_angle_2_deg       ?      ?      ? ?    'X-RAY DIFFRACTION' ? 
r_dihedral_angle_3_deg       16.280 15.000 ? 145  'X-RAY DIFFRACTION' ? 
r_dihedral_angle_4_deg       ?      ?      ? ?    'X-RAY DIFFRACTION' ? 
r_chiral_restr               0.091  0.200  ? 129  'X-RAY DIFFRACTION' ? 
r_gen_planes_refined         0.005  0.020  ? 1088 'X-RAY DIFFRACTION' ? 
r_gen_planes_other           0.003  0.020  ? 196  'X-RAY DIFFRACTION' ? 
r_nbd_refined                0.281  0.300  ? 251  'X-RAY DIFFRACTION' ? 
r_nbd_other                  0.210  0.300  ? 760  'X-RAY DIFFRACTION' ? 
r_nbtor_refined              ?      ?      ? ?    'X-RAY DIFFRACTION' ? 
r_nbtor_other                ?      ?      ? ?    'X-RAY DIFFRACTION' ? 
r_xyhbond_nbd_refined        0.130  0.500  ? 97   'X-RAY DIFFRACTION' ? 
r_xyhbond_nbd_other          ?      ?      ? ?    'X-RAY DIFFRACTION' ? 
r_metal_ion_refined          0.038  0.500  ? 2    'X-RAY DIFFRACTION' ? 
r_metal_ion_other            ?      ?      ? ?    'X-RAY DIFFRACTION' ? 
r_symmetry_vdw_refined       0.290  0.300  ? 15   'X-RAY DIFFRACTION' ? 
r_symmetry_vdw_other         0.280  0.300  ? 35   'X-RAY DIFFRACTION' ? 
r_symmetry_hbond_refined     0.598  0.500  ? 17   'X-RAY DIFFRACTION' ? 
r_symmetry_hbond_other       ?      ?      ? ?    'X-RAY DIFFRACTION' ? 
r_symmetry_metal_ion_refined ?      ?      ? ?    'X-RAY DIFFRACTION' ? 
r_symmetry_metal_ion_other   ?      ?      ? ?    'X-RAY DIFFRACTION' ? 
r_mcbond_it                  0.615  1.500  ? 591  'X-RAY DIFFRACTION' ? 
r_mcbond_other               ?      ?      ? ?    'X-RAY DIFFRACTION' ? 
r_mcangle_it                 1.203  2.000  ? 936  'X-RAY DIFFRACTION' ? 
r_scbond_it                  1.979  3.000  ? 354  'X-RAY DIFFRACTION' ? 
r_scangle_it                 2.955  4.500  ? 347  'X-RAY DIFFRACTION' ? 
r_rigid_bond_restr           ?      ?      ? ?    'X-RAY DIFFRACTION' ? 
r_sphericity_free            ?      ?      ? ?    'X-RAY DIFFRACTION' ? 
r_sphericity_bonded          ?      ?      ? ?    'X-RAY DIFFRACTION' ? 
# 
_refine_ls_shell.pdbx_total_number_of_bins_used   20 
_refine_ls_shell.d_res_high                       1.48 
_refine_ls_shell.d_res_low                        1.515 
_refine_ls_shell.number_reflns_R_work             1257 
_refine_ls_shell.R_factor_R_work                  0.265 
_refine_ls_shell.percent_reflns_obs               ? 
_refine_ls_shell.R_factor_R_free                  0.285 
_refine_ls_shell.R_factor_R_free_error            ? 
_refine_ls_shell.percent_reflns_R_free            ? 
_refine_ls_shell.number_reflns_R_free             41 
_refine_ls_shell.number_reflns_obs                ? 
_refine_ls_shell.redundancy_reflns_obs            ? 
_refine_ls_shell.number_reflns_all                ? 
_refine_ls_shell.pdbx_refine_id                   'X-RAY DIFFRACTION' 
_refine_ls_shell.R_factor_all                     ? 
# 
_struct.entry_id                  1YXL 
_struct.title                     'Crystal structure of a novel phospholipase A2 from Naja naja sagittifera at 1.5 A resolution' 
_struct.pdbx_model_details        ? 
_struct.pdbx_CASP_flag            ? 
_struct.pdbx_model_type_details   ? 
# 
_struct_keywords.entry_id        1YXL 
_struct_keywords.pdbx_keywords   HYDROLASE 
_struct_keywords.text            'Phospholipase A2, monomer, cobra, naja naja sagittifera, Hydrolase' 
# 
loop_
_struct_asym.id 
_struct_asym.pdbx_blank_PDB_chainid_flag 
_struct_asym.pdbx_modified 
_struct_asym.entity_id 
_struct_asym.details 
A N N 1 ? 
B N N 2 ? 
C N N 3 ? 
D N N 4 ? 
E N N 5 ? 
# 
_struct_ref.id                         1 
_struct_ref.db_name                    UNP 
_struct_ref.db_code                    PA23_NAJSG 
_struct_ref.pdbx_db_accession          P60045 
_struct_ref.entity_id                  1 
_struct_ref.pdbx_seq_one_letter_code   
;NLYQFKNMIQCTVPSRSWQDFADYGCYCGKGGSGTPVDDLDRCCQVHDNCYNEAENISGCRPYFKTYSYECTQGTLTCKG
DNNACAASVCDCDRLAAICFAGAPYNDANYNIDLKARCN
;
_struct_ref.pdbx_align_begin           8 
_struct_ref.pdbx_db_isoform            ? 
# 
_struct_ref_seq.align_id                      1 
_struct_ref_seq.ref_id                        1 
_struct_ref_seq.pdbx_PDB_id_code              1YXL 
_struct_ref_seq.pdbx_strand_id                A 
_struct_ref_seq.seq_align_beg                 1 
_struct_ref_seq.pdbx_seq_align_beg_ins_code   ? 
_struct_ref_seq.seq_align_end                 118 
_struct_ref_seq.pdbx_seq_align_end_ins_code   ? 
_struct_ref_seq.pdbx_db_accession             P60045 
_struct_ref_seq.db_align_beg                  8 
_struct_ref_seq.pdbx_db_align_beg_ins_code    ? 
_struct_ref_seq.db_align_end                  126 
_struct_ref_seq.pdbx_db_align_end_ins_code    ? 
_struct_ref_seq.pdbx_auth_seq_align_beg       1 
_struct_ref_seq.pdbx_auth_seq_align_end       119 
# 
_pdbx_struct_assembly.id                   1 
_pdbx_struct_assembly.details              author_defined_assembly 
_pdbx_struct_assembly.method_details       ? 
_pdbx_struct_assembly.oligomeric_details   monomeric 
_pdbx_struct_assembly.oligomeric_count     1 
# 
_pdbx_struct_assembly_gen.assembly_id       1 
_pdbx_struct_assembly_gen.oper_expression   1 
_pdbx_struct_assembly_gen.asym_id_list      A,B,C,D,E 
# 
_pdbx_struct_oper_list.id                   1 
_pdbx_struct_oper_list.type                 'identity operation' 
_pdbx_struct_oper_list.name                 1_555 
_pdbx_struct_oper_list.symmetry_operation   x,y,z 
_pdbx_struct_oper_list.matrix[1][1]         1.0000000000 
_pdbx_struct_oper_list.matrix[1][2]         0.0000000000 
_pdbx_struct_oper_list.matrix[1][3]         0.0000000000 
_pdbx_struct_oper_list.vector[1]            0.0000000000 
_pdbx_struct_oper_list.matrix[2][1]         0.0000000000 
_pdbx_struct_oper_list.matrix[2][2]         1.0000000000 
_pdbx_struct_oper_list.matrix[2][3]         0.0000000000 
_pdbx_struct_oper_list.vector[2]            0.0000000000 
_pdbx_struct_oper_list.matrix[3][1]         0.0000000000 
_pdbx_struct_oper_list.matrix[3][2]         0.0000000000 
_pdbx_struct_oper_list.matrix[3][3]         1.0000000000 
_pdbx_struct_oper_list.vector[3]            0.0000000000 
# 
loop_
_struct_conf.conf_type_id 
_struct_conf.id 
_struct_conf.pdbx_PDB_helix_id 
_struct_conf.beg_label_comp_id 
_struct_conf.beg_label_asym_id 
_struct_conf.beg_label_seq_id 
_struct_conf.pdbx_beg_PDB_ins_code 
_struct_conf.end_label_comp_id 
_struct_conf.end_label_asym_id 
_struct_conf.end_label_seq_id 
_struct_conf.pdbx_end_PDB_ins_code 
_struct_conf.beg_auth_comp_id 
_struct_conf.beg_auth_asym_id 
_struct_conf.beg_auth_seq_id 
_struct_conf.end_auth_comp_id 
_struct_conf.end_auth_asym_id 
_struct_conf.end_auth_seq_id 
_struct_conf.pdbx_PDB_helix_class 
_struct_conf.details 
_struct_conf.pdbx_PDB_helix_length 
HELX_P HELX_P1 1 ASN A 1   ? VAL A 13  ? ASN A 1   VAL A 13  1 ? 13 
HELX_P HELX_P2 2 SER A 17  ? PHE A 21  ? SER A 18  PHE A 22  5 ? 5  
HELX_P HELX_P3 3 ASP A 38  ? GLU A 55  ? ASP A 39  GLU A 56  1 ? 18 
HELX_P HELX_P4 4 ASN A 83  ? ALA A 103 ? ASN A 84  ALA A 104 1 ? 21 
HELX_P HELX_P5 5 ASN A 106 ? TYR A 110 ? ASN A 107 TYR A 111 5 ? 5  
HELX_P HELX_P6 6 ASP A 113 ? CYS A 118 ? ASP A 114 CYS A 119 1 ? 6  
# 
_struct_conf_type.id          HELX_P 
_struct_conf_type.criteria    ? 
_struct_conf_type.reference   ? 
# 
loop_
_struct_conn.id 
_struct_conn.conn_type_id 
_struct_conn.pdbx_leaving_atom_flag 
_struct_conn.pdbx_PDB_id 
_struct_conn.ptnr1_label_asym_id 
_struct_conn.ptnr1_label_comp_id 
_struct_conn.ptnr1_label_seq_id 
_struct_conn.ptnr1_label_atom_id 
_struct_conn.pdbx_ptnr1_label_alt_id 
_struct_conn.pdbx_ptnr1_PDB_ins_code 
_struct_conn.pdbx_ptnr1_standard_comp_id 
_struct_conn.ptnr1_symmetry 
_struct_conn.ptnr2_label_asym_id 
_struct_conn.ptnr2_label_comp_id 
_struct_conn.ptnr2_label_seq_id 
_struct_conn.ptnr2_label_atom_id 
_struct_conn.pdbx_ptnr2_label_alt_id 
_struct_conn.pdbx_ptnr2_PDB_ins_code 
_struct_conn.ptnr1_auth_asym_id 
_struct_conn.ptnr1_auth_comp_id 
_struct_conn.ptnr1_auth_seq_id 
_struct_conn.ptnr2_auth_asym_id 
_struct_conn.ptnr2_auth_comp_id 
_struct_conn.ptnr2_auth_seq_id 
_struct_conn.ptnr2_symmetry 
_struct_conn.pdbx_ptnr3_label_atom_id 
_struct_conn.pdbx_ptnr3_label_seq_id 
_struct_conn.pdbx_ptnr3_label_comp_id 
_struct_conn.pdbx_ptnr3_label_asym_id 
_struct_conn.pdbx_ptnr3_label_alt_id 
_struct_conn.pdbx_ptnr3_PDB_ins_code 
_struct_conn.details 
_struct_conn.pdbx_dist_value 
_struct_conn.pdbx_value_order 
_struct_conn.pdbx_role 
disulf1 disulf ? ? A CYS 11 SG  ? ? ? 1_555 A CYS 71  SG ? ? A CYS 11  A CYS 72  1_555 ? ? ? ? ? ? ? 2.009 ? ? 
disulf2 disulf ? ? A CYS 26 SG  ? ? ? 1_555 A CYS 118 SG ? ? A CYS 27  A CYS 119 1_555 ? ? ? ? ? ? ? 2.022 ? ? 
disulf3 disulf ? ? A CYS 28 SG  ? ? ? 1_555 A CYS 44  SG ? ? A CYS 29  A CYS 45  1_555 ? ? ? ? ? ? ? 2.037 ? ? 
disulf4 disulf ? ? A CYS 43 SG  ? ? ? 1_555 A CYS 99  SG ? ? A CYS 44  A CYS 100 1_555 ? ? ? ? ? ? ? 2.005 ? ? 
disulf5 disulf ? ? A CYS 50 SG  ? ? ? 1_555 A CYS 92  SG ? ? A CYS 51  A CYS 93  1_555 ? ? ? ? ? ? ? 2.010 ? ? 
disulf6 disulf ? ? A CYS 60 SG  ? ? ? 1_555 A CYS 85  SG ? ? A CYS 61  A CYS 86  1_555 ? ? ? ? ? ? ? 2.035 ? ? 
disulf7 disulf ? ? A CYS 78 SG  ? ? ? 1_555 A CYS 90  SG ? ? A CYS 79  A CYS 91  1_555 ? ? ? ? ? ? ? 2.038 ? ? 
metalc1 metalc ? ? A TYR 27 O   ? ? ? 1_555 B CA  .   CA ? ? A TYR 28  A CA  201 1_555 ? ? ? ? ? ? ? 2.587 ? ? 
metalc2 metalc ? ? A GLY 29 O   ? ? ? 1_555 B CA  .   CA ? ? A GLY 30  A CA  201 1_555 ? ? ? ? ? ? ? 2.349 ? ? 
metalc3 metalc ? ? A GLY 31 O   ? ? ? 1_555 B CA  .   CA ? ? A GLY 32  A CA  201 1_555 ? ? ? ? ? ? ? 2.364 ? ? 
metalc4 metalc ? ? A ASP 48 OD2 ? ? ? 1_555 B CA  .   CA ? ? A ASP 49  A CA  201 1_555 ? ? ? ? ? ? ? 2.542 ? ? 
metalc5 metalc ? ? A ASP 48 OD1 ? ? ? 1_555 B CA  .   CA ? ? A ASP 49  A CA  201 1_555 ? ? ? ? ? ? ? 2.572 ? ? 
metalc6 metalc ? ? B CA  .  CA  ? ? ? 1_555 D ACY .   O  ? ? A CA  201 A ACY 301 1_555 ? ? ? ? ? ? ? 2.457 ? ? 
metalc7 metalc ? ? B CA  .  CA  ? ? ? 1_555 E HOH .   O  ? ? A CA  201 A HOH 450 1_555 ? ? ? ? ? ? ? 2.452 ? ? 
# 
loop_
_struct_conn_type.id 
_struct_conn_type.criteria 
_struct_conn_type.reference 
disulf ? ? 
metalc ? ? 
# 
loop_
_pdbx_struct_conn_angle.id 
_pdbx_struct_conn_angle.ptnr1_label_atom_id 
_pdbx_struct_conn_angle.ptnr1_label_alt_id 
_pdbx_struct_conn_angle.ptnr1_label_asym_id 
_pdbx_struct_conn_angle.ptnr1_label_comp_id 
_pdbx_struct_conn_angle.ptnr1_label_seq_id 
_pdbx_struct_conn_angle.ptnr1_auth_atom_id 
_pdbx_struct_conn_angle.ptnr1_auth_asym_id 
_pdbx_struct_conn_angle.ptnr1_auth_comp_id 
_pdbx_struct_conn_angle.ptnr1_auth_seq_id 
_pdbx_struct_conn_angle.ptnr1_PDB_ins_code 
_pdbx_struct_conn_angle.ptnr1_symmetry 
_pdbx_struct_conn_angle.ptnr2_label_atom_id 
_pdbx_struct_conn_angle.ptnr2_label_alt_id 
_pdbx_struct_conn_angle.ptnr2_label_asym_id 
_pdbx_struct_conn_angle.ptnr2_label_comp_id 
_pdbx_struct_conn_angle.ptnr2_label_seq_id 
_pdbx_struct_conn_angle.ptnr2_auth_atom_id 
_pdbx_struct_conn_angle.ptnr2_auth_asym_id 
_pdbx_struct_conn_angle.ptnr2_auth_comp_id 
_pdbx_struct_conn_angle.ptnr2_auth_seq_id 
_pdbx_struct_conn_angle.ptnr2_PDB_ins_code 
_pdbx_struct_conn_angle.ptnr2_symmetry 
_pdbx_struct_conn_angle.ptnr3_label_atom_id 
_pdbx_struct_conn_angle.ptnr3_label_alt_id 
_pdbx_struct_conn_angle.ptnr3_label_asym_id 
_pdbx_struct_conn_angle.ptnr3_label_comp_id 
_pdbx_struct_conn_angle.ptnr3_label_seq_id 
_pdbx_struct_conn_angle.ptnr3_auth_atom_id 
_pdbx_struct_conn_angle.ptnr3_auth_asym_id 
_pdbx_struct_conn_angle.ptnr3_auth_comp_id 
_pdbx_struct_conn_angle.ptnr3_auth_seq_id 
_pdbx_struct_conn_angle.ptnr3_PDB_ins_code 
_pdbx_struct_conn_angle.ptnr3_symmetry 
_pdbx_struct_conn_angle.value 
_pdbx_struct_conn_angle.value_esd 
1  O   ? A TYR 27 ? A TYR 28  ? 1_555 CA ? B CA . ? A CA 201 ? 1_555 O   ? A GLY 29 ? A GLY 30  ? 1_555 96.1  ? 
2  O   ? A TYR 27 ? A TYR 28  ? 1_555 CA ? B CA . ? A CA 201 ? 1_555 O   ? A GLY 31 ? A GLY 32  ? 1_555 90.2  ? 
3  O   ? A GLY 29 ? A GLY 30  ? 1_555 CA ? B CA . ? A CA 201 ? 1_555 O   ? A GLY 31 ? A GLY 32  ? 1_555 81.3  ? 
4  O   ? A TYR 27 ? A TYR 28  ? 1_555 CA ? B CA . ? A CA 201 ? 1_555 OD2 ? A ASP 48 ? A ASP 49  ? 1_555 61.5  ? 
5  O   ? A GLY 29 ? A GLY 30  ? 1_555 CA ? B CA . ? A CA 201 ? 1_555 OD2 ? A ASP 48 ? A ASP 49  ? 1_555 154.3 ? 
6  O   ? A GLY 31 ? A GLY 32  ? 1_555 CA ? B CA . ? A CA 201 ? 1_555 OD2 ? A ASP 48 ? A ASP 49  ? 1_555 86.2  ? 
7  O   ? A TYR 27 ? A TYR 28  ? 1_555 CA ? B CA . ? A CA 201 ? 1_555 OD1 ? A ASP 48 ? A ASP 49  ? 1_555 81.3  ? 
8  O   ? A GLY 29 ? A GLY 30  ? 1_555 CA ? B CA . ? A CA 201 ? 1_555 OD1 ? A ASP 48 ? A ASP 49  ? 1_555 145.3 ? 
9  O   ? A GLY 31 ? A GLY 32  ? 1_555 CA ? B CA . ? A CA 201 ? 1_555 OD1 ? A ASP 48 ? A ASP 49  ? 1_555 133.0 ? 
10 OD2 ? A ASP 48 ? A ASP 49  ? 1_555 CA ? B CA . ? A CA 201 ? 1_555 OD1 ? A ASP 48 ? A ASP 49  ? 1_555 49.2  ? 
11 O   ? A TYR 27 ? A TYR 28  ? 1_555 CA ? B CA . ? A CA 201 ? 1_555 O   ? D ACY .  ? A ACY 301 ? 1_555 92.6  ? 
12 O   ? A GLY 29 ? A GLY 30  ? 1_555 CA ? B CA . ? A CA 201 ? 1_555 O   ? D ACY .  ? A ACY 301 ? 1_555 77.1  ? 
13 O   ? A GLY 31 ? A GLY 32  ? 1_555 CA ? B CA . ? A CA 201 ? 1_555 O   ? D ACY .  ? A ACY 301 ? 1_555 158.4 ? 
14 OD2 ? A ASP 48 ? A ASP 49  ? 1_555 CA ? B CA . ? A CA 201 ? 1_555 O   ? D ACY .  ? A ACY 301 ? 1_555 113.8 ? 
15 OD1 ? A ASP 48 ? A ASP 49  ? 1_555 CA ? B CA . ? A CA 201 ? 1_555 O   ? D ACY .  ? A ACY 301 ? 1_555 68.5  ? 
16 O   ? A TYR 27 ? A TYR 28  ? 1_555 CA ? B CA . ? A CA 201 ? 1_555 O   ? E HOH .  ? A HOH 450 ? 1_555 151.2 ? 
17 O   ? A GLY 29 ? A GLY 30  ? 1_555 CA ? B CA . ? A CA 201 ? 1_555 O   ? E HOH .  ? A HOH 450 ? 1_555 81.8  ? 
18 O   ? A GLY 31 ? A GLY 32  ? 1_555 CA ? B CA . ? A CA 201 ? 1_555 O   ? E HOH .  ? A HOH 450 ? 1_555 61.1  ? 
19 OD2 ? A ASP 48 ? A ASP 49  ? 1_555 CA ? B CA . ? A CA 201 ? 1_555 O   ? E HOH .  ? A HOH 450 ? 1_555 111.5 ? 
20 OD1 ? A ASP 48 ? A ASP 49  ? 1_555 CA ? B CA . ? A CA 201 ? 1_555 O   ? E HOH .  ? A HOH 450 ? 1_555 116.4 ? 
21 O   ? D ACY .  ? A ACY 301 ? 1_555 CA ? B CA . ? A CA 201 ? 1_555 O   ? E HOH .  ? A HOH 450 ? 1_555 114.5 ? 
# 
loop_
_pdbx_modification_feature.ordinal 
_pdbx_modification_feature.label_comp_id 
_pdbx_modification_feature.label_asym_id 
_pdbx_modification_feature.label_seq_id 
_pdbx_modification_feature.label_alt_id 
_pdbx_modification_feature.modified_residue_label_comp_id 
_pdbx_modification_feature.modified_residue_label_asym_id 
_pdbx_modification_feature.modified_residue_label_seq_id 
_pdbx_modification_feature.modified_residue_label_alt_id 
_pdbx_modification_feature.auth_comp_id 
_pdbx_modification_feature.auth_asym_id 
_pdbx_modification_feature.auth_seq_id 
_pdbx_modification_feature.PDB_ins_code 
_pdbx_modification_feature.symmetry 
_pdbx_modification_feature.modified_residue_auth_comp_id 
_pdbx_modification_feature.modified_residue_auth_asym_id 
_pdbx_modification_feature.modified_residue_auth_seq_id 
_pdbx_modification_feature.modified_residue_PDB_ins_code 
_pdbx_modification_feature.modified_residue_symmetry 
_pdbx_modification_feature.comp_id_linking_atom 
_pdbx_modification_feature.modified_residue_id_linking_atom 
_pdbx_modification_feature.modified_residue_id 
_pdbx_modification_feature.ref_pcm_id 
_pdbx_modification_feature.ref_comp_id 
_pdbx_modification_feature.type 
_pdbx_modification_feature.category 
1 CYS A 11 ? CYS A 71  ? CYS A 11 ? 1_555 CYS A 72  ? 1_555 SG SG . . . None 'Disulfide bridge' 
2 CYS A 26 ? CYS A 118 ? CYS A 27 ? 1_555 CYS A 119 ? 1_555 SG SG . . . None 'Disulfide bridge' 
3 CYS A 28 ? CYS A 44  ? CYS A 29 ? 1_555 CYS A 45  ? 1_555 SG SG . . . None 'Disulfide bridge' 
4 CYS A 43 ? CYS A 99  ? CYS A 44 ? 1_555 CYS A 100 ? 1_555 SG SG . . . None 'Disulfide bridge' 
5 CYS A 50 ? CYS A 92  ? CYS A 51 ? 1_555 CYS A 93  ? 1_555 SG SG . . . None 'Disulfide bridge' 
6 CYS A 60 ? CYS A 85  ? CYS A 61 ? 1_555 CYS A 86  ? 1_555 SG SG . . . None 'Disulfide bridge' 
7 CYS A 78 ? CYS A 90  ? CYS A 79 ? 1_555 CYS A 91  ? 1_555 SG SG . . . None 'Disulfide bridge' 
# 
loop_
_struct_sheet.id 
_struct_sheet.type 
_struct_sheet.number_strands 
_struct_sheet.details 
A ? 2 ? 
B ? 2 ? 
# 
loop_
_struct_sheet_order.sheet_id 
_struct_sheet_order.range_id_1 
_struct_sheet_order.range_id_2 
_struct_sheet_order.offset 
_struct_sheet_order.sense 
A 1 2 ? anti-parallel 
B 1 2 ? anti-parallel 
# 
loop_
_struct_sheet_range.sheet_id 
_struct_sheet_range.id 
_struct_sheet_range.beg_label_comp_id 
_struct_sheet_range.beg_label_asym_id 
_struct_sheet_range.beg_label_seq_id 
_struct_sheet_range.pdbx_beg_PDB_ins_code 
_struct_sheet_range.end_label_comp_id 
_struct_sheet_range.end_label_asym_id 
_struct_sheet_range.end_label_seq_id 
_struct_sheet_range.pdbx_end_PDB_ins_code 
_struct_sheet_range.beg_auth_comp_id 
_struct_sheet_range.beg_auth_asym_id 
_struct_sheet_range.beg_auth_seq_id 
_struct_sheet_range.end_auth_comp_id 
_struct_sheet_range.end_auth_asym_id 
_struct_sheet_range.end_auth_seq_id 
A 1 ASP A 23 ? TYR A 24 ? ASP A 24 TYR A 25 
A 2 CYS A 28 ? GLY A 29 ? CYS A 29 GLY A 30 
B 1 TYR A 69 ? THR A 72 ? TYR A 70 THR A 73 
B 2 THR A 75 ? CYS A 78 ? THR A 76 CYS A 79 
# 
loop_
_pdbx_struct_sheet_hbond.sheet_id 
_pdbx_struct_sheet_hbond.range_id_1 
_pdbx_struct_sheet_hbond.range_id_2 
_pdbx_struct_sheet_hbond.range_1_label_atom_id 
_pdbx_struct_sheet_hbond.range_1_label_comp_id 
_pdbx_struct_sheet_hbond.range_1_label_asym_id 
_pdbx_struct_sheet_hbond.range_1_label_seq_id 
_pdbx_struct_sheet_hbond.range_1_PDB_ins_code 
_pdbx_struct_sheet_hbond.range_1_auth_atom_id 
_pdbx_struct_sheet_hbond.range_1_auth_comp_id 
_pdbx_struct_sheet_hbond.range_1_auth_asym_id 
_pdbx_struct_sheet_hbond.range_1_auth_seq_id 
_pdbx_struct_sheet_hbond.range_2_label_atom_id 
_pdbx_struct_sheet_hbond.range_2_label_comp_id 
_pdbx_struct_sheet_hbond.range_2_label_asym_id 
_pdbx_struct_sheet_hbond.range_2_label_seq_id 
_pdbx_struct_sheet_hbond.range_2_PDB_ins_code 
_pdbx_struct_sheet_hbond.range_2_auth_atom_id 
_pdbx_struct_sheet_hbond.range_2_auth_comp_id 
_pdbx_struct_sheet_hbond.range_2_auth_asym_id 
_pdbx_struct_sheet_hbond.range_2_auth_seq_id 
A 1 2 N TYR A 24 ? N TYR A 25 O CYS A 28 ? O CYS A 29 
B 1 2 N GLU A 70 ? N GLU A 71 O THR A 77 ? O THR A 78 
# 
loop_
_struct_site.id 
_struct_site.pdbx_evidence_code 
_struct_site.pdbx_auth_asym_id 
_struct_site.pdbx_auth_comp_id 
_struct_site.pdbx_auth_seq_id 
_struct_site.pdbx_auth_ins_code 
_struct_site.pdbx_num_residues 
_struct_site.details 
AC1 Software A CA  201 ? 6 'BINDING SITE FOR RESIDUE CA A 201'  
AC2 Software A PO4 401 ? 9 'BINDING SITE FOR RESIDUE PO4 A 401' 
AC3 Software A ACY 301 ? 8 'BINDING SITE FOR RESIDUE ACY A 301' 
# 
loop_
_struct_site_gen.id 
_struct_site_gen.site_id 
_struct_site_gen.pdbx_num_res 
_struct_site_gen.label_comp_id 
_struct_site_gen.label_asym_id 
_struct_site_gen.label_seq_id 
_struct_site_gen.pdbx_auth_ins_code 
_struct_site_gen.auth_comp_id 
_struct_site_gen.auth_asym_id 
_struct_site_gen.auth_seq_id 
_struct_site_gen.label_atom_id 
_struct_site_gen.label_alt_id 
_struct_site_gen.symmetry 
_struct_site_gen.details 
1  AC1 6 TYR A 27 ? TYR A 28  . ? 1_555 ? 
2  AC1 6 GLY A 29 ? GLY A 30  . ? 1_555 ? 
3  AC1 6 GLY A 31 ? GLY A 32  . ? 1_555 ? 
4  AC1 6 ASP A 48 ? ASP A 49  . ? 1_555 ? 
5  AC1 6 ACY D .  ? ACY A 301 . ? 1_555 ? 
6  AC1 6 HOH E .  ? HOH A 450 . ? 1_555 ? 
7  AC2 9 GLU A 53 ? GLU A 54  . ? 1_555 ? 
8  AC2 9 ASN A 56 ? ASN A 57  . ? 1_555 ? 
9  AC2 9 ARG A 61 ? ARG A 62  . ? 3_755 ? 
10 AC2 9 LYS A 65 ? LYS A 66  . ? 3_755 ? 
11 AC2 9 THR A 66 ? THR A 67  . ? 3_755 ? 
12 AC2 9 GLN A 73 ? GLN A 74  . ? 1_565 ? 
13 AC2 9 HOH E .  ? HOH A 423 . ? 3_755 ? 
14 AC2 9 HOH E .  ? HOH A 504 . ? 1_555 ? 
15 AC2 9 HOH E .  ? HOH A 505 . ? 3_755 ? 
16 AC3 8 TYR A 27 ? TYR A 28  . ? 1_555 ? 
17 AC3 8 GLY A 29 ? GLY A 30  . ? 1_555 ? 
18 AC3 8 HIS A 47 ? HIS A 48  . ? 1_555 ? 
19 AC3 8 ASP A 48 ? ASP A 49  . ? 1_555 ? 
20 AC3 8 TYR A 63 ? TYR A 64  . ? 1_555 ? 
21 AC3 8 CA  B .  ? CA  A 201 . ? 1_555 ? 
22 AC3 8 HOH E .  ? HOH A 481 . ? 1_555 ? 
23 AC3 8 HOH E .  ? HOH A 526 . ? 1_555 ? 
# 
_pdbx_entry_details.entry_id                   1YXL 
_pdbx_entry_details.compound_details           ? 
_pdbx_entry_details.source_details             ? 
_pdbx_entry_details.nonpolymer_details         ? 
_pdbx_entry_details.sequence_details           ? 
_pdbx_entry_details.has_ligand_of_interest     ? 
_pdbx_entry_details.has_protein_modification   Y 
# 
loop_
_pdbx_validate_rmsd_angle.id 
_pdbx_validate_rmsd_angle.PDB_model_num 
_pdbx_validate_rmsd_angle.auth_atom_id_1 
_pdbx_validate_rmsd_angle.auth_asym_id_1 
_pdbx_validate_rmsd_angle.auth_comp_id_1 
_pdbx_validate_rmsd_angle.auth_seq_id_1 
_pdbx_validate_rmsd_angle.PDB_ins_code_1 
_pdbx_validate_rmsd_angle.label_alt_id_1 
_pdbx_validate_rmsd_angle.auth_atom_id_2 
_pdbx_validate_rmsd_angle.auth_asym_id_2 
_pdbx_validate_rmsd_angle.auth_comp_id_2 
_pdbx_validate_rmsd_angle.auth_seq_id_2 
_pdbx_validate_rmsd_angle.PDB_ins_code_2 
_pdbx_validate_rmsd_angle.label_alt_id_2 
_pdbx_validate_rmsd_angle.auth_atom_id_3 
_pdbx_validate_rmsd_angle.auth_asym_id_3 
_pdbx_validate_rmsd_angle.auth_comp_id_3 
_pdbx_validate_rmsd_angle.auth_seq_id_3 
_pdbx_validate_rmsd_angle.PDB_ins_code_3 
_pdbx_validate_rmsd_angle.label_alt_id_3 
_pdbx_validate_rmsd_angle.angle_value 
_pdbx_validate_rmsd_angle.angle_target_value 
_pdbx_validate_rmsd_angle.angle_deviation 
_pdbx_validate_rmsd_angle.angle_standard_deviation 
_pdbx_validate_rmsd_angle.linker_flag 
1 1 O  A SER 15  ? ? C  A SER 15  ? ? N   A ARG 17  ? ? 107.89 122.70 -14.81 1.60 Y 
2 1 CG A LYS 31  ? ? CD A LYS 31  ? ? CE  A LYS 31  ? ? 136.35 111.90 24.45  3.00 N 
3 1 CD A LYS 31  ? ? CE A LYS 31  ? ? NZ  A LYS 31  ? ? 139.96 111.70 28.26  2.30 N 
4 1 CB A ASP 114 ? ? CG A ASP 114 ? ? OD2 A ASP 114 ? ? 124.03 118.30 5.73   0.90 N 
# 
loop_
_pdbx_validate_torsion.id 
_pdbx_validate_torsion.PDB_model_num 
_pdbx_validate_torsion.auth_comp_id 
_pdbx_validate_torsion.auth_asym_id 
_pdbx_validate_torsion.auth_seq_id 
_pdbx_validate_torsion.PDB_ins_code 
_pdbx_validate_torsion.label_alt_id 
_pdbx_validate_torsion.phi 
_pdbx_validate_torsion.psi 
1 1 ASP A 24 ? ? -155.05 81.37  
2 1 LYS A 31 ? ? -25.32  -74.98 
# 
loop_
_chem_comp_atom.comp_id 
_chem_comp_atom.atom_id 
_chem_comp_atom.type_symbol 
_chem_comp_atom.pdbx_aromatic_flag 
_chem_comp_atom.pdbx_stereo_config 
_chem_comp_atom.pdbx_ordinal 
ACY C    C  N N 1   
ACY O    O  N N 2   
ACY OXT  O  N N 3   
ACY CH3  C  N N 4   
ACY HXT  H  N N 5   
ACY H1   H  N N 6   
ACY H2   H  N N 7   
ACY H3   H  N N 8   
ALA N    N  N N 9   
ALA CA   C  N S 10  
ALA C    C  N N 11  
ALA O    O  N N 12  
ALA CB   C  N N 13  
ALA OXT  O  N N 14  
ALA H    H  N N 15  
ALA H2   H  N N 16  
ALA HA   H  N N 17  
ALA HB1  H  N N 18  
ALA HB2  H  N N 19  
ALA HB3  H  N N 20  
ALA HXT  H  N N 21  
ARG N    N  N N 22  
ARG CA   C  N S 23  
ARG C    C  N N 24  
ARG O    O  N N 25  
ARG CB   C  N N 26  
ARG CG   C  N N 27  
ARG CD   C  N N 28  
ARG NE   N  N N 29  
ARG CZ   C  N N 30  
ARG NH1  N  N N 31  
ARG NH2  N  N N 32  
ARG OXT  O  N N 33  
ARG H    H  N N 34  
ARG H2   H  N N 35  
ARG HA   H  N N 36  
ARG HB2  H  N N 37  
ARG HB3  H  N N 38  
ARG HG2  H  N N 39  
ARG HG3  H  N N 40  
ARG HD2  H  N N 41  
ARG HD3  H  N N 42  
ARG HE   H  N N 43  
ARG HH11 H  N N 44  
ARG HH12 H  N N 45  
ARG HH21 H  N N 46  
ARG HH22 H  N N 47  
ARG HXT  H  N N 48  
ASN N    N  N N 49  
ASN CA   C  N S 50  
ASN C    C  N N 51  
ASN O    O  N N 52  
ASN CB   C  N N 53  
ASN CG   C  N N 54  
ASN OD1  O  N N 55  
ASN ND2  N  N N 56  
ASN OXT  O  N N 57  
ASN H    H  N N 58  
ASN H2   H  N N 59  
ASN HA   H  N N 60  
ASN HB2  H  N N 61  
ASN HB3  H  N N 62  
ASN HD21 H  N N 63  
ASN HD22 H  N N 64  
ASN HXT  H  N N 65  
ASP N    N  N N 66  
ASP CA   C  N S 67  
ASP C    C  N N 68  
ASP O    O  N N 69  
ASP CB   C  N N 70  
ASP CG   C  N N 71  
ASP OD1  O  N N 72  
ASP OD2  O  N N 73  
ASP OXT  O  N N 74  
ASP H    H  N N 75  
ASP H2   H  N N 76  
ASP HA   H  N N 77  
ASP HB2  H  N N 78  
ASP HB3  H  N N 79  
ASP HD2  H  N N 80  
ASP HXT  H  N N 81  
CA  CA   CA N N 82  
CYS N    N  N N 83  
CYS CA   C  N R 84  
CYS C    C  N N 85  
CYS O    O  N N 86  
CYS CB   C  N N 87  
CYS SG   S  N N 88  
CYS OXT  O  N N 89  
CYS H    H  N N 90  
CYS H2   H  N N 91  
CYS HA   H  N N 92  
CYS HB2  H  N N 93  
CYS HB3  H  N N 94  
CYS HG   H  N N 95  
CYS HXT  H  N N 96  
GLN N    N  N N 97  
GLN CA   C  N S 98  
GLN C    C  N N 99  
GLN O    O  N N 100 
GLN CB   C  N N 101 
GLN CG   C  N N 102 
GLN CD   C  N N 103 
GLN OE1  O  N N 104 
GLN NE2  N  N N 105 
GLN OXT  O  N N 106 
GLN H    H  N N 107 
GLN H2   H  N N 108 
GLN HA   H  N N 109 
GLN HB2  H  N N 110 
GLN HB3  H  N N 111 
GLN HG2  H  N N 112 
GLN HG3  H  N N 113 
GLN HE21 H  N N 114 
GLN HE22 H  N N 115 
GLN HXT  H  N N 116 
GLU N    N  N N 117 
GLU CA   C  N S 118 
GLU C    C  N N 119 
GLU O    O  N N 120 
GLU CB   C  N N 121 
GLU CG   C  N N 122 
GLU CD   C  N N 123 
GLU OE1  O  N N 124 
GLU OE2  O  N N 125 
GLU OXT  O  N N 126 
GLU H    H  N N 127 
GLU H2   H  N N 128 
GLU HA   H  N N 129 
GLU HB2  H  N N 130 
GLU HB3  H  N N 131 
GLU HG2  H  N N 132 
GLU HG3  H  N N 133 
GLU HE2  H  N N 134 
GLU HXT  H  N N 135 
GLY N    N  N N 136 
GLY CA   C  N N 137 
GLY C    C  N N 138 
GLY O    O  N N 139 
GLY OXT  O  N N 140 
GLY H    H  N N 141 
GLY H2   H  N N 142 
GLY HA2  H  N N 143 
GLY HA3  H  N N 144 
GLY HXT  H  N N 145 
HIS N    N  N N 146 
HIS CA   C  N S 147 
HIS C    C  N N 148 
HIS O    O  N N 149 
HIS CB   C  N N 150 
HIS CG   C  Y N 151 
HIS ND1  N  Y N 152 
HIS CD2  C  Y N 153 
HIS CE1  C  Y N 154 
HIS NE2  N  Y N 155 
HIS OXT  O  N N 156 
HIS H    H  N N 157 
HIS H2   H  N N 158 
HIS HA   H  N N 159 
HIS HB2  H  N N 160 
HIS HB3  H  N N 161 
HIS HD1  H  N N 162 
HIS HD2  H  N N 163 
HIS HE1  H  N N 164 
HIS HE2  H  N N 165 
HIS HXT  H  N N 166 
HOH O    O  N N 167 
HOH H1   H  N N 168 
HOH H2   H  N N 169 
ILE N    N  N N 170 
ILE CA   C  N S 171 
ILE C    C  N N 172 
ILE O    O  N N 173 
ILE CB   C  N S 174 
ILE CG1  C  N N 175 
ILE CG2  C  N N 176 
ILE CD1  C  N N 177 
ILE OXT  O  N N 178 
ILE H    H  N N 179 
ILE H2   H  N N 180 
ILE HA   H  N N 181 
ILE HB   H  N N 182 
ILE HG12 H  N N 183 
ILE HG13 H  N N 184 
ILE HG21 H  N N 185 
ILE HG22 H  N N 186 
ILE HG23 H  N N 187 
ILE HD11 H  N N 188 
ILE HD12 H  N N 189 
ILE HD13 H  N N 190 
ILE HXT  H  N N 191 
LEU N    N  N N 192 
LEU CA   C  N S 193 
LEU C    C  N N 194 
LEU O    O  N N 195 
LEU CB   C  N N 196 
LEU CG   C  N N 197 
LEU CD1  C  N N 198 
LEU CD2  C  N N 199 
LEU OXT  O  N N 200 
LEU H    H  N N 201 
LEU H2   H  N N 202 
LEU HA   H  N N 203 
LEU HB2  H  N N 204 
LEU HB3  H  N N 205 
LEU HG   H  N N 206 
LEU HD11 H  N N 207 
LEU HD12 H  N N 208 
LEU HD13 H  N N 209 
LEU HD21 H  N N 210 
LEU HD22 H  N N 211 
LEU HD23 H  N N 212 
LEU HXT  H  N N 213 
LYS N    N  N N 214 
LYS CA   C  N S 215 
LYS C    C  N N 216 
LYS O    O  N N 217 
LYS CB   C  N N 218 
LYS CG   C  N N 219 
LYS CD   C  N N 220 
LYS CE   C  N N 221 
LYS NZ   N  N N 222 
LYS OXT  O  N N 223 
LYS H    H  N N 224 
LYS H2   H  N N 225 
LYS HA   H  N N 226 
LYS HB2  H  N N 227 
LYS HB3  H  N N 228 
LYS HG2  H  N N 229 
LYS HG3  H  N N 230 
LYS HD2  H  N N 231 
LYS HD3  H  N N 232 
LYS HE2  H  N N 233 
LYS HE3  H  N N 234 
LYS HZ1  H  N N 235 
LYS HZ2  H  N N 236 
LYS HZ3  H  N N 237 
LYS HXT  H  N N 238 
MET N    N  N N 239 
MET CA   C  N S 240 
MET C    C  N N 241 
MET O    O  N N 242 
MET CB   C  N N 243 
MET CG   C  N N 244 
MET SD   S  N N 245 
MET CE   C  N N 246 
MET OXT  O  N N 247 
MET H    H  N N 248 
MET H2   H  N N 249 
MET HA   H  N N 250 
MET HB2  H  N N 251 
MET HB3  H  N N 252 
MET HG2  H  N N 253 
MET HG3  H  N N 254 
MET HE1  H  N N 255 
MET HE2  H  N N 256 
MET HE3  H  N N 257 
MET HXT  H  N N 258 
PHE N    N  N N 259 
PHE CA   C  N S 260 
PHE C    C  N N 261 
PHE O    O  N N 262 
PHE CB   C  N N 263 
PHE CG   C  Y N 264 
PHE CD1  C  Y N 265 
PHE CD2  C  Y N 266 
PHE CE1  C  Y N 267 
PHE CE2  C  Y N 268 
PHE CZ   C  Y N 269 
PHE OXT  O  N N 270 
PHE H    H  N N 271 
PHE H2   H  N N 272 
PHE HA   H  N N 273 
PHE HB2  H  N N 274 
PHE HB3  H  N N 275 
PHE HD1  H  N N 276 
PHE HD2  H  N N 277 
PHE HE1  H  N N 278 
PHE HE2  H  N N 279 
PHE HZ   H  N N 280 
PHE HXT  H  N N 281 
PO4 P    P  N N 282 
PO4 O1   O  N N 283 
PO4 O2   O  N N 284 
PO4 O3   O  N N 285 
PO4 O4   O  N N 286 
PRO N    N  N N 287 
PRO CA   C  N S 288 
PRO C    C  N N 289 
PRO O    O  N N 290 
PRO CB   C  N N 291 
PRO CG   C  N N 292 
PRO CD   C  N N 293 
PRO OXT  O  N N 294 
PRO H    H  N N 295 
PRO HA   H  N N 296 
PRO HB2  H  N N 297 
PRO HB3  H  N N 298 
PRO HG2  H  N N 299 
PRO HG3  H  N N 300 
PRO HD2  H  N N 301 
PRO HD3  H  N N 302 
PRO HXT  H  N N 303 
SER N    N  N N 304 
SER CA   C  N S 305 
SER C    C  N N 306 
SER O    O  N N 307 
SER CB   C  N N 308 
SER OG   O  N N 309 
SER OXT  O  N N 310 
SER H    H  N N 311 
SER H2   H  N N 312 
SER HA   H  N N 313 
SER HB2  H  N N 314 
SER HB3  H  N N 315 
SER HG   H  N N 316 
SER HXT  H  N N 317 
THR N    N  N N 318 
THR CA   C  N S 319 
THR C    C  N N 320 
THR O    O  N N 321 
THR CB   C  N R 322 
THR OG1  O  N N 323 
THR CG2  C  N N 324 
THR OXT  O  N N 325 
THR H    H  N N 326 
THR H2   H  N N 327 
THR HA   H  N N 328 
THR HB   H  N N 329 
THR HG1  H  N N 330 
THR HG21 H  N N 331 
THR HG22 H  N N 332 
THR HG23 H  N N 333 
THR HXT  H  N N 334 
TRP N    N  N N 335 
TRP CA   C  N S 336 
TRP C    C  N N 337 
TRP O    O  N N 338 
TRP CB   C  N N 339 
TRP CG   C  Y N 340 
TRP CD1  C  Y N 341 
TRP CD2  C  Y N 342 
TRP NE1  N  Y N 343 
TRP CE2  C  Y N 344 
TRP CE3  C  Y N 345 
TRP CZ2  C  Y N 346 
TRP CZ3  C  Y N 347 
TRP CH2  C  Y N 348 
TRP OXT  O  N N 349 
TRP H    H  N N 350 
TRP H2   H  N N 351 
TRP HA   H  N N 352 
TRP HB2  H  N N 353 
TRP HB3  H  N N 354 
TRP HD1  H  N N 355 
TRP HE1  H  N N 356 
TRP HE3  H  N N 357 
TRP HZ2  H  N N 358 
TRP HZ3  H  N N 359 
TRP HH2  H  N N 360 
TRP HXT  H  N N 361 
TYR N    N  N N 362 
TYR CA   C  N S 363 
TYR C    C  N N 364 
TYR O    O  N N 365 
TYR CB   C  N N 366 
TYR CG   C  Y N 367 
TYR CD1  C  Y N 368 
TYR CD2  C  Y N 369 
TYR CE1  C  Y N 370 
TYR CE2  C  Y N 371 
TYR CZ   C  Y N 372 
TYR OH   O  N N 373 
TYR OXT  O  N N 374 
TYR H    H  N N 375 
TYR H2   H  N N 376 
TYR HA   H  N N 377 
TYR HB2  H  N N 378 
TYR HB3  H  N N 379 
TYR HD1  H  N N 380 
TYR HD2  H  N N 381 
TYR HE1  H  N N 382 
TYR HE2  H  N N 383 
TYR HH   H  N N 384 
TYR HXT  H  N N 385 
VAL N    N  N N 386 
VAL CA   C  N S 387 
VAL C    C  N N 388 
VAL O    O  N N 389 
VAL CB   C  N N 390 
VAL CG1  C  N N 391 
VAL CG2  C  N N 392 
VAL OXT  O  N N 393 
VAL H    H  N N 394 
VAL H2   H  N N 395 
VAL HA   H  N N 396 
VAL HB   H  N N 397 
VAL HG11 H  N N 398 
VAL HG12 H  N N 399 
VAL HG13 H  N N 400 
VAL HG21 H  N N 401 
VAL HG22 H  N N 402 
VAL HG23 H  N N 403 
VAL HXT  H  N N 404 
# 
loop_
_chem_comp_bond.comp_id 
_chem_comp_bond.atom_id_1 
_chem_comp_bond.atom_id_2 
_chem_comp_bond.value_order 
_chem_comp_bond.pdbx_aromatic_flag 
_chem_comp_bond.pdbx_stereo_config 
_chem_comp_bond.pdbx_ordinal 
ACY C   O    doub N N 1   
ACY C   OXT  sing N N 2   
ACY C   CH3  sing N N 3   
ACY OXT HXT  sing N N 4   
ACY CH3 H1   sing N N 5   
ACY CH3 H2   sing N N 6   
ACY CH3 H3   sing N N 7   
ALA N   CA   sing N N 8   
ALA N   H    sing N N 9   
ALA N   H2   sing N N 10  
ALA CA  C    sing N N 11  
ALA CA  CB   sing N N 12  
ALA CA  HA   sing N N 13  
ALA C   O    doub N N 14  
ALA C   OXT  sing N N 15  
ALA CB  HB1  sing N N 16  
ALA CB  HB2  sing N N 17  
ALA CB  HB3  sing N N 18  
ALA OXT HXT  sing N N 19  
ARG N   CA   sing N N 20  
ARG N   H    sing N N 21  
ARG N   H2   sing N N 22  
ARG CA  C    sing N N 23  
ARG CA  CB   sing N N 24  
ARG CA  HA   sing N N 25  
ARG C   O    doub N N 26  
ARG C   OXT  sing N N 27  
ARG CB  CG   sing N N 28  
ARG CB  HB2  sing N N 29  
ARG CB  HB3  sing N N 30  
ARG CG  CD   sing N N 31  
ARG CG  HG2  sing N N 32  
ARG CG  HG3  sing N N 33  
ARG CD  NE   sing N N 34  
ARG CD  HD2  sing N N 35  
ARG CD  HD3  sing N N 36  
ARG NE  CZ   sing N N 37  
ARG NE  HE   sing N N 38  
ARG CZ  NH1  sing N N 39  
ARG CZ  NH2  doub N N 40  
ARG NH1 HH11 sing N N 41  
ARG NH1 HH12 sing N N 42  
ARG NH2 HH21 sing N N 43  
ARG NH2 HH22 sing N N 44  
ARG OXT HXT  sing N N 45  
ASN N   CA   sing N N 46  
ASN N   H    sing N N 47  
ASN N   H2   sing N N 48  
ASN CA  C    sing N N 49  
ASN CA  CB   sing N N 50  
ASN CA  HA   sing N N 51  
ASN C   O    doub N N 52  
ASN C   OXT  sing N N 53  
ASN CB  CG   sing N N 54  
ASN CB  HB2  sing N N 55  
ASN CB  HB3  sing N N 56  
ASN CG  OD1  doub N N 57  
ASN CG  ND2  sing N N 58  
ASN ND2 HD21 sing N N 59  
ASN ND2 HD22 sing N N 60  
ASN OXT HXT  sing N N 61  
ASP N   CA   sing N N 62  
ASP N   H    sing N N 63  
ASP N   H2   sing N N 64  
ASP CA  C    sing N N 65  
ASP CA  CB   sing N N 66  
ASP CA  HA   sing N N 67  
ASP C   O    doub N N 68  
ASP C   OXT  sing N N 69  
ASP CB  CG   sing N N 70  
ASP CB  HB2  sing N N 71  
ASP CB  HB3  sing N N 72  
ASP CG  OD1  doub N N 73  
ASP CG  OD2  sing N N 74  
ASP OD2 HD2  sing N N 75  
ASP OXT HXT  sing N N 76  
CYS N   CA   sing N N 77  
CYS N   H    sing N N 78  
CYS N   H2   sing N N 79  
CYS CA  C    sing N N 80  
CYS CA  CB   sing N N 81  
CYS CA  HA   sing N N 82  
CYS C   O    doub N N 83  
CYS C   OXT  sing N N 84  
CYS CB  SG   sing N N 85  
CYS CB  HB2  sing N N 86  
CYS CB  HB3  sing N N 87  
CYS SG  HG   sing N N 88  
CYS OXT HXT  sing N N 89  
GLN N   CA   sing N N 90  
GLN N   H    sing N N 91  
GLN N   H2   sing N N 92  
GLN CA  C    sing N N 93  
GLN CA  CB   sing N N 94  
GLN CA  HA   sing N N 95  
GLN C   O    doub N N 96  
GLN C   OXT  sing N N 97  
GLN CB  CG   sing N N 98  
GLN CB  HB2  sing N N 99  
GLN CB  HB3  sing N N 100 
GLN CG  CD   sing N N 101 
GLN CG  HG2  sing N N 102 
GLN CG  HG3  sing N N 103 
GLN CD  OE1  doub N N 104 
GLN CD  NE2  sing N N 105 
GLN NE2 HE21 sing N N 106 
GLN NE2 HE22 sing N N 107 
GLN OXT HXT  sing N N 108 
GLU N   CA   sing N N 109 
GLU N   H    sing N N 110 
GLU N   H2   sing N N 111 
GLU CA  C    sing N N 112 
GLU CA  CB   sing N N 113 
GLU CA  HA   sing N N 114 
GLU C   O    doub N N 115 
GLU C   OXT  sing N N 116 
GLU CB  CG   sing N N 117 
GLU CB  HB2  sing N N 118 
GLU CB  HB3  sing N N 119 
GLU CG  CD   sing N N 120 
GLU CG  HG2  sing N N 121 
GLU CG  HG3  sing N N 122 
GLU CD  OE1  doub N N 123 
GLU CD  OE2  sing N N 124 
GLU OE2 HE2  sing N N 125 
GLU OXT HXT  sing N N 126 
GLY N   CA   sing N N 127 
GLY N   H    sing N N 128 
GLY N   H2   sing N N 129 
GLY CA  C    sing N N 130 
GLY CA  HA2  sing N N 131 
GLY CA  HA3  sing N N 132 
GLY C   O    doub N N 133 
GLY C   OXT  sing N N 134 
GLY OXT HXT  sing N N 135 
HIS N   CA   sing N N 136 
HIS N   H    sing N N 137 
HIS N   H2   sing N N 138 
HIS CA  C    sing N N 139 
HIS CA  CB   sing N N 140 
HIS CA  HA   sing N N 141 
HIS C   O    doub N N 142 
HIS C   OXT  sing N N 143 
HIS CB  CG   sing N N 144 
HIS CB  HB2  sing N N 145 
HIS CB  HB3  sing N N 146 
HIS CG  ND1  sing Y N 147 
HIS CG  CD2  doub Y N 148 
HIS ND1 CE1  doub Y N 149 
HIS ND1 HD1  sing N N 150 
HIS CD2 NE2  sing Y N 151 
HIS CD2 HD2  sing N N 152 
HIS CE1 NE2  sing Y N 153 
HIS CE1 HE1  sing N N 154 
HIS NE2 HE2  sing N N 155 
HIS OXT HXT  sing N N 156 
HOH O   H1   sing N N 157 
HOH O   H2   sing N N 158 
ILE N   CA   sing N N 159 
ILE N   H    sing N N 160 
ILE N   H2   sing N N 161 
ILE CA  C    sing N N 162 
ILE CA  CB   sing N N 163 
ILE CA  HA   sing N N 164 
ILE C   O    doub N N 165 
ILE C   OXT  sing N N 166 
ILE CB  CG1  sing N N 167 
ILE CB  CG2  sing N N 168 
ILE CB  HB   sing N N 169 
ILE CG1 CD1  sing N N 170 
ILE CG1 HG12 sing N N 171 
ILE CG1 HG13 sing N N 172 
ILE CG2 HG21 sing N N 173 
ILE CG2 HG22 sing N N 174 
ILE CG2 HG23 sing N N 175 
ILE CD1 HD11 sing N N 176 
ILE CD1 HD12 sing N N 177 
ILE CD1 HD13 sing N N 178 
ILE OXT HXT  sing N N 179 
LEU N   CA   sing N N 180 
LEU N   H    sing N N 181 
LEU N   H2   sing N N 182 
LEU CA  C    sing N N 183 
LEU CA  CB   sing N N 184 
LEU CA  HA   sing N N 185 
LEU C   O    doub N N 186 
LEU C   OXT  sing N N 187 
LEU CB  CG   sing N N 188 
LEU CB  HB2  sing N N 189 
LEU CB  HB3  sing N N 190 
LEU CG  CD1  sing N N 191 
LEU CG  CD2  sing N N 192 
LEU CG  HG   sing N N 193 
LEU CD1 HD11 sing N N 194 
LEU CD1 HD12 sing N N 195 
LEU CD1 HD13 sing N N 196 
LEU CD2 HD21 sing N N 197 
LEU CD2 HD22 sing N N 198 
LEU CD2 HD23 sing N N 199 
LEU OXT HXT  sing N N 200 
LYS N   CA   sing N N 201 
LYS N   H    sing N N 202 
LYS N   H2   sing N N 203 
LYS CA  C    sing N N 204 
LYS CA  CB   sing N N 205 
LYS CA  HA   sing N N 206 
LYS C   O    doub N N 207 
LYS C   OXT  sing N N 208 
LYS CB  CG   sing N N 209 
LYS CB  HB2  sing N N 210 
LYS CB  HB3  sing N N 211 
LYS CG  CD   sing N N 212 
LYS CG  HG2  sing N N 213 
LYS CG  HG3  sing N N 214 
LYS CD  CE   sing N N 215 
LYS CD  HD2  sing N N 216 
LYS CD  HD3  sing N N 217 
LYS CE  NZ   sing N N 218 
LYS CE  HE2  sing N N 219 
LYS CE  HE3  sing N N 220 
LYS NZ  HZ1  sing N N 221 
LYS NZ  HZ2  sing N N 222 
LYS NZ  HZ3  sing N N 223 
LYS OXT HXT  sing N N 224 
MET N   CA   sing N N 225 
MET N   H    sing N N 226 
MET N   H2   sing N N 227 
MET CA  C    sing N N 228 
MET CA  CB   sing N N 229 
MET CA  HA   sing N N 230 
MET C   O    doub N N 231 
MET C   OXT  sing N N 232 
MET CB  CG   sing N N 233 
MET CB  HB2  sing N N 234 
MET CB  HB3  sing N N 235 
MET CG  SD   sing N N 236 
MET CG  HG2  sing N N 237 
MET CG  HG3  sing N N 238 
MET SD  CE   sing N N 239 
MET CE  HE1  sing N N 240 
MET CE  HE2  sing N N 241 
MET CE  HE3  sing N N 242 
MET OXT HXT  sing N N 243 
PHE N   CA   sing N N 244 
PHE N   H    sing N N 245 
PHE N   H2   sing N N 246 
PHE CA  C    sing N N 247 
PHE CA  CB   sing N N 248 
PHE CA  HA   sing N N 249 
PHE C   O    doub N N 250 
PHE C   OXT  sing N N 251 
PHE CB  CG   sing N N 252 
PHE CB  HB2  sing N N 253 
PHE CB  HB3  sing N N 254 
PHE CG  CD1  doub Y N 255 
PHE CG  CD2  sing Y N 256 
PHE CD1 CE1  sing Y N 257 
PHE CD1 HD1  sing N N 258 
PHE CD2 CE2  doub Y N 259 
PHE CD2 HD2  sing N N 260 
PHE CE1 CZ   doub Y N 261 
PHE CE1 HE1  sing N N 262 
PHE CE2 CZ   sing Y N 263 
PHE CE2 HE2  sing N N 264 
PHE CZ  HZ   sing N N 265 
PHE OXT HXT  sing N N 266 
PO4 P   O1   doub N N 267 
PO4 P   O2   sing N N 268 
PO4 P   O3   sing N N 269 
PO4 P   O4   sing N N 270 
PRO N   CA   sing N N 271 
PRO N   CD   sing N N 272 
PRO N   H    sing N N 273 
PRO CA  C    sing N N 274 
PRO CA  CB   sing N N 275 
PRO CA  HA   sing N N 276 
PRO C   O    doub N N 277 
PRO C   OXT  sing N N 278 
PRO CB  CG   sing N N 279 
PRO CB  HB2  sing N N 280 
PRO CB  HB3  sing N N 281 
PRO CG  CD   sing N N 282 
PRO CG  HG2  sing N N 283 
PRO CG  HG3  sing N N 284 
PRO CD  HD2  sing N N 285 
PRO CD  HD3  sing N N 286 
PRO OXT HXT  sing N N 287 
SER N   CA   sing N N 288 
SER N   H    sing N N 289 
SER N   H2   sing N N 290 
SER CA  C    sing N N 291 
SER CA  CB   sing N N 292 
SER CA  HA   sing N N 293 
SER C   O    doub N N 294 
SER C   OXT  sing N N 295 
SER CB  OG   sing N N 296 
SER CB  HB2  sing N N 297 
SER CB  HB3  sing N N 298 
SER OG  HG   sing N N 299 
SER OXT HXT  sing N N 300 
THR N   CA   sing N N 301 
THR N   H    sing N N 302 
THR N   H2   sing N N 303 
THR CA  C    sing N N 304 
THR CA  CB   sing N N 305 
THR CA  HA   sing N N 306 
THR C   O    doub N N 307 
THR C   OXT  sing N N 308 
THR CB  OG1  sing N N 309 
THR CB  CG2  sing N N 310 
THR CB  HB   sing N N 311 
THR OG1 HG1  sing N N 312 
THR CG2 HG21 sing N N 313 
THR CG2 HG22 sing N N 314 
THR CG2 HG23 sing N N 315 
THR OXT HXT  sing N N 316 
TRP N   CA   sing N N 317 
TRP N   H    sing N N 318 
TRP N   H2   sing N N 319 
TRP CA  C    sing N N 320 
TRP CA  CB   sing N N 321 
TRP CA  HA   sing N N 322 
TRP C   O    doub N N 323 
TRP C   OXT  sing N N 324 
TRP CB  CG   sing N N 325 
TRP CB  HB2  sing N N 326 
TRP CB  HB3  sing N N 327 
TRP CG  CD1  doub Y N 328 
TRP CG  CD2  sing Y N 329 
TRP CD1 NE1  sing Y N 330 
TRP CD1 HD1  sing N N 331 
TRP CD2 CE2  doub Y N 332 
TRP CD2 CE3  sing Y N 333 
TRP NE1 CE2  sing Y N 334 
TRP NE1 HE1  sing N N 335 
TRP CE2 CZ2  sing Y N 336 
TRP CE3 CZ3  doub Y N 337 
TRP CE3 HE3  sing N N 338 
TRP CZ2 CH2  doub Y N 339 
TRP CZ2 HZ2  sing N N 340 
TRP CZ3 CH2  sing Y N 341 
TRP CZ3 HZ3  sing N N 342 
TRP CH2 HH2  sing N N 343 
TRP OXT HXT  sing N N 344 
TYR N   CA   sing N N 345 
TYR N   H    sing N N 346 
TYR N   H2   sing N N 347 
TYR CA  C    sing N N 348 
TYR CA  CB   sing N N 349 
TYR CA  HA   sing N N 350 
TYR C   O    doub N N 351 
TYR C   OXT  sing N N 352 
TYR CB  CG   sing N N 353 
TYR CB  HB2  sing N N 354 
TYR CB  HB3  sing N N 355 
TYR CG  CD1  doub Y N 356 
TYR CG  CD2  sing Y N 357 
TYR CD1 CE1  sing Y N 358 
TYR CD1 HD1  sing N N 359 
TYR CD2 CE2  doub Y N 360 
TYR CD2 HD2  sing N N 361 
TYR CE1 CZ   doub Y N 362 
TYR CE1 HE1  sing N N 363 
TYR CE2 CZ   sing Y N 364 
TYR CE2 HE2  sing N N 365 
TYR CZ  OH   sing N N 366 
TYR OH  HH   sing N N 367 
TYR OXT HXT  sing N N 368 
VAL N   CA   sing N N 369 
VAL N   H    sing N N 370 
VAL N   H2   sing N N 371 
VAL CA  C    sing N N 372 
VAL CA  CB   sing N N 373 
VAL CA  HA   sing N N 374 
VAL C   O    doub N N 375 
VAL C   OXT  sing N N 376 
VAL CB  CG1  sing N N 377 
VAL CB  CG2  sing N N 378 
VAL CB  HB   sing N N 379 
VAL CG1 HG11 sing N N 380 
VAL CG1 HG12 sing N N 381 
VAL CG1 HG13 sing N N 382 
VAL CG2 HG21 sing N N 383 
VAL CG2 HG22 sing N N 384 
VAL CG2 HG23 sing N N 385 
VAL OXT HXT  sing N N 386 
# 
_pdbx_initial_refinement_model.id               1 
_pdbx_initial_refinement_model.entity_id_list   ? 
_pdbx_initial_refinement_model.type             'experimental model' 
_pdbx_initial_refinement_model.source_name      PDB 
_pdbx_initial_refinement_model.accession_code   1PSH 
_pdbx_initial_refinement_model.details          ? 
# 
_atom_sites.entry_id                    1YXL 
_atom_sites.fract_transf_matrix[1][1]   0.00677715 
_atom_sites.fract_transf_matrix[1][2]   -0.02241460 
_atom_sites.fract_transf_matrix[1][3]   0.00425392 
_atom_sites.fract_transf_matrix[2][1]   0.00404964 
_atom_sites.fract_transf_matrix[2][2]   0.00554902 
_atom_sites.fract_transf_matrix[2][3]   0.02278703 
_atom_sites.fract_transf_matrix[3][1]   -0.01463746 
_atom_sites.fract_transf_matrix[3][2]   -0.00375832 
_atom_sites.fract_transf_matrix[3][3]   0.00351654 
_atom_sites.fract_transf_vector[1]      0.966169 
_atom_sites.fract_transf_vector[2]      0.727222 
_atom_sites.fract_transf_vector[3]      0.001889 
# 
loop_
_atom_type.symbol 
C  
CA 
N  
O  
P  
S  
# 
loop_
_atom_site.group_PDB 
_atom_site.id 
_atom_site.type_symbol 
_atom_site.label_atom_id 
_atom_site.label_alt_id 
_atom_site.label_comp_id 
_atom_site.label_asym_id 
_atom_site.label_entity_id 
_atom_site.label_seq_id 
_atom_site.pdbx_PDB_ins_code 
_atom_site.Cartn_x 
_atom_site.Cartn_y 
_atom_site.Cartn_z 
_atom_site.occupancy 
_atom_site.B_iso_or_equiv 
_atom_site.pdbx_formal_charge 
_atom_site.auth_seq_id 
_atom_site.auth_comp_id 
_atom_site.auth_asym_id 
_atom_site.auth_atom_id 
_atom_site.pdbx_PDB_model_num 
ATOM   1    N  N   . ASN A 1 1   ? 9.714   -0.438  -3.761  1.00 16.32 ? 1   ASN A N   1 
ATOM   2    C  CA  . ASN A 1 1   ? 9.715   1.045   -3.534  1.00 17.18 ? 1   ASN A CA  1 
ATOM   3    C  C   . ASN A 1 1   ? 8.367   1.655   -3.951  1.00 17.80 ? 1   ASN A C   1 
ATOM   4    O  O   . ASN A 1 1   ? 7.527   0.958   -4.503  1.00 17.59 ? 1   ASN A O   1 
ATOM   5    C  CB  . ASN A 1 1   ? 10.911  1.681   -4.233  1.00 17.58 ? 1   ASN A CB  1 
ATOM   6    C  CG  . ASN A 1 1   ? 10.840  1.564   -5.734  1.00 18.42 ? 1   ASN A CG  1 
ATOM   7    O  OD1 . ASN A 1 1   ? 9.776   1.735   -6.324  1.00 20.66 ? 1   ASN A OD1 1 
ATOM   8    N  ND2 . ASN A 1 1   ? 11.978  1.270   -6.366  1.00 20.63 ? 1   ASN A ND2 1 
ATOM   9    N  N   . LEU A 1 2   ? 8.083   2.888   -3.533  1.00 18.96 ? 2   LEU A N   1 
ATOM   10   C  CA  . LEU A 1 2   ? 6.813   3.527   -3.856  1.00 20.03 ? 2   LEU A CA  1 
ATOM   11   C  C   . LEU A 1 2   ? 6.453   3.542   -5.333  1.00 19.35 ? 2   LEU A C   1 
ATOM   12   O  O   . LEU A 1 2   ? 5.296   3.371   -5.663  1.00 19.68 ? 2   LEU A O   1 
ATOM   13   C  CB  . LEU A 1 2   ? 6.719   4.917   -3.227  1.00 21.11 ? 2   LEU A CB  1 
ATOM   14   C  CG  . LEU A 1 2   ? 6.568   4.865   -1.688  1.00 23.10 ? 2   LEU A CG  1 
ATOM   15   C  CD1 . LEU A 1 2   ? 6.105   6.207   -1.169  1.00 24.94 ? 2   LEU A CD1 1 
ATOM   16   C  CD2 . LEU A 1 2   ? 5.625   3.758   -1.181  1.00 25.07 ? 2   LEU A CD2 1 
ATOM   17   N  N   . TYR A 1 3   ? 7.443   3.710   -6.205  1.00 19.47 ? 3   TYR A N   1 
ATOM   18   C  CA  . TYR A 1 3   ? 7.213   3.669   -7.654  1.00 19.42 ? 3   TYR A CA  1 
ATOM   19   C  C   . TYR A 1 3   ? 6.640   2.284   -8.027  1.00 18.72 ? 3   TYR A C   1 
ATOM   20   O  O   . TYR A 1 3   ? 5.652   2.180   -8.759  1.00 19.08 ? 3   TYR A O   1 
ATOM   21   C  CB  . TYR A 1 3   ? 8.513   3.945   -8.409  1.00 19.99 ? 3   TYR A CB  1 
ATOM   22   C  CG  . TYR A 1 3   ? 8.418   3.693   -9.894  1.00 20.86 ? 3   TYR A CG  1 
ATOM   23   C  CD1 . TYR A 1 3   ? 7.818   4.614   -10.739 1.00 22.70 ? 3   TYR A CD1 1 
ATOM   24   C  CD2 . TYR A 1 3   ? 8.943   2.541   -10.450 1.00 21.95 ? 3   TYR A CD2 1 
ATOM   25   C  CE1 . TYR A 1 3   ? 7.732   4.378   -12.105 1.00 23.51 ? 3   TYR A CE1 1 
ATOM   26   C  CE2 . TYR A 1 3   ? 8.861   2.299   -11.805 1.00 21.98 ? 3   TYR A CE2 1 
ATOM   27   C  CZ  . TYR A 1 3   ? 8.251   3.220   -12.630 1.00 22.94 ? 3   TYR A CZ  1 
ATOM   28   O  OH  . TYR A 1 3   ? 8.164   2.979   -13.992 1.00 23.63 ? 3   TYR A OH  1 
ATOM   29   N  N   . GLN A 1 4   ? 7.224   1.228   -7.471  1.00 18.14 ? 4   GLN A N   1 
ATOM   30   C  CA  . GLN A 1 4   ? 6.745   -0.127  -7.748  1.00 17.60 ? 4   GLN A CA  1 
ATOM   31   C  C   . GLN A 1 4   ? 5.363   -0.347  -7.165  1.00 17.48 ? 4   GLN A C   1 
ATOM   32   O  O   . GLN A 1 4   ? 4.508   -0.977  -7.785  1.00 18.05 ? 4   GLN A O   1 
ATOM   33   C  CB  . GLN A 1 4   ? 7.709   -1.177  -7.218  1.00 17.33 ? 4   GLN A CB  1 
ATOM   34   C  CG  . GLN A 1 4   ? 9.048   -1.112  -7.870  1.00 17.04 ? 4   GLN A CG  1 
ATOM   35   C  CD  . GLN A 1 4   ? 10.060  -2.057  -7.251  1.00 18.02 ? 4   GLN A CD  1 
ATOM   36   O  OE1 . GLN A 1 4   ? 10.333  -1.998  -6.051  1.00 17.85 ? 4   GLN A OE1 1 
ATOM   37   N  NE2 . GLN A 1 4   ? 10.642  -2.916  -8.071  1.00 19.27 ? 4   GLN A NE2 1 
ATOM   38   N  N   . PHE A 1 5   ? 5.129   0.167   -5.960  1.00 17.54 ? 5   PHE A N   1 
ATOM   39   C  CA  . PHE A 1 5   ? 3.814   0.034   -5.341  1.00 17.37 ? 5   PHE A CA  1 
ATOM   40   C  C   . PHE A 1 5   ? 2.766   0.737   -6.211  1.00 17.76 ? 5   PHE A C   1 
ATOM   41   O  O   . PHE A 1 5   ? 1.692   0.180   -6.447  1.00 17.82 ? 5   PHE A O   1 
ATOM   42   C  CB  . PHE A 1 5   ? 3.818   0.584   -3.907  1.00 17.25 ? 5   PHE A CB  1 
ATOM   43   C  CG  . PHE A 1 5   ? 2.516   0.417   -3.165  1.00 17.22 ? 5   PHE A CG  1 
ATOM   44   C  CD1 . PHE A 1 5   ? 1.747   -0.736  -3.256  1.00 18.01 ? 5   PHE A CD1 1 
ATOM   45   C  CD2 . PHE A 1 5   ? 2.085   1.424   -2.320  1.00 19.79 ? 5   PHE A CD2 1 
ATOM   46   C  CE1 . PHE A 1 5   ? 0.561   -0.854  -2.553  1.00 18.81 ? 5   PHE A CE1 1 
ATOM   47   C  CE2 . PHE A 1 5   ? 0.914   1.306   -1.608  1.00 20.37 ? 5   PHE A CE2 1 
ATOM   48   C  CZ  . PHE A 1 5   ? 0.146   0.173   -1.725  1.00 21.34 ? 5   PHE A CZ  1 
ATOM   49   N  N   . LYS A 1 6   ? 3.100   1.934   -6.697  1.00 18.77 ? 6   LYS A N   1 
ATOM   50   C  CA  . LYS A 1 6   ? 2.235   2.687   -7.615  1.00 19.94 ? 6   LYS A CA  1 
ATOM   51   C  C   . LYS A 1 6   ? 1.897   1.807   -8.825  1.00 19.87 ? 6   LYS A C   1 
ATOM   52   O  O   . LYS A 1 6   ? 0.743   1.715   -9.234  1.00 20.27 ? 6   LYS A O   1 
ATOM   53   C  CB  . LYS A 1 6   ? 2.934   3.972   -8.051  1.00 20.43 ? 6   LYS A CB  1 
ATOM   54   C  CG  . LYS A 1 6   ? 2.287   4.752   -9.173  1.00 24.28 ? 6   LYS A CG  1 
ATOM   55   C  CD  . LYS A 1 6   ? 3.332   5.703   -9.760  1.00 27.55 ? 6   LYS A CD  1 
ATOM   56   C  CE  . LYS A 1 6   ? 3.054   6.123   -11.179 1.00 30.21 ? 6   LYS A CE  1 
ATOM   57   N  NZ  . LYS A 1 6   ? 4.270   6.764   -11.763 1.00 32.19 ? 6   LYS A NZ  1 
ATOM   58   N  N   . ASN A 1 7   ? 2.900   1.141   -9.378  1.00 19.99 ? 7   ASN A N   1 
ATOM   59   C  CA  . ASN A 1 7   ? 2.660   0.249   -10.516 1.00 20.52 ? 7   ASN A CA  1 
ATOM   60   C  C   . ASN A 1 7   ? 1.792   -0.954  -10.167 1.00 20.41 ? 7   ASN A C   1 
ATOM   61   O  O   . ASN A 1 7   ? 0.968   -1.382  -10.979 1.00 20.73 ? 7   ASN A O   1 
ATOM   62   C  CB  . ASN A 1 7   ? 3.972   -0.162  -11.151 1.00 20.71 ? 7   ASN A CB  1 
ATOM   63   C  CG  . ASN A 1 7   ? 4.456   0.868   -12.142 1.00 23.07 ? 7   ASN A CG  1 
ATOM   64   O  OD1 . ASN A 1 7   ? 4.174   0.775   -13.344 1.00 24.58 ? 7   ASN A OD1 1 
ATOM   65   N  ND2 . ASN A 1 7   ? 5.170   1.870   -11.651 1.00 22.32 ? 7   ASN A ND2 1 
ATOM   66   N  N   . MET A 1 8   ? 1.974   -1.514  -8.969  1.00 19.82 ? 8   MET A N   1 
ATOM   67   C  CA  . MET A 1 8   ? 1.102   -2.582  -8.510  1.00 20.14 ? 8   MET A CA  1 
ATOM   68   C  C   . MET A 1 8   ? -0.349  -2.113  -8.496  1.00 21.32 ? 8   MET A C   1 
ATOM   69   O  O   . MET A 1 8   ? -1.234  -2.835  -8.935  1.00 22.48 ? 8   MET A O   1 
ATOM   70   C  CB  . MET A 1 8   ? 1.491   -3.043  -7.112  1.00 20.15 ? 8   MET A CB  1 
ATOM   71   C  CG  . MET A 1 8   ? 2.754   -3.867  -7.075  1.00 19.11 ? 8   MET A CG  1 
ATOM   72   S  SD  . MET A 1 8   ? 2.776   -4.795  -5.535  1.00 19.02 ? 8   MET A SD  1 
ATOM   73   C  CE  . MET A 1 8   ? 4.307   -5.667  -5.606  1.00 19.54 ? 8   MET A CE  1 
ATOM   74   N  N   . ILE A 1 9   ? -0.586  -0.911  -7.981  1.00 22.34 ? 9   ILE A N   1 
ATOM   75   C  CA  . ILE A 1 9   ? -1.928  -0.353  -7.928  1.00 23.68 ? 9   ILE A CA  1 
ATOM   76   C  C   . ILE A 1 9   ? -2.460  -0.126  -9.342  1.00 24.89 ? 9   ILE A C   1 
ATOM   77   O  O   . ILE A 1 9   ? -3.609  -0.460  -9.613  1.00 25.42 ? 9   ILE A O   1 
ATOM   78   C  CB  . ILE A 1 9   ? -1.936  0.945   -7.119  1.00 23.65 ? 9   ILE A CB  1 
ATOM   79   C  CG1 . ILE A 1 9   ? -1.516  0.660   -5.675  1.00 23.75 ? 9   ILE A CG1 1 
ATOM   80   C  CG2 . ILE A 1 9   ? -3.318  1.590   -7.130  1.00 23.52 ? 9   ILE A CG2 1 
ATOM   81   C  CD1 . ILE A 1 9   ? -1.127  1.917   -4.926  1.00 24.52 ? 9   ILE A CD1 1 
ATOM   82   N  N   . GLN A 1 10  ? -1.619  0.374   -10.247 1.00 26.58 ? 10  GLN A N   1 
ATOM   83   C  CA  . GLN A 1 10  ? -2.038  0.622   -11.638 1.00 27.89 ? 10  GLN A CA  1 
ATOM   84   C  C   . GLN A 1 10  ? -2.466  -0.666  -12.324 1.00 29.38 ? 10  GLN A C   1 
ATOM   85   O  O   . GLN A 1 10  ? -3.299  -0.657  -13.245 1.00 30.09 ? 10  GLN A O   1 
ATOM   86   C  CB  . GLN A 1 10  ? -0.910  1.269   -12.448 1.00 28.08 ? 10  GLN A CB  1 
ATOM   87   C  CG  . GLN A 1 10  ? -0.557  2.673   -12.006 1.00 28.29 ? 10  GLN A CG  1 
ATOM   88   C  CD  . GLN A 1 10  ? 0.563   3.298   -12.815 1.00 29.11 ? 10  GLN A CD  1 
ATOM   89   O  OE1 . GLN A 1 10  ? 1.408   2.596   -13.370 1.00 31.95 ? 10  GLN A OE1 1 
ATOM   90   N  NE2 . GLN A 1 10  ? 0.585   4.631   -12.864 1.00 30.63 ? 10  GLN A NE2 1 
ATOM   91   N  N   . CYS A 1 11  ? -1.882  -1.774  -11.887 1.00 30.48 ? 11  CYS A N   1 
ATOM   92   C  CA  . CYS A 1 11  ? -2.124  -3.069  -12.494 1.00 31.81 ? 11  CYS A CA  1 
ATOM   93   C  C   . CYS A 1 11  ? -3.286  -3.861  -11.852 1.00 31.52 ? 11  CYS A C   1 
ATOM   94   O  O   . CYS A 1 11  ? -3.955  -4.660  -12.533 1.00 32.08 ? 11  CYS A O   1 
ATOM   95   C  CB  . CYS A 1 11  ? -0.809  -3.826  -12.473 1.00 32.36 ? 11  CYS A CB  1 
ATOM   96   S  SG  . CYS A 1 11  ? -0.786  -5.323  -13.443 1.00 36.95 ? 11  CYS A SG  1 
ATOM   97   N  N   . THR A 1 12  ? -3.590  -3.617  -10.573 1.00 30.91 ? 12  THR A N   1 
ATOM   98   C  CA  . THR A 1 12  ? -4.730  -4.301  -9.943  1.00 30.49 ? 12  THR A CA  1 
ATOM   99   C  C   . THR A 1 12  ? -5.993  -3.448  -10.013 1.00 30.11 ? 12  THR A C   1 
ATOM   100  O  O   . THR A 1 12  ? -7.100  -3.978  -9.915  1.00 30.31 ? 12  THR A O   1 
ATOM   101  C  CB  . THR A 1 12  ? -4.483  -4.659  -8.470  1.00 30.48 ? 12  THR A CB  1 
ATOM   102  O  OG1 . THR A 1 12  ? -4.236  -3.466  -7.718  1.00 30.55 ? 12  THR A OG1 1 
ATOM   103  C  CG2 . THR A 1 12  ? -3.254  -5.525  -8.299  1.00 31.01 ? 12  THR A CG2 1 
ATOM   104  N  N   . VAL A 1 13  ? -5.807  -2.136  -10.167 1.00 29.44 ? 13  VAL A N   1 
ATOM   105  C  CA  . VAL A 1 13  ? -6.898  -1.158  -10.246 1.00 29.25 ? 13  VAL A CA  1 
ATOM   106  C  C   . VAL A 1 13  ? -6.658  -0.176  -11.394 1.00 29.32 ? 13  VAL A C   1 
ATOM   107  O  O   . VAL A 1 13  ? -6.455  1.011   -11.174 1.00 28.95 ? 13  VAL A O   1 
ATOM   108  C  CB  . VAL A 1 13  ? -6.988  -0.322  -8.955  1.00 28.99 ? 13  VAL A CB  1 
ATOM   109  C  CG1 . VAL A 1 13  ? -8.245  0.555   -8.963  1.00 29.48 ? 13  VAL A CG1 1 
ATOM   110  C  CG2 . VAL A 1 13  ? -6.949  -1.217  -7.727  1.00 28.96 ? 13  VAL A CG2 1 
ATOM   111  N  N   . PRO A 1 14  ? -6.642  -0.669  -12.624 1.00 29.72 ? 14  PRO A N   1 
ATOM   112  C  CA  . PRO A 1 14  ? -6.400  0.200   -13.776 1.00 30.26 ? 14  PRO A CA  1 
ATOM   113  C  C   . PRO A 1 14  ? -7.540  1.164   -14.029 1.00 30.91 ? 14  PRO A C   1 
ATOM   114  O  O   . PRO A 1 14  ? -7.350  2.161   -14.727 1.00 31.39 ? 14  PRO A O   1 
ATOM   115  C  CB  . PRO A 1 14  ? -6.249  -0.787  -14.927 1.00 30.11 ? 14  PRO A CB  1 
ATOM   116  C  CG  . PRO A 1 14  ? -6.948  -2.007  -14.493 1.00 29.86 ? 14  PRO A CG  1 
ATOM   117  C  CD  . PRO A 1 14  ? -6.821  -2.074  -13.009 1.00 29.91 ? 14  PRO A CD  1 
ATOM   118  N  N   . SER A 1 15  ? -8.705  0.860   -13.470 1.00 31.81 ? 15  SER A N   1 
ATOM   119  C  CA  . SER A 1 15  ? -9.850  1.749   -13.591 1.00 32.63 ? 15  SER A CA  1 
ATOM   120  C  C   . SER A 1 15  ? -9.608  3.011   -12.785 1.00 33.15 ? 15  SER A C   1 
ATOM   121  O  O   . SER A 1 15  ? -9.993  4.102   -13.195 1.00 33.93 ? 15  SER A O   1 
ATOM   122  C  CB  . SER A 1 15  ? -11.138 1.062   -13.143 1.00 32.68 ? 15  SER A CB  1 
ATOM   123  O  OG  . SER A 1 15  ? -11.240 0.982   -11.732 1.00 34.09 ? 15  SER A OG  1 
ATOM   124  N  N   . ARG A 1 16  ? -8.829  3.222   -11.755 1.00 35.76 ? 17  ARG A N   1 
ATOM   125  C  CA  . ARG A 1 16  ? -8.486  4.509   -11.166 1.00 35.59 ? 17  ARG A CA  1 
ATOM   126  C  C   . ARG A 1 16  ? -7.089  5.046   -11.309 1.00 35.35 ? 17  ARG A C   1 
ATOM   127  O  O   . ARG A 1 16  ? -6.125  4.290   -11.475 1.00 35.32 ? 17  ARG A O   1 
ATOM   128  C  CB  . ARG A 1 16  ? -8.847  4.640   -9.692  1.00 35.89 ? 17  ARG A CB  1 
ATOM   129  C  CG  . ARG A 1 16  ? -9.934  3.733   -9.177  1.00 36.51 ? 17  ARG A CG  1 
ATOM   130  C  CD  . ARG A 1 16  ? -10.277 4.046   -7.729  1.00 37.29 ? 17  ARG A CD  1 
ATOM   131  N  NE  . ARG A 1 16  ? -10.596 5.459   -7.575  1.00 39.29 ? 17  ARG A NE  1 
ATOM   132  C  CZ  . ARG A 1 16  ? -11.825 5.952   -7.538  1.00 38.83 ? 17  ARG A CZ  1 
ATOM   133  N  NH1 . ARG A 1 16  ? -12.873 5.146   -7.623  1.00 39.94 ? 17  ARG A NH1 1 
ATOM   134  N  NH2 . ARG A 1 16  ? -12.006 7.257   -7.406  1.00 39.28 ? 17  ARG A NH2 1 
ATOM   135  N  N   . SER A 1 17  ? -6.976  6.365   -11.226 1.00 34.92 ? 18  SER A N   1 
ATOM   136  C  CA  . SER A 1 17  ? -5.664  6.970   -11.194 1.00 34.74 ? 18  SER A CA  1 
ATOM   137  C  C   . SER A 1 17  ? -5.045  6.539   -9.880  1.00 34.45 ? 18  SER A C   1 
ATOM   138  O  O   . SER A 1 17  ? -5.697  6.597   -8.840  1.00 34.15 ? 18  SER A O   1 
ATOM   139  C  CB  . SER A 1 17  ? -5.721  8.485   -11.231 1.00 34.92 ? 18  SER A CB  1 
ATOM   140  O  OG  . SER A 1 17  ? -4.416  8.997   -11.021 1.00 36.29 ? 18  SER A OG  1 
ATOM   141  N  N   . TRP A 1 18  ? -3.793  6.099   -9.937  1.00 34.19 ? 19  TRP A N   1 
ATOM   142  C  CA  . TRP A 1 18  ? -3.063  5.682   -8.744  1.00 34.06 ? 19  TRP A CA  1 
ATOM   143  C  C   . TRP A 1 18  ? -3.190  6.676   -7.584  1.00 33.41 ? 19  TRP A C   1 
ATOM   144  O  O   . TRP A 1 18  ? -3.338  6.278   -6.434  1.00 33.53 ? 19  TRP A O   1 
ATOM   145  C  CB  . TRP A 1 18  ? -1.581  5.490   -9.082  1.00 34.34 ? 19  TRP A CB  1 
ATOM   146  C  CG  . TRP A 1 18  ? -0.659  6.365   -8.263  1.00 35.81 ? 19  TRP A CG  1 
ATOM   147  C  CD1 . TRP A 1 18  ? -0.361  6.241   -6.934  1.00 37.05 ? 19  TRP A CD1 1 
ATOM   148  C  CD2 . TRP A 1 18  ? 0.076   7.498   -8.731  1.00 36.49 ? 19  TRP A CD2 1 
ATOM   149  N  NE1 . TRP A 1 18  ? 0.513   7.232   -6.550  1.00 37.98 ? 19  TRP A NE1 1 
ATOM   150  C  CE2 . TRP A 1 18  ? 0.799   8.015   -7.636  1.00 37.41 ? 19  TRP A CE2 1 
ATOM   151  C  CE3 . TRP A 1 18  ? 0.204   8.128   -9.971  1.00 37.11 ? 19  TRP A CE3 1 
ATOM   152  C  CZ2 . TRP A 1 18  ? 1.628   9.125   -7.746  1.00 37.54 ? 19  TRP A CZ2 1 
ATOM   153  C  CZ3 . TRP A 1 18  ? 1.028   9.228   -10.076 1.00 37.69 ? 19  TRP A CZ3 1 
ATOM   154  C  CH2 . TRP A 1 18  ? 1.729   9.716   -8.971  1.00 37.58 ? 19  TRP A CH2 1 
ATOM   155  N  N   . GLN A 1 19  ? -3.119  7.970   -7.887  1.00 32.70 ? 20  GLN A N   1 
ATOM   156  C  CA  . GLN A 1 19  ? -3.137  9.001   -6.847  1.00 32.11 ? 20  GLN A CA  1 
ATOM   157  C  C   . GLN A 1 19  ? -4.422  9.017   -6.021  1.00 31.00 ? 20  GLN A C   1 
ATOM   158  O  O   . GLN A 1 19  ? -4.479  9.674   -4.991  1.00 31.28 ? 20  GLN A O   1 
ATOM   159  C  CB  . GLN A 1 19  ? -2.849  10.397  -7.422  1.00 32.36 ? 20  GLN A CB  1 
ATOM   160  C  CG  . GLN A 1 19  ? -3.296  10.643  -8.842  1.00 33.78 ? 20  GLN A CG  1 
ATOM   161  C  CD  . GLN A 1 19  ? -4.654  11.318  -8.924  1.00 35.21 ? 20  GLN A CD  1 
ATOM   162  O  OE1 . GLN A 1 19  ? -5.139  11.605  -10.016 1.00 37.02 ? 20  GLN A OE1 1 
ATOM   163  N  NE2 . GLN A 1 19  ? -5.273  11.566  -7.769  1.00 35.80 ? 20  GLN A NE2 1 
ATOM   164  N  N   . ASP A 1 20  ? -5.449  8.306   -6.468  1.00 30.10 ? 21  ASP A N   1 
ATOM   165  C  CA  . ASP A 1 20  ? -6.700  8.216   -5.724  1.00 29.20 ? 21  ASP A CA  1 
ATOM   166  C  C   . ASP A 1 20  ? -6.464  7.502   -4.383  1.00 28.47 ? 21  ASP A C   1 
ATOM   167  O  O   . ASP A 1 20  ? -7.234  7.654   -3.434  1.00 28.80 ? 21  ASP A O   1 
ATOM   168  C  CB  . ASP A 1 20  ? -7.756  7.480   -6.546  1.00 29.42 ? 21  ASP A CB  1 
ATOM   169  C  CG  . ASP A 1 20  ? -8.357  8.346   -7.643  1.00 30.26 ? 21  ASP A CG  1 
ATOM   170  O  OD1 . ASP A 1 20  ? -7.693  9.295   -8.105  1.00 33.35 ? 21  ASP A OD1 1 
ATOM   171  O  OD2 . ASP A 1 20  ? -9.496  8.148   -8.103  1.00 33.68 ? 21  ASP A OD2 1 
ATOM   172  N  N   . PHE A 1 21  ? -5.374  6.746   -4.298  1.00 27.20 ? 22  PHE A N   1 
ATOM   173  C  CA  . PHE A 1 21  ? -5.064  5.987   -3.094  1.00 26.39 ? 22  PHE A CA  1 
ATOM   174  C  C   . PHE A 1 21  ? -3.945  6.600   -2.283  1.00 26.19 ? 22  PHE A C   1 
ATOM   175  O  O   . PHE A 1 21  ? -3.552  6.048   -1.260  1.00 26.57 ? 22  PHE A O   1 
ATOM   176  C  CB  . PHE A 1 21  ? -4.660  4.570   -3.488  1.00 26.25 ? 22  PHE A CB  1 
ATOM   177  C  CG  . PHE A 1 21  ? -5.715  3.836   -4.237  1.00 24.90 ? 22  PHE A CG  1 
ATOM   178  C  CD1 . PHE A 1 21  ? -6.733  3.202   -3.557  1.00 24.43 ? 22  PHE A CD1 1 
ATOM   179  C  CD2 . PHE A 1 21  ? -5.696  3.782   -5.626  1.00 23.84 ? 22  PHE A CD2 1 
ATOM   180  C  CE1 . PHE A 1 21  ? -7.711  2.521   -4.229  1.00 24.71 ? 22  PHE A CE1 1 
ATOM   181  C  CE2 . PHE A 1 21  ? -6.676  3.107   -6.307  1.00 23.94 ? 22  PHE A CE2 1 
ATOM   182  C  CZ  . PHE A 1 21  ? -7.687  2.471   -5.613  1.00 23.58 ? 22  PHE A CZ  1 
ATOM   183  N  N   . ALA A 1 22  ? -3.413  7.719   -2.763  1.00 25.83 ? 23  ALA A N   1 
ATOM   184  C  CA  . ALA A 1 22  ? -2.259  8.365   -2.147  1.00 25.30 ? 23  ALA A CA  1 
ATOM   185  C  C   . ALA A 1 22  ? -2.617  9.295   -0.994  1.00 25.00 ? 23  ALA A C   1 
ATOM   186  O  O   . ALA A 1 22  ? -1.739  9.774   -0.294  1.00 25.39 ? 23  ALA A O   1 
ATOM   187  C  CB  . ALA A 1 22  ? -1.484  9.141   -3.193  1.00 25.65 ? 23  ALA A CB  1 
ATOM   188  N  N   . ASP A 1 23  ? -3.892  9.602   -0.832  1.00 24.48 ? 24  ASP A N   1 
ATOM   189  C  CA  . ASP A 1 23  ? -4.324  10.487  0.248   1.00 23.86 ? 24  ASP A CA  1 
ATOM   190  C  C   . ASP A 1 23  ? -5.780  10.126  0.525   1.00 22.97 ? 24  ASP A C   1 
ATOM   191  O  O   . ASP A 1 23  ? -6.705  10.780  0.029   1.00 23.05 ? 24  ASP A O   1 
ATOM   192  C  CB  . ASP A 1 23  ? -4.178  11.967  -0.131  1.00 24.56 ? 24  ASP A CB  1 
ATOM   193  C  CG  . ASP A 1 23  ? -4.579  12.895  1.002   1.00 25.52 ? 24  ASP A CG  1 
ATOM   194  O  OD1 . ASP A 1 23  ? -4.608  14.132  0.812   1.00 28.79 ? 24  ASP A OD1 1 
ATOM   195  O  OD2 . ASP A 1 23  ? -4.881  12.477  2.133   1.00 26.41 ? 24  ASP A OD2 1 
ATOM   196  N  N   . TYR A 1 24  ? -5.983  9.063   1.297   1.00 21.56 ? 25  TYR A N   1 
ATOM   197  C  CA  . TYR A 1 24  ? -7.318  8.542   1.556   1.00 20.85 ? 25  TYR A CA  1 
ATOM   198  C  C   . TYR A 1 24  ? -7.434  8.037   2.995   1.00 20.49 ? 25  TYR A C   1 
ATOM   199  O  O   . TYR A 1 24  ? -6.576  7.314   3.500   1.00 20.18 ? 25  TYR A O   1 
ATOM   200  C  CB  . TYR A 1 24  ? -7.647  7.444   0.538   1.00 20.95 ? 25  TYR A CB  1 
ATOM   201  C  CG  . TYR A 1 24  ? -9.049  6.884   0.605   1.00 20.86 ? 25  TYR A CG  1 
ATOM   202  C  CD1 . TYR A 1 24  ? -9.405  5.975   1.583   1.00 20.12 ? 25  TYR A CD1 1 
ATOM   203  C  CD2 . TYR A 1 24  ? -10.012 7.243   -0.335  1.00 21.66 ? 25  TYR A CD2 1 
ATOM   204  C  CE1 . TYR A 1 24  ? -10.668 5.448   1.650   1.00 21.57 ? 25  TYR A CE1 1 
ATOM   205  C  CE2 . TYR A 1 24  ? -11.284 6.713   -0.287  1.00 21.77 ? 25  TYR A CE2 1 
ATOM   206  C  CZ  . TYR A 1 24  ? -11.613 5.818   0.707   1.00 21.83 ? 25  TYR A CZ  1 
ATOM   207  O  OH  . TYR A 1 24  ? -12.875 5.270   0.785   1.00 24.32 ? 25  TYR A OH  1 
ATOM   208  N  N   . GLY A 1 25  ? -8.489  8.456   3.678   1.00 20.27 ? 26  GLY A N   1 
ATOM   209  C  CA  . GLY A 1 25  ? -8.706  8.025   5.042   1.00 20.08 ? 26  GLY A CA  1 
ATOM   210  C  C   . GLY A 1 25  ? -7.563  8.420   5.961   1.00 19.42 ? 26  GLY A C   1 
ATOM   211  O  O   . GLY A 1 25  ? -6.813  9.353   5.699   1.00 19.61 ? 26  GLY A O   1 
ATOM   212  N  N   . CYS A 1 26  ? -7.432  7.678   7.052   1.00 19.72 ? 27  CYS A N   1 
ATOM   213  C  CA  . CYS A 1 26  ? -6.410  7.943   8.049   1.00 19.68 ? 27  CYS A CA  1 
ATOM   214  C  C   . CYS A 1 26  ? -5.087  7.252   7.742   1.00 19.91 ? 27  CYS A C   1 
ATOM   215  O  O   . CYS A 1 26  ? -4.058  7.638   8.305   1.00 20.61 ? 27  CYS A O   1 
ATOM   216  C  CB  . CYS A 1 26  ? -6.888  7.503   9.426   1.00 19.74 ? 27  CYS A CB  1 
ATOM   217  S  SG  . CYS A 1 26  ? -8.154  8.586   10.106  1.00 20.93 ? 27  CYS A SG  1 
ATOM   218  N  N   . TYR A 1 27  ? -5.105  6.257   6.858   1.00 19.81 ? 28  TYR A N   1 
ATOM   219  C  CA  . TYR A 1 27  ? -3.901  5.462   6.605   1.00 19.66 ? 28  TYR A CA  1 
ATOM   220  C  C   . TYR A 1 27  ? -3.349  5.424   5.176   1.00 20.19 ? 28  TYR A C   1 
ATOM   221  O  O   . TYR A 1 27  ? -2.191  5.040   4.978   1.00 19.96 ? 28  TYR A O   1 
ATOM   222  C  CB  . TYR A 1 27  ? -4.145  4.034   7.072   1.00 19.71 ? 28  TYR A CB  1 
ATOM   223  C  CG  . TYR A 1 27  ? -4.236  3.941   8.574   1.00 18.66 ? 28  TYR A CG  1 
ATOM   224  C  CD1 . TYR A 1 27  ? -3.103  3.737   9.352   1.00 19.03 ? 28  TYR A CD1 1 
ATOM   225  C  CD2 . TYR A 1 27  ? -5.451  4.096   9.221   1.00 18.27 ? 28  TYR A CD2 1 
ATOM   226  C  CE1 . TYR A 1 27  ? -3.183  3.672   10.720  1.00 19.15 ? 28  TYR A CE1 1 
ATOM   227  C  CE2 . TYR A 1 27  ? -5.539  4.044   10.594  1.00 18.44 ? 28  TYR A CE2 1 
ATOM   228  C  CZ  . TYR A 1 27  ? -4.405  3.828   11.343  1.00 19.91 ? 28  TYR A CZ  1 
ATOM   229  O  OH  . TYR A 1 27  ? -4.502  3.765   12.716  1.00 20.96 ? 28  TYR A OH  1 
ATOM   230  N  N   . CYS A 1 28  ? -4.147  5.739   4.166   1.00 20.54 ? 29  CYS A N   1 
ATOM   231  C  CA  . CYS A 1 28  ? -3.620  5.684   2.810   1.00 21.82 ? 29  CYS A CA  1 
ATOM   232  C  C   . CYS A 1 28  ? -2.821  6.927   2.496   1.00 23.21 ? 29  CYS A C   1 
ATOM   233  O  O   . CYS A 1 28  ? -3.376  8.022   2.359   1.00 23.19 ? 29  CYS A O   1 
ATOM   234  C  CB  . CYS A 1 28  ? -4.723  5.509   1.770   1.00 21.62 ? 29  CYS A CB  1 
ATOM   235  S  SG  . CYS A 1 28  ? -5.817  4.134   2.056   1.00 22.10 ? 29  CYS A SG  1 
ATOM   236  N  N   . GLY A 1 29  ? -1.509  6.766   2.399   1.00 24.90 ? 30  GLY A N   1 
ATOM   237  C  CA  . GLY A 1 29  ? -0.638  7.859   2.040   1.00 26.30 ? 30  GLY A CA  1 
ATOM   238  C  C   . GLY A 1 29  ? 0.043   8.339   3.284   1.00 27.77 ? 30  GLY A C   1 
ATOM   239  O  O   . GLY A 1 29  ? 0.362   7.557   4.181   1.00 28.12 ? 30  GLY A O   1 
ATOM   240  N  N   . LYS A 1 30  ? 0.202   9.652   3.332   1.00 29.82 ? 31  LYS A N   1 
ATOM   241  C  CA  . LYS A 1 30  ? 0.705   10.348  4.484   1.00 30.98 ? 31  LYS A CA  1 
ATOM   242  C  C   . LYS A 1 30  ? 0.475   9.617   5.775   1.00 32.11 ? 31  LYS A C   1 
ATOM   243  O  O   . LYS A 1 30  ? 1.373   9.060   6.423   1.00 33.26 ? 31  LYS A O   1 
ATOM   244  C  CB  . LYS A 1 30  ? -0.059  11.705  4.677   1.00 31.16 ? 31  LYS A CB  1 
ATOM   245  C  CG  . LYS A 1 30  ? -1.430  12.101  3.959   1.00 30.65 ? 31  LYS A CG  1 
ATOM   246  C  CD  . LYS A 1 30  ? -2.614  11.134  3.619   1.00 29.15 ? 31  LYS A CD  1 
ATOM   247  C  CE  . LYS A 1 30  ? -3.702  10.394  4.406   1.00 29.25 ? 31  LYS A CE  1 
ATOM   248  N  NZ  . LYS A 1 30  ? -4.472  9.087   4.374   1.00 26.58 ? 31  LYS A NZ  1 
ATOM   249  N  N   . GLY A 1 31  ? -0.786  9.699   6.148   1.00 32.75 ? 32  GLY A N   1 
ATOM   250  C  CA  . GLY A 1 31  ? -1.292  9.239   7.412   1.00 33.11 ? 32  GLY A CA  1 
ATOM   251  C  C   . GLY A 1 31  ? -0.742  7.941   7.913   1.00 33.24 ? 32  GLY A C   1 
ATOM   252  O  O   . GLY A 1 31  ? -0.328  7.088   7.136   1.00 34.20 ? 32  GLY A O   1 
ATOM   253  N  N   . GLY A 1 32  ? -0.750  7.818   9.235   1.00 32.73 ? 33  GLY A N   1 
ATOM   254  C  CA  . GLY A 1 32  ? -0.494  6.562   9.903   1.00 31.97 ? 33  GLY A CA  1 
ATOM   255  C  C   . GLY A 1 32  ? -1.056  6.463   11.326  1.00 31.43 ? 33  GLY A C   1 
ATOM   256  O  O   . GLY A 1 32  ? -0.355  5.976   12.207  1.00 31.57 ? 33  GLY A O   1 
ATOM   257  N  N   . SER A 1 33  ? -2.307  6.866   11.575  1.00 30.46 ? 34  SER A N   1 
ATOM   258  C  CA  . SER A 1 33  ? -2.876  6.811   12.941  1.00 29.73 ? 34  SER A CA  1 
ATOM   259  C  C   . SER A 1 33  ? -4.410  6.968   12.967  1.00 28.70 ? 34  SER A C   1 
ATOM   260  O  O   . SER A 1 33  ? -4.999  7.325   11.958  1.00 28.18 ? 34  SER A O   1 
ATOM   261  C  CB  . SER A 1 33  ? -2.238  7.889   13.826  1.00 30.01 ? 34  SER A CB  1 
ATOM   262  O  OG  . SER A 1 33  ? -3.004  9.088   13.821  1.00 31.40 ? 34  SER A OG  1 
ATOM   263  N  N   . GLY A 1 34  ? -5.040  6.700   14.116  1.00 27.98 ? 35  GLY A N   1 
ATOM   264  C  CA  . GLY A 1 34  ? -6.486  6.822   14.277  1.00 27.64 ? 35  GLY A CA  1 
ATOM   265  C  C   . GLY A 1 34  ? -7.334  5.658   13.798  1.00 27.46 ? 35  GLY A C   1 
ATOM   266  O  O   . GLY A 1 34  ? -6.851  4.545   13.563  1.00 26.89 ? 35  GLY A O   1 
ATOM   267  N  N   . THR A 1 35  ? -8.625  5.931   13.680  1.00 27.06 ? 36  THR A N   1 
ATOM   268  C  CA  . THR A 1 35  ? -9.594  4.950   13.245  1.00 27.22 ? 36  THR A CA  1 
ATOM   269  C  C   . THR A 1 35  ? -9.679  4.837   11.732  1.00 25.59 ? 36  THR A C   1 
ATOM   270  O  O   . THR A 1 35  ? -9.949  5.823   11.048  1.00 26.25 ? 36  THR A O   1 
ATOM   271  C  CB  . THR A 1 35  ? -10.889 5.225   14.044  1.00 27.51 ? 36  THR A CB  1 
ATOM   272  O  OG1 . THR A 1 35  ? -10.732 4.803   15.415  1.00 29.91 ? 36  THR A OG1 1 
ATOM   273  C  CG2 . THR A 1 35  ? -12.132 4.527   13.533  1.00 29.30 ? 36  THR A CG2 1 
ATOM   274  N  N   . PRO A 1 36  ? -9.414  3.637   11.196  1.00 24.50 ? 37  PRO A N   1 
ATOM   275  C  CA  . PRO A 1 36  ? -9.596  3.434   9.765   1.00 23.86 ? 37  PRO A CA  1 
ATOM   276  C  C   . PRO A 1 36  ? -11.065 3.755   9.501   1.00 23.99 ? 37  PRO A C   1 
ATOM   277  O  O   . PRO A 1 36  ? -11.948 3.296   10.243  1.00 24.15 ? 37  PRO A O   1 
ATOM   278  C  CB  . PRO A 1 36  ? -9.259  1.955   9.557   1.00 23.80 ? 37  PRO A CB  1 
ATOM   279  C  CG  . PRO A 1 36  ? -8.495  1.552   10.740  1.00 23.86 ? 37  PRO A CG  1 
ATOM   280  C  CD  . PRO A 1 36  ? -9.011  2.390   11.865  1.00 23.87 ? 37  PRO A CD  1 
ATOM   281  N  N   . VAL A 1 37  ? -11.313 4.569   8.489   1.00 24.15 ? 38  VAL A N   1 
ATOM   282  C  CA  . VAL A 1 37  ? -12.659 5.071   8.210   1.00 24.44 ? 38  VAL A CA  1 
ATOM   283  C  C   . VAL A 1 37  ? -13.532 4.105   7.426   1.00 24.96 ? 38  VAL A C   1 
ATOM   284  O  O   . VAL A 1 37  ? -14.765 4.180   7.472   1.00 25.59 ? 38  VAL A O   1 
ATOM   285  C  CB  . VAL A 1 37  ? -12.578 6.411   7.463   1.00 24.27 ? 38  VAL A CB  1 
ATOM   286  C  CG1 . VAL A 1 37  ? -11.733 7.398   8.257   1.00 24.72 ? 38  VAL A CG1 1 
ATOM   287  C  CG2 . VAL A 1 37  ? -12.009 6.211   6.079   1.00 24.17 ? 38  VAL A CG2 1 
ATOM   288  N  N   . ASP A 1 38  ? -12.905 3.169   6.720   1.00 24.62 ? 39  ASP A N   1 
ATOM   289  C  CA  . ASP A 1 38  ? -13.650 2.203   5.931   1.00 24.64 ? 39  ASP A CA  1 
ATOM   290  C  C   . ASP A 1 38  ? -12.721 1.067   5.518   1.00 24.62 ? 39  ASP A C   1 
ATOM   291  O  O   . ASP A 1 38  ? -11.566 1.017   5.938   1.00 24.21 ? 39  ASP A O   1 
ATOM   292  C  CB  . ASP A 1 38  ? -14.328 2.865   4.728   1.00 24.58 ? 39  ASP A CB  1 
ATOM   293  C  CG  . ASP A 1 38  ? -13.362 3.414   3.711   1.00 25.47 ? 39  ASP A CG  1 
ATOM   294  O  OD1 . ASP A 1 38  ? -12.120 3.267   3.856   1.00 24.70 ? 39  ASP A OD1 1 
ATOM   295  O  OD2 . ASP A 1 38  ? -13.782 4.029   2.708   1.00 25.03 ? 39  ASP A OD2 1 
ATOM   296  N  N   . ASP A 1 39  ? -13.223 0.160   4.697   1.00 24.66 ? 40  ASP A N   1 
ATOM   297  C  CA  . ASP A 1 39  ? -12.457 -1.019  4.320   1.00 24.74 ? 40  ASP A CA  1 
ATOM   298  C  C   . ASP A 1 39  ? -11.179 -0.677  3.541   1.00 23.60 ? 40  ASP A C   1 
ATOM   299  O  O   . ASP A 1 39  ? -10.131 -1.299  3.770   1.00 24.10 ? 40  ASP A O   1 
ATOM   300  C  CB  . ASP A 1 39  ? -13.346 -1.974  3.532   1.00 25.68 ? 40  ASP A CB  1 
ATOM   301  C  CG  . ASP A 1 39  ? -14.357 -2.713  4.416   1.00 27.85 ? 40  ASP A CG  1 
ATOM   302  O  OD1 . ASP A 1 39  ? -14.309 -2.603  5.668   1.00 31.84 ? 40  ASP A OD1 1 
ATOM   303  O  OD2 . ASP A 1 39  ? -15.265 -3.432  3.937   1.00 32.80 ? 40  ASP A OD2 1 
ATOM   304  N  N   . LEU A 1 40  ? -11.251 0.295   2.635   1.00 22.61 ? 41  LEU A N   1 
ATOM   305  C  CA  . LEU A 1 40  ? -10.075 0.721   1.882   1.00 21.69 ? 41  LEU A CA  1 
ATOM   306  C  C   . LEU A 1 40  ? -9.017  1.225   2.859   1.00 20.87 ? 41  LEU A C   1 
ATOM   307  O  O   . LEU A 1 40  ? -7.854  0.855   2.772   1.00 21.49 ? 41  LEU A O   1 
ATOM   308  C  CB  . LEU A 1 40  ? -10.409 1.815   0.873   1.00 21.70 ? 41  LEU A CB  1 
ATOM   309  C  CG  . LEU A 1 40  ? -9.200  2.335   0.083   1.00 21.44 ? 41  LEU A CG  1 
ATOM   310  C  CD1 . LEU A 1 40  ? -8.384  1.214   -0.551  1.00 21.33 ? 41  LEU A CD1 1 
ATOM   311  C  CD2 . LEU A 1 40  ? -9.664  3.306   -0.980  1.00 22.13 ? 41  LEU A CD2 1 
ATOM   312  N  N   . ASP A 1 41  ? -9.437  2.049   3.809   1.00 19.90 ? 42  ASP A N   1 
ATOM   313  C  CA  . ASP A 1 41  ? -8.523  2.565   4.818   1.00 18.99 ? 42  ASP A CA  1 
ATOM   314  C  C   . ASP A 1 41  ? -7.910  1.415   5.620   1.00 18.78 ? 42  ASP A C   1 
ATOM   315  O  O   . ASP A 1 41  ? -6.723  1.473   5.966   1.00 19.13 ? 42  ASP A O   1 
ATOM   316  C  CB  . ASP A 1 41  ? -9.258  3.531   5.748   1.00 18.77 ? 42  ASP A CB  1 
ATOM   317  C  CG  . ASP A 1 41  ? -8.348  4.603   6.334   1.00 18.70 ? 42  ASP A CG  1 
ATOM   318  O  OD1 . ASP A 1 41  ? -7.191  4.796   5.859   1.00 18.55 ? 42  ASP A OD1 1 
ATOM   319  O  OD2 . ASP A 1 41  ? -8.734  5.336   7.279   1.00 19.56 ? 42  ASP A OD2 1 
ATOM   320  N  N   . ARG A 1 42  ? -8.712  0.394   5.949   1.00 18.93 ? 43  ARG A N   1 
ATOM   321  C  CA  . ARG A 1 42  ? -8.196  -0.785  6.654   1.00 18.98 ? 43  ARG A CA  1 
ATOM   322  C  C   . ARG A 1 42  ? -7.107  -1.458  5.818   1.00 18.67 ? 43  ARG A C   1 
ATOM   323  O  O   . ARG A 1 42  ? -6.110  -1.909  6.380   1.00 19.26 ? 43  ARG A O   1 
ATOM   324  C  CB  . ARG A 1 42  ? -9.297  -1.773  7.049   1.00 19.38 ? 43  ARG A CB  1 
ATOM   325  C  CG  . ARG A 1 42  ? -10.077 -1.284  8.262   1.00 20.50 ? 43  ARG A CG  1 
ATOM   326  C  CD  . ARG A 1 42  ? -11.165 -2.201  8.794   1.00 21.60 ? 43  ARG A CD  1 
ATOM   327  N  NE  . ARG A 1 42  ? -11.849 -1.583  9.931   1.00 24.28 ? 43  ARG A NE  1 
ATOM   328  C  CZ  . ARG A 1 42  ? -11.390 -1.526  11.191  1.00 25.02 ? 43  ARG A CZ  1 
ATOM   329  N  NH1 . ARG A 1 42  ? -10.238 -2.088  11.551  1.00 25.83 ? 43  ARG A NH1 1 
ATOM   330  N  NH2 . ARG A 1 42  ? -12.120 -0.915  12.112  1.00 25.96 ? 43  ARG A NH2 1 
ATOM   331  N  N   . CYS A 1 43  ? -7.269  -1.501  4.492   1.00 18.95 ? 44  CYS A N   1 
ATOM   332  C  CA  . CYS A 1 43  ? -6.215  -2.047  3.623   1.00 19.02 ? 44  CYS A CA  1 
ATOM   333  C  C   . CYS A 1 43  ? -4.913  -1.290  3.879   1.00 18.36 ? 44  CYS A C   1 
ATOM   334  O  O   . CYS A 1 43  ? -3.830  -1.878  3.996   1.00 18.90 ? 44  CYS A O   1 
ATOM   335  C  CB  . CYS A 1 43  ? -6.539  -1.878  2.133   1.00 19.61 ? 44  CYS A CB  1 
ATOM   336  S  SG  . CYS A 1 43  ? -7.932  -2.788  1.477   1.00 22.54 ? 44  CYS A SG  1 
ATOM   337  N  N   . CYS A 1 44  ? -5.017  0.033   3.948   1.00 18.00 ? 45  CYS A N   1 
ATOM   338  C  CA  . CYS A 1 44  ? -3.848  0.884   4.158   1.00 17.56 ? 45  CYS A CA  1 
ATOM   339  C  C   . CYS A 1 44  ? -3.260  0.744   5.564   1.00 16.92 ? 45  CYS A C   1 
ATOM   340  O  O   . CYS A 1 44  ? -2.041  0.854   5.749   1.00 17.00 ? 45  CYS A O   1 
ATOM   341  C  CB  . CYS A 1 44  ? -4.191  2.326   3.862   1.00 18.26 ? 45  CYS A CB  1 
ATOM   342  S  SG  . CYS A 1 44  ? -4.623  2.485   2.110   1.00 21.10 ? 45  CYS A SG  1 
ATOM   343  N  N   . GLN A 1 45  ? -4.115  0.511   6.553   1.00 16.54 ? 46  GLN A N   1 
ATOM   344  C  CA  . GLN A 1 45  ? -3.637  0.350   7.911   1.00 17.12 ? 46  GLN A CA  1 
ATOM   345  C  C   . GLN A 1 45  ? -2.744  -0.893  7.967   1.00 16.31 ? 46  GLN A C   1 
ATOM   346  O  O   . GLN A 1 45  ? -1.649  -0.875  8.542   1.00 16.81 ? 46  GLN A O   1 
ATOM   347  C  CB  . GLN A 1 45  ? -4.798  0.211   8.901   1.00 17.74 ? 46  GLN A CB  1 
ATOM   348  C  CG  . GLN A 1 45  ? -4.327  0.071   10.328  1.00 19.45 ? 46  GLN A CG  1 
ATOM   349  C  CD  . GLN A 1 45  ? -5.431  -0.266  11.290  1.00 23.13 ? 46  GLN A CD  1 
ATOM   350  O  OE1 . GLN A 1 45  ? -6.327  -1.040  10.961  1.00 26.60 ? 46  GLN A OE1 1 
ATOM   351  N  NE2 . GLN A 1 45  ? -5.368  0.308   12.486  1.00 26.53 ? 46  GLN A NE2 1 
ATOM   352  N  N   . VAL A 1 46  ? -3.222  -1.980  7.375   1.00 16.39 ? 47  VAL A N   1 
ATOM   353  C  CA  . VAL A 1 46  ? -2.450  -3.220  7.376   1.00 16.33 ? 47  VAL A CA  1 
ATOM   354  C  C   . VAL A 1 46  ? -1.135  -2.975  6.636   1.00 15.99 ? 47  VAL A C   1 
ATOM   355  O  O   . VAL A 1 46  ? -0.074  -3.411  7.083   1.00 16.04 ? 47  VAL A O   1 
ATOM   356  C  CB  . VAL A 1 46  ? -3.213  -4.361  6.716   1.00 16.92 ? 47  VAL A CB  1 
ATOM   357  C  CG1 . VAL A 1 46  ? -2.332  -5.579  6.557   1.00 17.42 ? 47  VAL A CG1 1 
ATOM   358  C  CG2 . VAL A 1 46  ? -4.447  -4.722  7.546   1.00 17.98 ? 47  VAL A CG2 1 
ATOM   359  N  N   . HIS A 1 47  ? -1.213  -2.256  5.524   1.00 15.64 ? 48  HIS A N   1 
ATOM   360  C  CA  . HIS A 1 47  ? -0.030  -1.946  4.716   1.00 15.63 ? 48  HIS A CA  1 
ATOM   361  C  C   . HIS A 1 47  ? 0.997   -1.151  5.525   1.00 15.79 ? 48  HIS A C   1 
ATOM   362  O  O   . HIS A 1 47  ? 2.188   -1.459  5.519   1.00 16.26 ? 48  HIS A O   1 
ATOM   363  C  CB  . HIS A 1 47  ? -0.450  -1.163  3.469   1.00 16.30 ? 48  HIS A CB  1 
ATOM   364  C  CG  . HIS A 1 47  ? 0.663   -0.929  2.508   1.00 16.70 ? 48  HIS A CG  1 
ATOM   365  N  ND1 . HIS A 1 47  ? 1.171   0.327   2.254   1.00 21.58 ? 48  HIS A ND1 1 
ATOM   366  C  CD2 . HIS A 1 47  ? 1.378   -1.789  1.748   1.00 15.90 ? 48  HIS A CD2 1 
ATOM   367  C  CE1 . HIS A 1 47  ? 2.151   0.228   1.371   1.00 20.69 ? 48  HIS A CE1 1 
ATOM   368  N  NE2 . HIS A 1 47  ? 2.296   -1.045  1.045   1.00 17.81 ? 48  HIS A NE2 1 
ATOM   369  N  N   . ASP A 1 48  ? 0.518   -0.150  6.260   1.00 15.89 ? 49  ASP A N   1 
ATOM   370  C  CA  . ASP A 1 48  ? 1.367   0.739   7.040   1.00 15.62 ? 49  ASP A CA  1 
ATOM   371  C  C   . ASP A 1 48  ? 2.038   -0.097  8.151   1.00 15.37 ? 49  ASP A C   1 
ATOM   372  O  O   . ASP A 1 48  ? 3.246   -0.007  8.390   1.00 15.78 ? 49  ASP A O   1 
ATOM   373  C  CB  . ASP A 1 48  ? 0.581   1.964   7.519   1.00 16.21 ? 49  ASP A CB  1 
ATOM   374  C  CG  . ASP A 1 48  ? 0.053   2.973   6.516   1.00 18.91 ? 49  ASP A CG  1 
ATOM   375  O  OD1 . ASP A 1 48  ? 0.458   3.005   5.341   1.00 20.56 ? 49  ASP A OD1 1 
ATOM   376  O  OD2 . ASP A 1 48  ? -0.837  3.784   6.839   1.00 23.23 ? 49  ASP A OD2 1 
ATOM   377  N  N   . ASN A 1 49  ? 1.239   -0.923  8.837   1.00 14.97 ? 50  ASN A N   1 
ATOM   378  C  CA  . ASN A 1 49  ? 1.785   -1.781  9.877   1.00 15.43 ? 50  ASN A CA  1 
ATOM   379  C  C   . ASN A 1 49  ? 2.807   -2.755  9.276   1.00 14.46 ? 50  ASN A C   1 
ATOM   380  O  O   . ASN A 1 49  ? 3.829   -3.073  9.894   1.00 15.66 ? 50  ASN A O   1 
ATOM   381  C  CB  . ASN A 1 49  ? 0.675   -2.580  10.560  1.00 15.19 ? 50  ASN A CB  1 
ATOM   382  C  CG  . ASN A 1 49  ? -0.131  -1.760  11.563  1.00 17.35 ? 50  ASN A CG  1 
ATOM   383  O  OD1 . ASN A 1 49  ? -0.017  -0.525  11.648  1.00 21.24 ? 50  ASN A OD1 1 
ATOM   384  N  ND2 . ASN A 1 49  ? -0.960  -2.453  12.331  1.00 16.23 ? 50  ASN A ND2 1 
ATOM   385  N  N   . CYS A 1 50  ? 2.513   -3.255  8.084   1.00 14.56 ? 51  CYS A N   1 
ATOM   386  C  CA  . CYS A 1 50  ? 3.402   -4.184  7.407   1.00 15.01 ? 51  CYS A CA  1 
ATOM   387  C  C   . CYS A 1 50  ? 4.770   -3.523  7.161   1.00 14.60 ? 51  CYS A C   1 
ATOM   388  O  O   . CYS A 1 50  ? 5.822   -4.133  7.395   1.00 15.41 ? 51  CYS A O   1 
ATOM   389  C  CB  . CYS A 1 50  ? 2.738   -4.682  6.136   1.00 15.41 ? 51  CYS A CB  1 
ATOM   390  S  SG  . CYS A 1 50  ? 3.503   -6.055  5.287   1.00 16.81 ? 51  CYS A SG  1 
ATOM   391  N  N   . TYR A 1 51  ? 4.751   -2.275  6.711   1.00 14.09 ? 52  TYR A N   1 
ATOM   392  C  CA  . TYR A 1 51  ? 5.986   -1.533  6.513   1.00 14.27 ? 52  TYR A CA  1 
ATOM   393  C  C   . TYR A 1 51  ? 6.734   -1.367  7.825   1.00 14.71 ? 52  TYR A C   1 
ATOM   394  O  O   . TYR A 1 51  ? 7.950   -1.508  7.857   1.00 14.98 ? 52  TYR A O   1 
ATOM   395  C  CB  . TYR A 1 51  ? 5.715   -0.161  5.906   1.00 14.28 ? 52  TYR A CB  1 
ATOM   396  C  CG  . TYR A 1 51  ? 5.649   -0.085  4.398   1.00 14.49 ? 52  TYR A CG  1 
ATOM   397  C  CD1 . TYR A 1 51  ? 5.560   -1.224  3.598   1.00 14.54 ? 52  TYR A CD1 1 
ATOM   398  C  CD2 . TYR A 1 51  ? 5.696   1.141   3.773   1.00 15.48 ? 52  TYR A CD2 1 
ATOM   399  C  CE1 . TYR A 1 51  ? 5.497   -1.134  2.220   1.00 15.08 ? 52  TYR A CE1 1 
ATOM   400  C  CE2 . TYR A 1 51  ? 5.636   1.239   2.389   1.00 17.15 ? 52  TYR A CE2 1 
ATOM   401  C  CZ  . TYR A 1 51  ? 5.538   0.102   1.622   1.00 16.99 ? 52  TYR A CZ  1 
ATOM   402  O  OH  . TYR A 1 51  ? 5.478   0.256   0.251   1.00 18.60 ? 52  TYR A OH  1 
ATOM   403  N  N   . ASN A 1 52  ? 6.033   -1.021  8.906   1.00 15.03 ? 53  ASN A N   1 
ATOM   404  C  CA  . ASN A 1 52  ? 6.697   -0.831  10.194  1.00 15.87 ? 53  ASN A CA  1 
ATOM   405  C  C   . ASN A 1 52  ? 7.410   -2.096  10.628  1.00 16.23 ? 53  ASN A C   1 
ATOM   406  O  O   . ASN A 1 52  ? 8.498   -2.050  11.203  1.00 17.09 ? 53  ASN A O   1 
ATOM   407  C  CB  . ASN A 1 52  ? 5.699   -0.398  11.270  1.00 16.34 ? 53  ASN A CB  1 
ATOM   408  C  CG  . ASN A 1 52  ? 5.234   1.022   11.089  1.00 19.13 ? 53  ASN A CG  1 
ATOM   409  O  OD1 . ASN A 1 52  ? 5.864   1.820   10.384  1.00 21.82 ? 53  ASN A OD1 1 
ATOM   410  N  ND2 . ASN A 1 52  ? 4.126   1.355   11.719  1.00 20.62 ? 53  ASN A ND2 1 
ATOM   411  N  N   . GLU A 1 53  ? 6.786   -3.233  10.355  1.00 16.53 ? 54  GLU A N   1 
ATOM   412  C  CA  . GLU A 1 53  ? 7.388   -4.508  10.671  1.00 17.59 ? 54  GLU A CA  1 
ATOM   413  C  C   . GLU A 1 53  ? 8.606   -4.759  9.783   1.00 17.12 ? 54  GLU A C   1 
ATOM   414  O  O   . GLU A 1 53  ? 9.657   -5.162  10.293  1.00 18.12 ? 54  GLU A O   1 
ATOM   415  C  CB  . GLU A 1 53  ? 6.355   -5.632  10.578  1.00 18.32 ? 54  GLU A CB  1 
ATOM   416  C  CG  . GLU A 1 53  ? 6.746   -6.883  11.335  1.00 21.10 ? 54  GLU A CG  1 
ATOM   417  C  CD  . GLU A 1 53  ? 6.785   -6.677  12.832  1.00 20.26 ? 54  GLU A CD  1 
ATOM   418  O  OE1 . GLU A 1 53  ? 7.670   -7.287  13.460  1.00 28.99 ? 54  GLU A OE1 1 
ATOM   419  O  OE2 . GLU A 1 53  ? 5.932   -5.920  13.373  1.00 23.71 ? 54  GLU A OE2 1 
ATOM   420  N  N   . ALA A 1 54  ? 8.501   -4.505  8.472   1.00 16.70 ? 55  ALA A N   1 
ATOM   421  C  CA  . ALA A 1 54  ? 9.658   -4.683  7.583   1.00 16.48 ? 55  ALA A CA  1 
ATOM   422  C  C   . ALA A 1 54  ? 10.848  -3.792  7.971   1.00 16.44 ? 55  ALA A C   1 
ATOM   423  O  O   . ALA A 1 54  ? 12.000  -4.171  7.759   1.00 16.91 ? 55  ALA A O   1 
ATOM   424  C  CB  . ALA A 1 54  ? 9.285   -4.453  6.125   1.00 16.52 ? 55  ALA A CB  1 
ATOM   425  N  N   . GLU A 1 55  ? 10.571  -2.625  8.536   1.00 16.63 ? 56  GLU A N   1 
ATOM   426  C  CA  . GLU A 1 55  ? 11.610  -1.688  8.948   1.00 17.32 ? 56  GLU A CA  1 
ATOM   427  C  C   . GLU A 1 55  ? 12.476  -2.213  10.074  1.00 17.54 ? 56  GLU A C   1 
ATOM   428  O  O   . GLU A 1 55  ? 13.566  -1.688  10.305  1.00 18.21 ? 56  GLU A O   1 
ATOM   429  C  CB  . GLU A 1 55  ? 10.976  -0.353  9.293   1.00 17.62 ? 56  GLU A CB  1 
ATOM   430  C  CG  . GLU A 1 55  ? 10.416  0.240   8.018   1.00 19.68 ? 56  GLU A CG  1 
ATOM   431  C  CD  . GLU A 1 55  ? 9.315   1.235   8.183   1.00 22.67 ? 56  GLU A CD  1 
ATOM   432  O  OE1 . GLU A 1 55  ? 8.988   1.630   9.327   1.00 25.44 ? 56  GLU A OE1 1 
ATOM   433  O  OE2 . GLU A 1 55  ? 8.779   1.630   7.121   1.00 25.00 ? 56  GLU A OE2 1 
ATOM   434  N  N   . ASN A 1 56  ? 12.023  -3.267  10.740  1.00 18.66 ? 57  ASN A N   1 
ATOM   435  C  CA  . ASN A 1 56  ? 12.808  -3.895  11.795  1.00 19.46 ? 57  ASN A CA  1 
ATOM   436  C  C   . ASN A 1 56  ? 13.999  -4.647  11.209  1.00 19.23 ? 57  ASN A C   1 
ATOM   437  O  O   . ASN A 1 56  ? 14.972  -4.927  11.911  1.00 20.46 ? 57  ASN A O   1 
ATOM   438  C  CB  . ASN A 1 56  ? 11.949  -4.858  12.604  1.00 20.25 ? 57  ASN A CB  1 
ATOM   439  C  CG  . ASN A 1 56  ? 10.990  -4.143  13.527  1.00 23.76 ? 57  ASN A CG  1 
ATOM   440  O  OD1 . ASN A 1 56  ? 11.049  -2.924  13.673  1.00 30.77 ? 57  ASN A OD1 1 
ATOM   441  N  ND2 . ASN A 1 56  ? 10.120  -4.902  14.184  1.00 29.90 ? 57  ASN A ND2 1 
ATOM   442  N  N   . ILE A 1 57  ? 13.904  -5.010  9.936   1.00 18.87 ? 58  ILE A N   1 
ATOM   443  C  CA  . ILE A 1 57  ? 14.998  -5.691  9.255   1.00 18.89 ? 58  ILE A CA  1 
ATOM   444  C  C   . ILE A 1 57  ? 16.099  -4.675  8.981   1.00 18.96 ? 58  ILE A C   1 
ATOM   445  O  O   . ILE A 1 57  ? 15.863  -3.582  8.473   1.00 18.59 ? 58  ILE A O   1 
ATOM   446  C  CB  . ILE A 1 57  ? 14.537  -6.323  7.928   1.00 18.84 ? 58  ILE A CB  1 
ATOM   447  C  CG1 . ILE A 1 57  ? 13.475  -7.404  8.181   1.00 19.48 ? 58  ILE A CG1 1 
ATOM   448  C  CG2 . ILE A 1 57  ? 15.744  -6.877  7.171   1.00 19.87 ? 58  ILE A CG2 1 
ATOM   449  C  CD1 . ILE A 1 57  ? 12.668  -7.801  6.987   1.00 20.36 ? 58  ILE A CD1 1 
ATOM   450  N  N   . SER A 1 58  ? 17.321  -5.044  9.323   1.00 19.87 ? 59  SER A N   1 
ATOM   451  C  CA  . SER A 1 58  ? 18.460  -4.178  9.112   1.00 20.47 ? 59  SER A CA  1 
ATOM   452  C  C   . SER A 1 58  ? 18.571  -3.667  7.670   1.00 19.97 ? 59  SER A C   1 
ATOM   453  O  O   . SER A 1 58  ? 18.553  -4.456  6.724   1.00 21.59 ? 59  SER A O   1 
ATOM   454  C  CB  . SER A 1 58  ? 19.723  -4.961  9.461   1.00 21.09 ? 59  SER A CB  1 
ATOM   455  O  OG  . SER A 1 58  ? 20.860  -4.311  8.928   1.00 24.33 ? 59  SER A OG  1 
ATOM   456  N  N   . GLY A 1 59  ? 18.691  -2.352  7.511   1.00 19.12 ? 60  GLY A N   1 
ATOM   457  C  CA  . GLY A 1 59  ? 18.826  -1.727  6.208   1.00 18.65 ? 60  GLY A CA  1 
ATOM   458  C  C   . GLY A 1 59  ? 17.607  -1.787  5.321   1.00 17.96 ? 60  GLY A C   1 
ATOM   459  O  O   . GLY A 1 59  ? 17.710  -1.535  4.119   1.00 18.88 ? 60  GLY A O   1 
ATOM   460  N  N   . CYS A 1 60  ? 16.462  -2.107  5.901   1.00 16.90 ? 61  CYS A N   1 
ATOM   461  C  CA  . CYS A 1 60  ? 15.256  -2.291  5.114   1.00 16.27 ? 61  CYS A CA  1 
ATOM   462  C  C   . CYS A 1 60  ? 14.405  -1.033  5.157   1.00 15.66 ? 61  CYS A C   1 
ATOM   463  O  O   . CYS A 1 60  ? 13.880  -0.693  6.206   1.00 16.16 ? 61  CYS A O   1 
ATOM   464  C  CB  . CYS A 1 60  ? 14.477  -3.486  5.635   1.00 15.78 ? 61  CYS A CB  1 
ATOM   465  S  SG  . CYS A 1 60  ? 13.157  -3.993  4.526   1.00 17.40 ? 61  CYS A SG  1 
ATOM   466  N  N   . ARG A 1 61  ? 14.258  -0.383  4.002   1.00 15.33 ? 62  ARG A N   1 
ATOM   467  C  CA  . ARG A 1 61  ? 13.579  0.906   3.858   1.00 15.47 ? 62  ARG A CA  1 
ATOM   468  C  C   . ARG A 1 61  ? 12.450  0.757   2.842   1.00 15.31 ? 62  ARG A C   1 
ATOM   469  O  O   . ARG A 1 61  ? 12.668  0.904   1.647   1.00 15.75 ? 62  ARG A O   1 
ATOM   470  C  CB  . ARG A 1 61  ? 14.594  1.931   3.381   1.00 15.89 ? 62  ARG A CB  1 
ATOM   471  C  CG  . ARG A 1 61  ? 15.822  2.009   4.276   1.00 17.22 ? 62  ARG A CG  1 
ATOM   472  C  CD  . ARG A 1 61  ? 16.902  2.942   3.759   1.00 20.02 ? 62  ARG A CD  1 
ATOM   473  N  NE  . ARG A 1 61  ? 17.705  2.379   2.686   1.00 21.39 ? 62  ARG A NE  1 
ATOM   474  C  CZ  . ARG A 1 61  ? 18.835  1.700   2.848   1.00 21.48 ? 62  ARG A CZ  1 
ATOM   475  N  NH1 . ARG A 1 61  ? 19.337  1.432   4.052   1.00 22.75 ? 62  ARG A NH1 1 
ATOM   476  N  NH2 . ARG A 1 61  ? 19.466  1.262   1.779   1.00 24.62 ? 62  ARG A NH2 1 
ATOM   477  N  N   . PRO A 1 62  ? 11.250  0.420   3.308   1.00 15.73 ? 63  PRO A N   1 
ATOM   478  C  CA  . PRO A 1 62  ? 10.148  0.096   2.393   1.00 15.96 ? 63  PRO A CA  1 
ATOM   479  C  C   . PRO A 1 62  ? 9.805   1.096   1.317   1.00 16.12 ? 63  PRO A C   1 
ATOM   480  O  O   . PRO A 1 62  ? 9.474   0.653   0.226   1.00 16.97 ? 63  PRO A O   1 
ATOM   481  C  CB  . PRO A 1 62  ? 8.974   -0.156  3.337   1.00 16.12 ? 63  PRO A CB  1 
ATOM   482  C  CG  . PRO A 1 62  ? 9.623   -0.624  4.589   1.00 16.01 ? 63  PRO A CG  1 
ATOM   483  C  CD  . PRO A 1 62  ? 10.870  0.201   4.714   1.00 15.94 ? 63  PRO A CD  1 
ATOM   484  N  N   . TYR A 1 63  ? 9.915   2.398   1.553   1.00 16.33 ? 64  TYR A N   1 
ATOM   485  C  CA  . TYR A 1 63  ? 9.580   3.342   0.491   1.00 17.20 ? 64  TYR A CA  1 
ATOM   486  C  C   . TYR A 1 63  ? 10.629  3.313   -0.619  1.00 16.90 ? 64  TYR A C   1 
ATOM   487  O  O   . TYR A 1 63  ? 10.354  3.748   -1.748  1.00 18.46 ? 64  TYR A O   1 
ATOM   488  C  CB  . TYR A 1 63  ? 9.507   4.793   1.004   1.00 17.58 ? 64  TYR A CB  1 
ATOM   489  C  CG  . TYR A 1 63  ? 8.264   5.237   1.776   1.00 19.79 ? 64  TYR A CG  1 
ATOM   490  C  CD1 . TYR A 1 63  ? 7.945   6.590   1.868   1.00 22.71 ? 64  TYR A CD1 1 
ATOM   491  C  CD2 . TYR A 1 63  ? 7.448   4.340   2.432   1.00 22.24 ? 64  TYR A CD2 1 
ATOM   492  C  CE1 . TYR A 1 63  ? 6.830   7.029   2.576   1.00 24.95 ? 64  TYR A CE1 1 
ATOM   493  C  CE2 . TYR A 1 63  ? 6.319   4.768   3.138   1.00 24.71 ? 64  TYR A CE2 1 
ATOM   494  C  CZ  . TYR A 1 63  ? 6.019   6.111   3.208   1.00 25.72 ? 64  TYR A CZ  1 
ATOM   495  O  OH  . TYR A 1 63  ? 4.904   6.522   3.916   1.00 29.97 ? 64  TYR A OH  1 
ATOM   496  N  N   . PHE A 1 64  ? 11.822  2.802   -0.303  1.00 16.37 ? 65  PHE A N   1 
ATOM   497  C  CA  . PHE A 1 64  ? 12.992  2.919   -1.176  1.00 16.56 ? 65  PHE A CA  1 
ATOM   498  C  C   . PHE A 1 64  ? 13.549  1.620   -1.722  1.00 17.08 ? 65  PHE A C   1 
ATOM   499  O  O   . PHE A 1 64  ? 14.192  1.621   -2.767  1.00 18.00 ? 65  PHE A O   1 
ATOM   500  C  CB  . PHE A 1 64  ? 14.081  3.692   -0.431  1.00 16.62 ? 65  PHE A CB  1 
ATOM   501  C  CG  . PHE A 1 64  ? 13.645  5.077   -0.051  1.00 15.51 ? 65  PHE A CG  1 
ATOM   502  C  CD1 . PHE A 1 64  ? 13.150  5.353   1.210   1.00 16.31 ? 65  PHE A CD1 1 
ATOM   503  C  CD2 . PHE A 1 64  ? 13.677  6.100   -0.976  1.00 17.75 ? 65  PHE A CD2 1 
ATOM   504  C  CE1 . PHE A 1 64  ? 12.712  6.619   1.545   1.00 17.17 ? 65  PHE A CE1 1 
ATOM   505  C  CE2 . PHE A 1 64  ? 13.226  7.365   -0.637  1.00 17.73 ? 65  PHE A CE2 1 
ATOM   506  C  CZ  . PHE A 1 64  ? 12.751  7.616   0.626   1.00 17.14 ? 65  PHE A CZ  1 
ATOM   507  N  N   . LYS A 1 65  ? 13.290  0.517   -1.034  1.00 16.46 ? 66  LYS A N   1 
ATOM   508  C  CA  . LYS A 1 65  ? 13.822  -0.766  -1.438  1.00 16.81 ? 66  LYS A CA  1 
ATOM   509  C  C   . LYS A 1 65  ? 13.247  -1.240  -2.749  1.00 17.22 ? 66  LYS A C   1 
ATOM   510  O  O   . LYS A 1 65  ? 12.033  -1.390  -2.880  1.00 17.80 ? 66  LYS A O   1 
ATOM   511  C  CB  . LYS A 1 65  ? 13.498  -1.813  -0.381  1.00 16.66 ? 66  LYS A CB  1 
ATOM   512  C  CG  . LYS A 1 65  ? 13.882  -3.203  -0.815  1.00 17.45 ? 66  LYS A CG  1 
ATOM   513  C  CD  . LYS A 1 65  ? 15.384  -3.418  -0.821  1.00 18.18 ? 66  LYS A CD  1 
ATOM   514  C  CE  . LYS A 1 65  ? 15.747  -4.793  -1.344  1.00 20.34 ? 66  LYS A CE  1 
ATOM   515  N  NZ  . LYS A 1 65  ? 17.195  -4.961  -1.648  1.00 24.27 ? 66  LYS A NZ  1 
ATOM   516  N  N   . THR A 1 66  ? 14.120  -1.478  -3.719  1.00 17.58 ? 67  THR A N   1 
ATOM   517  C  CA  . THR A 1 66  ? 13.702  -2.009  -4.999  1.00 18.00 ? 67  THR A CA  1 
ATOM   518  C  C   . THR A 1 66  ? 13.645  -3.520  -4.922  1.00 17.83 ? 67  THR A C   1 
ATOM   519  O  O   . THR A 1 66  ? 14.667  -4.186  -4.730  1.00 19.35 ? 67  THR A O   1 
ATOM   520  C  CB  . THR A 1 66  ? 14.679  -1.588  -6.088  1.00 18.44 ? 67  THR A CB  1 
ATOM   521  O  OG1 . THR A 1 66  ? 14.666  -0.155  -6.211  1.00 19.67 ? 67  THR A OG1 1 
ATOM   522  C  CG2 . THR A 1 66  ? 14.236  -2.133  -7.451  1.00 19.73 ? 67  THR A CG2 1 
ATOM   523  N  N   . TYR A 1 67  ? 12.450  -4.061  -5.083  1.00 17.70 ? 68  TYR A N   1 
ATOM   524  C  CA  . TYR A 1 67  ? 12.277  -5.495  -5.067  1.00 17.03 ? 68  TYR A CA  1 
ATOM   525  C  C   . TYR A 1 67  ? 12.057  -6.020  -6.491  1.00 17.17 ? 68  TYR A C   1 
ATOM   526  O  O   . TYR A 1 67  ? 12.058  -5.256  -7.470  1.00 18.15 ? 68  TYR A O   1 
ATOM   527  C  CB  . TYR A 1 67  ? 11.135  -5.892  -4.128  1.00 16.98 ? 68  TYR A CB  1 
ATOM   528  C  CG  . TYR A 1 67  ? 9.862   -5.098  -4.290  1.00 16.38 ? 68  TYR A CG  1 
ATOM   529  C  CD1 . TYR A 1 67  ? 9.062   -5.259  -5.407  1.00 17.31 ? 68  TYR A CD1 1 
ATOM   530  C  CD2 . TYR A 1 67  ? 9.439   -4.221  -3.303  1.00 15.42 ? 68  TYR A CD2 1 
ATOM   531  C  CE1 . TYR A 1 67  ? 7.888   -4.546  -5.552  1.00 17.14 ? 68  TYR A CE1 1 
ATOM   532  C  CE2 . TYR A 1 67  ? 8.263   -3.512  -3.429  1.00 16.01 ? 68  TYR A CE2 1 
ATOM   533  C  CZ  . TYR A 1 67  ? 7.482   -3.676  -4.552  1.00 15.91 ? 68  TYR A CZ  1 
ATOM   534  O  OH  . TYR A 1 67  ? 6.313   -2.967  -4.699  1.00 16.96 ? 68  TYR A OH  1 
ATOM   535  N  N   . SER A 1 68  ? 11.902  -7.331  -6.596  1.00 17.42 ? 69  SER A N   1 
ATOM   536  C  CA  . SER A 1 68  ? 11.676  -7.965  -7.887  1.00 18.16 ? 69  SER A CA  1 
ATOM   537  C  C   . SER A 1 68  ? 10.253  -8.521  -7.906  1.00 18.03 ? 69  SER A C   1 
ATOM   538  O  O   . SER A 1 68  ? 9.897   -9.337  -7.058  1.00 18.22 ? 69  SER A O   1 
ATOM   539  C  CB  . SER A 1 68  ? 12.699  -9.064  -8.122  1.00 18.60 ? 69  SER A CB  1 
ATOM   540  O  OG  . SER A 1 68  ? 12.430  -9.715  -9.348  1.00 20.88 ? 69  SER A OG  1 
ATOM   541  N  N   . TYR A 1 69  ? 9.447   -8.062  -8.862  1.00 18.28 ? 70  TYR A N   1 
ATOM   542  C  CA  . TYR A 1 69  ? 8.043   -8.483  -8.964  1.00 18.37 ? 70  TYR A CA  1 
ATOM   543  C  C   . TYR A 1 69  ? 7.567   -8.451  -10.415 1.00 18.75 ? 70  TYR A C   1 
ATOM   544  O  O   . TYR A 1 69  ? 8.229   -7.908  -11.293 1.00 19.53 ? 70  TYR A O   1 
ATOM   545  C  CB  . TYR A 1 69  ? 7.115   -7.610  -8.096  1.00 18.23 ? 70  TYR A CB  1 
ATOM   546  C  CG  . TYR A 1 69  ? 6.790   -6.276  -8.727  1.00 18.08 ? 70  TYR A CG  1 
ATOM   547  C  CD1 . TYR A 1 69  ? 5.518   -6.002  -9.222  1.00 18.86 ? 70  TYR A CD1 1 
ATOM   548  C  CD2 . TYR A 1 69  ? 7.770   -5.299  -8.856  1.00 16.75 ? 70  TYR A CD2 1 
ATOM   549  C  CE1 . TYR A 1 69  ? 5.238   -4.785  -9.817  1.00 19.17 ? 70  TYR A CE1 1 
ATOM   550  C  CE2 . TYR A 1 69  ? 7.504   -4.090  -9.450  1.00 17.98 ? 70  TYR A CE2 1 
ATOM   551  C  CZ  . TYR A 1 69  ? 6.233   -3.834  -9.921  1.00 18.45 ? 70  TYR A CZ  1 
ATOM   552  O  OH  . TYR A 1 69  ? 5.963   -2.630  -10.518 1.00 22.93 ? 70  TYR A OH  1 
ATOM   553  N  N   . GLU A 1 70  ? 6.409   -9.043  -10.655 1.00 19.84 ? 71  GLU A N   1 
ATOM   554  C  CA  . GLU A 1 70  ? 5.805   -9.045  -11.973 1.00 20.55 ? 71  GLU A CA  1 
ATOM   555  C  C   . GLU A 1 70  ? 4.305   -8.811  -11.843 1.00 20.55 ? 71  GLU A C   1 
ATOM   556  O  O   . GLU A 1 70  ? 3.682   -9.295  -10.905 1.00 19.99 ? 71  GLU A O   1 
ATOM   557  C  CB  . GLU A 1 70  ? 6.055   -10.395 -12.646 1.00 21.13 ? 71  GLU A CB  1 
ATOM   558  C  CG  . GLU A 1 70  ? 5.366   -10.564 -13.988 1.00 23.44 ? 71  GLU A CG  1 
ATOM   559  C  CD  . GLU A 1 70  ? 5.736   -11.861 -14.679 1.00 27.79 ? 71  GLU A CD  1 
ATOM   560  O  OE1 . GLU A 1 70  ? 6.674   -12.544 -14.208 1.00 30.70 ? 71  GLU A OE1 1 
ATOM   561  O  OE2 . GLU A 1 70  ? 5.086   -12.196 -15.695 1.00 31.35 ? 71  GLU A OE2 1 
ATOM   562  N  N   . CYS A 1 71  ? 3.728   -8.047  -12.763 1.00 21.72 ? 72  CYS A N   1 
ATOM   563  C  CA  . CYS A 1 71  ? 2.270   -7.926  -12.826 1.00 23.35 ? 72  CYS A CA  1 
ATOM   564  C  C   . CYS A 1 71  ? 1.942   -8.279  -14.266 1.00 23.22 ? 72  CYS A C   1 
ATOM   565  O  O   . CYS A 1 71  ? 2.309   -7.572  -15.206 1.00 23.85 ? 72  CYS A O   1 
ATOM   566  C  CB  . CYS A 1 71  ? 1.705   -6.565  -12.389 1.00 24.39 ? 72  CYS A CB  1 
ATOM   567  S  SG  . CYS A 1 71  ? -0.105  -6.574  -12.025 1.00 30.65 ? 72  CYS A SG  1 
ATOM   568  N  N   . THR A 1 72  ? 1.308   -9.431  -14.413 1.00 23.32 ? 73  THR A N   1 
ATOM   569  C  CA  . THR A 1 72  ? 0.983   -9.972  -15.707 1.00 23.84 ? 73  THR A CA  1 
ATOM   570  C  C   . THR A 1 72  ? -0.322  -10.701 -15.720 1.00 22.20 ? 73  THR A C   1 
ATOM   571  O  O   . THR A 1 72  ? -0.589  -11.551 -14.857 1.00 21.89 ? 73  THR A O   1 
ATOM   572  C  CB  . THR A 1 72  ? 1.975   -11.042 -16.042 1.00 24.01 ? 73  THR A CB  1 
ATOM   573  O  OG1 . THR A 1 72  ? 3.265   -10.474 -16.264 1.00 28.71 ? 73  THR A OG1 1 
ATOM   574  C  CG2 . THR A 1 72  ? 1.591   -11.679 -17.338 1.00 25.75 ? 73  THR A CG2 1 
ATOM   575  N  N   . GLN A 1 73  ? -1.118  -10.398 -16.733 1.00 21.07 ? 74  GLN A N   1 
ATOM   576  C  CA  . GLN A 1 73  ? -2.372  -11.113 -16.940 1.00 20.39 ? 74  GLN A CA  1 
ATOM   577  C  C   . GLN A 1 73  ? -3.197  -11.210 -15.667 1.00 20.20 ? 74  GLN A C   1 
ATOM   578  O  O   . GLN A 1 73  ? -3.760  -12.259 -15.353 1.00 20.16 ? 74  GLN A O   1 
ATOM   579  C  CB  . GLN A 1 73  ? -2.058  -12.483 -17.508 1.00 20.08 ? 74  GLN A CB  1 
ATOM   580  C  CG  . GLN A 1 73  ? -1.624  -12.401 -18.957 1.00 20.84 ? 74  GLN A CG  1 
ATOM   581  C  CD  . GLN A 1 73  ? -1.271  -13.729 -19.579 1.00 21.44 ? 74  GLN A CD  1 
ATOM   582  O  OE1 . GLN A 1 73  ? -1.257  -14.763 -18.920 1.00 23.28 ? 74  GLN A OE1 1 
ATOM   583  N  NE2 . GLN A 1 73  ? -0.975  -13.695 -20.872 1.00 23.27 ? 74  GLN A NE2 1 
ATOM   584  N  N   . GLY A 1 74  ? -3.284  -10.092 -14.953 1.00 20.64 ? 75  GLY A N   1 
ATOM   585  C  CA  . GLY A 1 74  ? -4.115  -9.981  -13.769 1.00 21.18 ? 75  GLY A CA  1 
ATOM   586  C  C   . GLY A 1 74  ? -3.521  -10.467 -12.468 1.00 21.21 ? 75  GLY A C   1 
ATOM   587  O  O   . GLY A 1 74  ? -4.178  -10.390 -11.429 1.00 22.11 ? 75  GLY A O   1 
ATOM   588  N  N   . THR A 1 75  ? -2.290  -10.964 -12.514 1.00 20.59 ? 76  THR A N   1 
ATOM   589  C  CA  . THR A 1 75  ? -1.640  -11.506 -11.330 1.00 20.45 ? 76  THR A CA  1 
ATOM   590  C  C   . THR A 1 75  ? -0.362  -10.766 -10.932 1.00 20.05 ? 76  THR A C   1 
ATOM   591  O  O   . THR A 1 75  ? 0.493   -10.491 -11.773 1.00 19.97 ? 76  THR A O   1 
ATOM   592  C  CB  . THR A 1 75  ? -1.285  -12.976 -11.594 1.00 20.64 ? 76  THR A CB  1 
ATOM   593  O  OG1 . THR A 1 75  ? -2.489  -13.773 -11.636 1.00 22.22 ? 76  THR A OG1 1 
ATOM   594  C  CG2 . THR A 1 75  ? -0.447  -13.560 -10.475 1.00 20.86 ? 76  THR A CG2 1 
ATOM   595  N  N   . LEU A 1 76  ? -0.222  -10.499 -9.636  1.00 19.84 ? 77  LEU A N   1 
ATOM   596  C  CA  . LEU A 1 76  ? 1.008   -9.942  -9.080  1.00 19.96 ? 77  LEU A CA  1 
ATOM   597  C  C   . LEU A 1 76  ? 1.818   -11.056 -8.428  1.00 20.10 ? 77  LEU A C   1 
ATOM   598  O  O   . LEU A 1 76  ? 1.279   -11.830 -7.643  1.00 20.67 ? 77  LEU A O   1 
ATOM   599  C  CB  . LEU A 1 76  ? 0.690   -8.918  -7.985  1.00 20.41 ? 77  LEU A CB  1 
ATOM   600  C  CG  . LEU A 1 76  ? 0.319   -7.523  -8.413  1.00 20.61 ? 77  LEU A CG  1 
ATOM   601  C  CD1 . LEU A 1 76  ? -0.256  -6.801  -7.188  1.00 20.08 ? 77  LEU A CD1 1 
ATOM   602  C  CD2 . LEU A 1 76  ? 1.552   -6.834  -8.915  1.00 22.19 ? 77  LEU A CD2 1 
ATOM   603  N  N   . THR A 1 77  ? 3.112   -11.108 -8.721  1.00 20.43 ? 78  THR A N   1 
ATOM   604  C  CA  . THR A 1 77  ? 4.002   -12.091 -8.127  1.00 21.17 ? 78  THR A CA  1 
ATOM   605  C  C   . THR A 1 77  ? 5.278   -11.447 -7.618  1.00 20.78 ? 78  THR A C   1 
ATOM   606  O  O   . THR A 1 77  ? 5.946   -10.725 -8.359  1.00 21.55 ? 78  THR A O   1 
ATOM   607  C  CB  . THR A 1 77  ? 4.419   -13.138 -9.180  1.00 21.47 ? 78  THR A CB  1 
ATOM   608  O  OG1 . THR A 1 77  ? 3.249   -13.724 -9.773  1.00 24.01 ? 78  THR A OG1 1 
ATOM   609  C  CG2 . THR A 1 77  ? 5.153   -14.303 -8.543  1.00 22.57 ? 78  THR A CG2 1 
ATOM   610  N  N   . CYS A 1 78  ? 5.621   -11.734 -6.366  1.00 20.74 ? 79  CYS A N   1 
ATOM   611  C  CA  . CYS A 1 78  ? 6.912   -11.350 -5.813  1.00 21.02 ? 79  CYS A CA  1 
ATOM   612  C  C   . CYS A 1 78  ? 7.875   -12.489 -6.162  1.00 22.12 ? 79  CYS A C   1 
ATOM   613  O  O   . CYS A 1 78  ? 7.609   -13.659 -5.869  1.00 22.28 ? 79  CYS A O   1 
ATOM   614  C  CB  . CYS A 1 78  ? 6.817   -11.138 -4.308  1.00 20.94 ? 79  CYS A CB  1 
ATOM   615  S  SG  . CYS A 1 78  ? 5.769   -9.721  -3.918  1.00 20.01 ? 79  CYS A SG  1 
ATOM   616  N  N   . LYS A 1 79  ? 8.984   -12.149 -6.798  1.00 23.06 ? 80  LYS A N   1 
ATOM   617  C  CA  . LYS A 1 79  ? 9.894   -13.151 -7.340  1.00 24.52 ? 80  LYS A CA  1 
ATOM   618  C  C   . LYS A 1 79  ? 10.868  -13.756 -6.335  1.00 25.32 ? 80  LYS A C   1 
ATOM   619  O  O   . LYS A 1 79  ? 11.138  -13.194 -5.275  1.00 25.61 ? 80  LYS A O   1 
ATOM   620  C  CB  . LYS A 1 79  ? 10.641  -12.550 -8.518  1.00 24.54 ? 80  LYS A CB  1 
ATOM   621  C  CG  . LYS A 1 79  ? 9.749   -12.362 -9.735  1.00 26.24 ? 80  LYS A CG  1 
ATOM   622  C  CD  . LYS A 1 79  ? 10.446  -11.529 -10.792 1.00 28.83 ? 80  LYS A CD  1 
ATOM   623  C  CE  . LYS A 1 79  ? 10.253  -12.078 -12.183 1.00 31.02 ? 80  LYS A CE  1 
ATOM   624  N  NZ  . LYS A 1 79  ? 11.238  -11.491 -13.130 1.00 33.00 ? 80  LYS A NZ  1 
ATOM   625  N  N   . GLY A 1 80  ? 11.398  -14.922 -6.687  1.00 26.47 ? 81  GLY A N   1 
ATOM   626  C  CA  . GLY A 1 80  ? 12.322  -15.636 -5.820  1.00 26.95 ? 81  GLY A CA  1 
ATOM   627  C  C   . GLY A 1 80  ? 13.677  -14.991 -5.579  1.00 27.29 ? 81  GLY A C   1 
ATOM   628  O  O   . GLY A 1 80  ? 14.359  -15.365 -4.624  1.00 28.50 ? 81  GLY A O   1 
ATOM   629  N  N   . ASP A 1 81  ? 14.092  -14.037 -6.407  1.00 27.59 ? 82  ASP A N   1 
ATOM   630  C  CA  . ASP A 1 81  ? 15.413  -13.419 -6.198  1.00 27.41 ? 82  ASP A CA  1 
ATOM   631  C  C   . ASP A 1 81  ? 15.410  -12.358 -5.077  1.00 26.53 ? 82  ASP A C   1 
ATOM   632  O  O   . ASP A 1 81  ? 16.422  -11.705 -4.825  1.00 27.98 ? 82  ASP A O   1 
ATOM   633  C  CB  . ASP A 1 81  ? 16.046  -12.886 -7.501  1.00 27.98 ? 82  ASP A CB  1 
ATOM   634  C  CG  . ASP A 1 81  ? 15.176  -11.907 -8.240  1.00 29.88 ? 82  ASP A CG  1 
ATOM   635  O  OD1 . ASP A 1 81  ? 13.943  -12.106 -8.296  1.00 32.20 ? 82  ASP A OD1 1 
ATOM   636  O  OD2 . ASP A 1 81  ? 15.662  -10.910 -8.825  1.00 33.50 ? 82  ASP A OD2 1 
ATOM   637  N  N   . ASN A 1 82  ? 14.296  -12.233 -4.370  1.00 24.35 ? 83  ASN A N   1 
ATOM   638  C  CA  . ASN A 1 82  ? 14.177  -11.225 -3.321  1.00 22.51 ? 83  ASN A CA  1 
ATOM   639  C  C   . ASN A 1 82  ? 14.823  -11.638 -2.005  1.00 21.47 ? 83  ASN A C   1 
ATOM   640  O  O   . ASN A 1 82  ? 14.572  -12.738 -1.500  1.00 21.94 ? 83  ASN A O   1 
ATOM   641  C  CB  . ASN A 1 82  ? 12.703  -10.929 -3.040  1.00 21.74 ? 83  ASN A CB  1 
ATOM   642  C  CG  . ASN A 1 82  ? 12.061  -10.043 -4.082  1.00 20.98 ? 83  ASN A CG  1 
ATOM   643  O  OD1 . ASN A 1 82  ? 12.673  -9.117  -4.610  1.00 18.45 ? 83  ASN A OD1 1 
ATOM   644  N  ND2 . ASN A 1 82  ? 10.792  -10.314 -4.367  1.00 22.31 ? 83  ASN A ND2 1 
ATOM   645  N  N   . ASN A 1 83  ? 15.639  -10.755 -1.427  1.00 20.67 ? 84  ASN A N   1 
ATOM   646  C  CA  . ASN A 1 83  ? 16.178  -11.003 -0.095  1.00 19.80 ? 84  ASN A CA  1 
ATOM   647  C  C   . ASN A 1 83  ? 15.054  -10.809 0.934   1.00 19.20 ? 84  ASN A C   1 
ATOM   648  O  O   . ASN A 1 83  ? 13.912  -10.510 0.546   1.00 19.01 ? 84  ASN A O   1 
ATOM   649  C  CB  . ASN A 1 83  ? 17.440  -10.180 0.210   1.00 19.65 ? 84  ASN A CB  1 
ATOM   650  C  CG  . ASN A 1 83  ? 17.198  -8.673  0.287   1.00 19.91 ? 84  ASN A CG  1 
ATOM   651  O  OD1 . ASN A 1 83  ? 16.082  -8.215  0.486   1.00 20.79 ? 84  ASN A OD1 1 
ATOM   652  N  ND2 . ASN A 1 83  ? 18.279  -7.900  0.164   1.00 21.59 ? 84  ASN A ND2 1 
ATOM   653  N  N   . ALA A 1 84  ? 15.353  -10.963 2.220   1.00 18.83 ? 85  ALA A N   1 
ATOM   654  C  CA  . ALA A 1 84  ? 14.304  -10.920 3.245   1.00 18.28 ? 85  ALA A CA  1 
ATOM   655  C  C   . ALA A 1 84  ? 13.558  -9.588  3.214   1.00 17.80 ? 85  ALA A C   1 
ATOM   656  O  O   . ALA A 1 84  ? 12.330  -9.559  3.222   1.00 18.47 ? 85  ALA A O   1 
ATOM   657  C  CB  . ALA A 1 84  ? 14.852  -11.197 4.616   1.00 19.03 ? 85  ALA A CB  1 
ATOM   658  N  N   . CYS A 1 85  ? 14.304  -8.491  3.161   1.00 17.49 ? 86  CYS A N   1 
ATOM   659  C  CA  . CYS A 1 85  ? 13.701  -7.163  3.076   1.00 17.19 ? 86  CYS A CA  1 
ATOM   660  C  C   . CYS A 1 85  ? 12.825  -7.023  1.821   1.00 16.55 ? 86  CYS A C   1 
ATOM   661  O  O   . CYS A 1 85  ? 11.647  -6.639  1.894   1.00 17.17 ? 86  CYS A O   1 
ATOM   662  C  CB  . CYS A 1 85  ? 14.792  -6.090  3.071   1.00 16.90 ? 86  CYS A CB  1 
ATOM   663  S  SG  . CYS A 1 85  ? 14.165  -4.431  2.814   1.00 17.50 ? 86  CYS A SG  1 
ATOM   664  N  N   . ALA A 1 86  ? 13.393  -7.338  0.665   1.00 16.50 ? 87  ALA A N   1 
ATOM   665  C  CA  . ALA A 1 86  ? 12.666  -7.199  -0.594  1.00 16.24 ? 87  ALA A CA  1 
ATOM   666  C  C   . ALA A 1 86  ? 11.395  -8.080  -0.569  1.00 16.19 ? 87  ALA A C   1 
ATOM   667  O  O   . ALA A 1 86  ? 10.301  -7.644  -0.963  1.00 16.26 ? 87  ALA A O   1 
ATOM   668  C  CB  . ALA A 1 86  ? 13.560  -7.568  -1.762  1.00 16.87 ? 87  ALA A CB  1 
ATOM   669  N  N   . ALA A 1 87  ? 11.532  -9.309  -0.086  1.00 16.76 ? 88  ALA A N   1 
ATOM   670  C  CA  . ALA A 1 87  ? 10.383  -10.224 -0.012  1.00 16.90 ? 88  ALA A CA  1 
ATOM   671  C  C   . ALA A 1 87  ? 9.288   -9.684  0.892   1.00 16.94 ? 88  ALA A C   1 
ATOM   672  O  O   . ALA A 1 87  ? 8.105   -9.741  0.558   1.00 17.71 ? 88  ALA A O   1 
ATOM   673  C  CB  . ALA A 1 87  ? 10.816  -11.594 0.461   1.00 16.94 ? 88  ALA A CB  1 
ATOM   674  N  N   . SER A 1 88  ? 9.675   -9.158  2.045   1.00 17.02 ? 89  SER A N   1 
ATOM   675  C  CA  . SER A 1 88  ? 8.706   -8.628  2.990   1.00 17.36 ? 89  SER A CA  1 
ATOM   676  C  C   . SER A 1 88  ? 7.978   -7.419  2.407   1.00 16.71 ? 89  SER A C   1 
ATOM   677  O  O   . SER A 1 88  ? 6.738   -7.338  2.424   1.00 16.61 ? 89  SER A O   1 
ATOM   678  C  CB  . SER A 1 88  ? 9.394   -8.240  4.294   1.00 18.02 ? 89  SER A CB  1 
ATOM   679  O  OG  . SER A 1 88  ? 9.766   -9.405  5.010   1.00 21.99 ? 89  SER A OG  1 
ATOM   680  N  N   . VAL A 1 89  ? 8.747   -6.470  1.889   1.00 15.26 ? 90  VAL A N   1 
ATOM   681  C  CA  . VAL A 1 89  ? 8.171   -5.252  1.360   1.00 15.22 ? 90  VAL A CA  1 
ATOM   682  C  C   . VAL A 1 89  ? 7.296   -5.570  0.144   1.00 14.99 ? 90  VAL A C   1 
ATOM   683  O  O   . VAL A 1 89  ? 6.192   -5.042  0.000   1.00 15.10 ? 90  VAL A O   1 
ATOM   684  C  CB  . VAL A 1 89  ? 9.271   -4.233  1.015   1.00 15.17 ? 90  VAL A CB  1 
ATOM   685  C  CG1 . VAL A 1 89  ? 8.700   -3.012  0.356   1.00 14.99 ? 90  VAL A CG1 1 
ATOM   686  C  CG2 . VAL A 1 89  ? 10.017  -3.841  2.291   1.00 16.07 ? 90  VAL A CG2 1 
ATOM   687  N  N   . CYS A 1 90  ? 7.799   -6.408  -0.758  1.00 15.21 ? 91  CYS A N   1 
ATOM   688  C  CA  . CYS A 1 90  ? 7.002   -6.802  -1.915  1.00 15.69 ? 91  CYS A CA  1 
ATOM   689  C  C   . CYS A 1 90  ? 5.679   -7.421  -1.458  1.00 15.80 ? 91  CYS A C   1 
ATOM   690  O  O   . CYS A 1 90  ? 4.611   -7.103  -2.009  1.00 16.53 ? 91  CYS A O   1 
ATOM   691  C  CB  . CYS A 1 90  ? 7.785   -7.764  -2.808  1.00 16.09 ? 91  CYS A CB  1 
ATOM   692  S  SG  . CYS A 1 90  ? 6.953   -8.122  -4.359  1.00 17.88 ? 91  CYS A SG  1 
ATOM   693  N  N   . ASP A 1 91  ? 5.737   -8.289  -0.456  1.00 16.34 ? 92  ASP A N   1 
ATOM   694  C  CA  . ASP A 1 91  ? 4.511   -8.921  0.026   1.00 17.10 ? 92  ASP A CA  1 
ATOM   695  C  C   . ASP A 1 91  ? 3.557   -7.870  0.584   1.00 16.80 ? 92  ASP A C   1 
ATOM   696  O  O   . ASP A 1 91  ? 2.364   -7.925  0.295   1.00 17.54 ? 92  ASP A O   1 
ATOM   697  C  CB  . ASP A 1 91  ? 4.778   -10.020 1.033   1.00 18.03 ? 92  ASP A CB  1 
ATOM   698  C  CG  . ASP A 1 91  ? 3.628   -10.985 1.136   1.00 21.35 ? 92  ASP A CG  1 
ATOM   699  O  OD1 . ASP A 1 91  ? 3.255   -11.561 0.077   1.00 25.41 ? 92  ASP A OD1 1 
ATOM   700  O  OD2 . ASP A 1 91  ? 3.072   -11.213 2.230   1.00 25.82 ? 92  ASP A OD2 1 
ATOM   701  N  N   . CYS A 1 92  ? 4.069   -6.902  1.340   1.00 15.95 ? 93  CYS A N   1 
ATOM   702  C  CA  . CYS A 1 92  ? 3.214   -5.845  1.887   1.00 16.06 ? 93  CYS A CA  1 
ATOM   703  C  C   . CYS A 1 92  ? 2.477   -5.168  0.748   1.00 15.56 ? 93  CYS A C   1 
ATOM   704  O  O   . CYS A 1 92  ? 1.265   -4.946  0.819   1.00 15.86 ? 93  CYS A O   1 
ATOM   705  C  CB  . CYS A 1 92  ? 4.002   -4.760  2.640   1.00 16.18 ? 93  CYS A CB  1 
ATOM   706  S  SG  . CYS A 1 92  ? 4.923   -5.276  4.096   1.00 16.92 ? 93  CYS A SG  1 
ATOM   707  N  N   . ASP A 1 93  ? 3.231   -4.799  -0.281  1.00 15.26 ? 94  ASP A N   1 
ATOM   708  C  CA  . ASP A 1 93  ? 2.692   -4.076  -1.428  1.00 15.67 ? 94  ASP A CA  1 
ATOM   709  C  C   . ASP A 1 93  ? 1.696   -4.903  -2.221  1.00 15.98 ? 94  ASP A C   1 
ATOM   710  O  O   . ASP A 1 93  ? 0.639   -4.396  -2.598  1.00 16.27 ? 94  ASP A O   1 
ATOM   711  C  CB  . ASP A 1 93  ? 3.821   -3.620  -2.336  1.00 15.90 ? 94  ASP A CB  1 
ATOM   712  C  CG  . ASP A 1 93  ? 4.588   -2.432  -1.786  1.00 15.77 ? 94  ASP A CG  1 
ATOM   713  O  OD1 . ASP A 1 93  ? 4.254   -1.917  -0.682  1.00 16.33 ? 94  ASP A OD1 1 
ATOM   714  O  OD2 . ASP A 1 93  ? 5.552   -1.937  -2.408  1.00 15.37 ? 94  ASP A OD2 1 
ATOM   715  N  N   . ARG A 1 94  ? 2.041   -6.162  -2.465  1.00 16.19 ? 95  ARG A N   1 
ATOM   716  C  CA  . ARG A 1 94  ? 1.183   -7.070  -3.215  1.00 16.29 ? 95  ARG A CA  1 
ATOM   717  C  C   . ARG A 1 94  ? -0.149  -7.233  -2.507  1.00 16.83 ? 95  ARG A C   1 
ATOM   718  O  O   . ARG A 1 94  ? -1.208  -7.052  -3.119  1.00 17.87 ? 95  ARG A O   1 
ATOM   719  C  CB  . ARG A 1 94  ? 1.858   -8.430  -3.377  1.00 16.96 ? 95  ARG A CB  1 
ATOM   720  C  CG  . ARG A 1 94  ? 1.050   -9.481  -4.104  1.00 17.93 ? 95  ARG A CG  1 
ATOM   721  C  CD  . ARG A 1 94  ? 1.784   -10.805 -4.177  1.00 18.55 ? 95  ARG A CD  1 
ATOM   722  N  NE  . ARG A 1 94  ? 1.843   -11.434 -2.871  1.00 20.07 ? 95  ARG A NE  1 
ATOM   723  C  CZ  . ARG A 1 94  ? 0.862   -12.150 -2.336  1.00 22.59 ? 95  ARG A CZ  1 
ATOM   724  N  NH1 . ARG A 1 94  ? -0.279  -12.327 -2.994  1.00 24.23 ? 95  ARG A NH1 1 
ATOM   725  N  NH2 . ARG A 1 94  ? 1.011   -12.670 -1.126  1.00 24.60 ? 95  ARG A NH2 1 
ATOM   726  N  N   . LEU A 1 95  ? -0.118  -7.550  -1.220  1.00 17.89 ? 96  LEU A N   1 
ATOM   727  C  CA  . LEU A 1 95  ? -1.360  -7.753  -0.476  1.00 18.33 ? 96  LEU A CA  1 
ATOM   728  C  C   . LEU A 1 95  ? -2.222  -6.490  -0.457  1.00 18.45 ? 96  LEU A C   1 
ATOM   729  O  O   . LEU A 1 95  ? -3.454  -6.561  -0.562  1.00 19.22 ? 96  LEU A O   1 
ATOM   730  C  CB  . LEU A 1 95  ? -1.089  -8.251  0.935   1.00 18.44 ? 96  LEU A CB  1 
ATOM   731  C  CG  . LEU A 1 95  ? -0.491  -9.662  0.980   1.00 20.13 ? 96  LEU A CG  1 
ATOM   732  C  CD1 . LEU A 1 95  ? -0.083  -10.026 2.393   1.00 21.82 ? 96  LEU A CD1 1 
ATOM   733  C  CD2 . LEU A 1 95  ? -1.460  -10.705 0.435   1.00 20.87 ? 96  LEU A CD2 1 
ATOM   734  N  N   . ALA A 1 96  ? -1.586  -5.333  -0.326  1.00 18.22 ? 97  ALA A N   1 
ATOM   735  C  CA  . ALA A 1 96  ? -2.318  -4.066  -0.288  1.00 18.71 ? 97  ALA A CA  1 
ATOM   736  C  C   . ALA A 1 96  ? -2.972  -3.786  -1.641  1.00 19.14 ? 97  ALA A C   1 
ATOM   737  O  O   . ALA A 1 96  ? -4.121  -3.358  -1.719  1.00 19.46 ? 97  ALA A O   1 
ATOM   738  C  CB  . ALA A 1 96  ? -1.391  -2.917  0.090   1.00 19.05 ? 97  ALA A CB  1 
ATOM   739  N  N   . ALA A 1 97  ? -2.228  -3.998  -2.718  1.00 19.20 ? 98  ALA A N   1 
ATOM   740  C  CA  . ALA A 1 97  ? -2.754  -3.761  -4.058  1.00 19.74 ? 98  ALA A CA  1 
ATOM   741  C  C   . ALA A 1 97  ? -3.973  -4.633  -4.324  1.00 20.52 ? 98  ALA A C   1 
ATOM   742  O  O   . ALA A 1 97  ? -4.975  -4.168  -4.889  1.00 21.03 ? 98  ALA A O   1 
ATOM   743  C  CB  . ALA A 1 97  ? -1.670  -3.999  -5.083  1.00 19.86 ? 98  ALA A CB  1 
ATOM   744  N  N   . ILE A 1 98  ? -3.896  -5.892  -3.911  1.00 20.81 ? 99  ILE A N   1 
ATOM   745  C  CA  . ILE A 1 98  ? -5.023  -6.809  -4.064  1.00 21.65 ? 99  ILE A CA  1 
ATOM   746  C  C   . ILE A 1 98  ? -6.179  -6.316  -3.194  1.00 21.86 ? 99  ILE A C   1 
ATOM   747  O  O   . ILE A 1 98  ? -7.338  -6.323  -3.624  1.00 22.70 ? 99  ILE A O   1 
ATOM   748  C  CB  . ILE A 1 98  ? -4.598  -8.228  -3.682  1.00 21.98 ? 99  ILE A CB  1 
ATOM   749  C  CG1 . ILE A 1 98  ? -3.623  -8.772  -4.733  1.00 21.49 ? 99  ILE A CG1 1 
ATOM   750  C  CG2 . ILE A 1 98  ? -5.802  -9.146  -3.564  1.00 22.88 ? 99  ILE A CG2 1 
ATOM   751  C  CD1 . ILE A 1 98  ? -2.868  -9.986  -4.288  1.00 21.83 ? 99  ILE A CD1 1 
ATOM   752  N  N   . CYS A 1 99  ? -5.861  -5.869  -1.982  1.00 21.79 ? 100 CYS A N   1 
ATOM   753  C  CA  . CYS A 1 99  ? -6.868  -5.371  -1.053  1.00 22.09 ? 100 CYS A CA  1 
ATOM   754  C  C   . CYS A 1 99  ? -7.601  -4.162  -1.654  1.00 22.48 ? 100 CYS A C   1 
ATOM   755  O  O   . CYS A 1 99  ? -8.834  -4.081  -1.591  1.00 22.99 ? 100 CYS A O   1 
ATOM   756  C  CB  . CYS A 1 99  ? -6.224  -5.013  0.292   1.00 21.72 ? 100 CYS A CB  1 
ATOM   757  S  SG  . CYS A 1 99  ? -7.415  -4.720  1.617   1.00 23.11 ? 100 CYS A SG  1 
ATOM   758  N  N   . PHE A 1 100 ? -6.846  -3.246  -2.257  1.00 22.65 ? 101 PHE A N   1 
ATOM   759  C  CA  . PHE A 1 100 ? -7.400  -2.038  -2.876  1.00 23.00 ? 101 PHE A CA  1 
ATOM   760  C  C   . PHE A 1 100 ? -8.416  -2.399  -3.955  1.00 24.07 ? 101 PHE A C   1 
ATOM   761  O  O   . PHE A 1 100 ? -9.466  -1.754  -4.078  1.00 24.73 ? 101 PHE A O   1 
ATOM   762  C  CB  . PHE A 1 100 ? -6.303  -1.189  -3.532  1.00 23.21 ? 101 PHE A CB  1 
ATOM   763  C  CG  . PHE A 1 100 ? -5.380  -0.478  -2.570  1.00 21.58 ? 101 PHE A CG  1 
ATOM   764  C  CD1 . PHE A 1 100 ? -5.440  -0.679  -1.200  1.00 22.52 ? 101 PHE A CD1 1 
ATOM   765  C  CD2 . PHE A 1 100 ? -4.434  0.405   -3.062  1.00 22.12 ? 101 PHE A CD2 1 
ATOM   766  C  CE1 . PHE A 1 100 ? -4.558  -0.012  -0.349  1.00 21.49 ? 101 PHE A CE1 1 
ATOM   767  C  CE2 . PHE A 1 100 ? -3.569  1.074   -2.217  1.00 22.22 ? 101 PHE A CE2 1 
ATOM   768  C  CZ  . PHE A 1 100 ? -3.632  0.862   -0.860  1.00 21.46 ? 101 PHE A CZ  1 
ATOM   769  N  N   . ALA A 1 101 ? -8.116  -3.435  -4.735  1.00 25.17 ? 102 ALA A N   1 
ATOM   770  C  CA  . ALA A 1 101 ? -9.004  -3.812  -5.839  1.00 25.84 ? 102 ALA A CA  1 
ATOM   771  C  C   . ALA A 1 101 ? -10.374 -4.319  -5.370  1.00 26.59 ? 102 ALA A C   1 
ATOM   772  O  O   . ALA A 1 101 ? -11.346 -4.226  -6.117  1.00 27.39 ? 102 ALA A O   1 
ATOM   773  C  CB  . ALA A 1 101 ? -8.343  -4.826  -6.759  1.00 25.76 ? 102 ALA A CB  1 
ATOM   774  N  N   . GLY A 1 102 ? -10.462 -4.836  -4.147  1.00 27.24 ? 103 GLY A N   1 
ATOM   775  C  CA  . GLY A 1 102 ? -11.722 -5.355  -3.632  1.00 27.88 ? 103 GLY A CA  1 
ATOM   776  C  C   . GLY A 1 102 ? -12.471 -4.414  -2.700  1.00 28.12 ? 103 GLY A C   1 
ATOM   777  O  O   . GLY A 1 102 ? -13.583 -4.726  -2.249  1.00 28.96 ? 103 GLY A O   1 
ATOM   778  N  N   . ALA A 1 103 ? -11.873 -3.263  -2.405  1.00 28.39 ? 104 ALA A N   1 
ATOM   779  C  CA  . ALA A 1 103 ? -12.488 -2.292  -1.513  1.00 28.48 ? 104 ALA A CA  1 
ATOM   780  C  C   . ALA A 1 103 ? -13.239 -1.205  -2.279  1.00 28.49 ? 104 ALA A C   1 
ATOM   781  O  O   . ALA A 1 103 ? -12.765 -0.706  -3.305  1.00 29.19 ? 104 ALA A O   1 
ATOM   782  C  CB  . ALA A 1 103 ? -11.432 -1.651  -0.618  1.00 28.41 ? 104 ALA A CB  1 
ATOM   783  N  N   . PRO A 1 104 ? -14.405 -0.828  -1.770  1.00 28.75 ? 105 PRO A N   1 
ATOM   784  C  CA  . PRO A 1 104 ? -15.174 0.273   -2.347  1.00 29.02 ? 105 PRO A CA  1 
ATOM   785  C  C   . PRO A 1 104 ? -14.419 1.577   -2.146  1.00 28.97 ? 105 PRO A C   1 
ATOM   786  O  O   . PRO A 1 104 ? -13.761 1.746   -1.119  1.00 29.56 ? 105 PRO A O   1 
ATOM   787  C  CB  . PRO A 1 104 ? -16.475 0.272   -1.527  1.00 29.12 ? 105 PRO A CB  1 
ATOM   788  C  CG  . PRO A 1 104 ? -16.471 -0.971  -0.737  1.00 29.18 ? 105 PRO A CG  1 
ATOM   789  C  CD  . PRO A 1 104 ? -15.071 -1.436  -0.615  1.00 28.65 ? 105 PRO A CD  1 
ATOM   790  N  N   . TYR A 1 105 ? -14.474 2.472   -3.122  1.00 28.92 ? 106 TYR A N   1 
ATOM   791  C  CA  . TYR A 1 105 ? -13.797 3.749   -3.003  1.00 28.83 ? 106 TYR A CA  1 
ATOM   792  C  C   . TYR A 1 105 ? -14.829 4.848   -2.740  1.00 29.43 ? 106 TYR A C   1 
ATOM   793  O  O   . TYR A 1 105 ? -15.715 5.075   -3.571  1.00 30.06 ? 106 TYR A O   1 
ATOM   794  C  CB  . TYR A 1 105 ? -12.990 4.043   -4.257  1.00 28.53 ? 106 TYR A CB  1 
ATOM   795  C  CG  . TYR A 1 105 ? -12.091 5.247   -4.114  1.00 27.42 ? 106 TYR A CG  1 
ATOM   796  C  CD1 . TYR A 1 105 ? -12.609 6.532   -4.141  1.00 27.31 ? 106 TYR A CD1 1 
ATOM   797  C  CD2 . TYR A 1 105 ? -10.728 5.097   -3.929  1.00 26.72 ? 106 TYR A CD2 1 
ATOM   798  C  CE1 . TYR A 1 105 ? -11.799 7.629   -4.008  1.00 27.16 ? 106 TYR A CE1 1 
ATOM   799  C  CE2 . TYR A 1 105 ? -9.903  6.191   -3.792  1.00 26.92 ? 106 TYR A CE2 1 
ATOM   800  C  CZ  . TYR A 1 105 ? -10.442 7.457   -3.829  1.00 27.36 ? 106 TYR A CZ  1 
ATOM   801  O  OH  . TYR A 1 105 ? -9.621  8.550   -3.697  1.00 28.47 ? 106 TYR A OH  1 
ATOM   802  N  N   . ASN A 1 106 ? -14.723 5.501   -1.581  1.00 29.48 ? 107 ASN A N   1 
ATOM   803  C  CA  . ASN A 1 106 ? -15.644 6.565   -1.170  1.00 29.68 ? 107 ASN A CA  1 
ATOM   804  C  C   . ASN A 1 106 ? -15.000 7.921   -1.340  1.00 29.63 ? 107 ASN A C   1 
ATOM   805  O  O   . ASN A 1 106 ? -14.111 8.286   -0.574  1.00 29.20 ? 107 ASN A O   1 
ATOM   806  C  CB  . ASN A 1 106 ? -16.039 6.396   0.300   1.00 30.07 ? 107 ASN A CB  1 
ATOM   807  C  CG  . ASN A 1 106 ? -17.099 7.423   0.766   1.00 31.98 ? 107 ASN A CG  1 
ATOM   808  O  OD1 . ASN A 1 106 ? -17.217 8.524   0.216   1.00 34.43 ? 107 ASN A OD1 1 
ATOM   809  N  ND2 . ASN A 1 106 ? -17.865 7.052   1.788   1.00 33.94 ? 107 ASN A ND2 1 
ATOM   810  N  N   . ASP A 1 107 ? -15.477 8.684   -2.319  1.00 29.25 ? 108 ASP A N   1 
ATOM   811  C  CA  . ASP A 1 107 ? -14.941 10.012  -2.595  1.00 29.25 ? 108 ASP A CA  1 
ATOM   812  C  C   . ASP A 1 107 ? -14.890 10.921  -1.358  1.00 28.65 ? 108 ASP A C   1 
ATOM   813  O  O   . ASP A 1 107 ? -14.021 11.797  -1.280  1.00 28.86 ? 108 ASP A O   1 
ATOM   814  C  CB  . ASP A 1 107 ? -15.775 10.698  -3.687  1.00 29.40 ? 108 ASP A CB  1 
ATOM   815  C  CG  . ASP A 1 107 ? -15.621 10.048  -5.051  1.00 30.80 ? 108 ASP A CG  1 
ATOM   816  O  OD1 . ASP A 1 107 ? -14.674 9.261   -5.254  1.00 32.25 ? 108 ASP A OD1 1 
ATOM   817  O  OD2 . ASP A 1 107 ? -16.403 10.287  -6.005  1.00 33.37 ? 108 ASP A OD2 1 
ATOM   818  N  N   . ALA A 1 108 ? -15.815 10.738  -0.413  1.00 28.20 ? 109 ALA A N   1 
ATOM   819  C  CA  . ALA A 1 108 ? -15.864 11.571  0.794   1.00 27.98 ? 109 ALA A CA  1 
ATOM   820  C  C   . ALA A 1 108 ? -14.680 11.291  1.694   1.00 27.70 ? 109 ALA A C   1 
ATOM   821  O  O   . ALA A 1 108 ? -14.350 12.093  2.564   1.00 27.96 ? 109 ALA A O   1 
ATOM   822  C  CB  . ALA A 1 108 ? -17.144 11.341  1.571   1.00 28.05 ? 109 ALA A CB  1 
ATOM   823  N  N   . ASN A 1 109 ? -14.046 10.142  1.491   1.00 27.05 ? 110 ASN A N   1 
ATOM   824  C  CA  . ASN A 1 109 ? -12.912 9.760   2.326   1.00 26.54 ? 110 ASN A CA  1 
ATOM   825  C  C   . ASN A 1 109 ? -11.560 10.164  1.740   1.00 26.16 ? 110 ASN A C   1 
ATOM   826  O  O   . ASN A 1 109 ? -10.506 9.930   2.349   1.00 25.62 ? 110 ASN A O   1 
ATOM   827  C  CB  . ASN A 1 109 ? -12.974 8.274   2.634   1.00 26.54 ? 110 ASN A CB  1 
ATOM   828  C  CG  . ASN A 1 109 ? -14.054 7.939   3.641   1.00 26.35 ? 110 ASN A CG  1 
ATOM   829  O  OD1 . ASN A 1 109 ? -14.444 8.780   4.446   1.00 27.59 ? 110 ASN A OD1 1 
ATOM   830  N  ND2 . ASN A 1 109 ? -14.544 6.713   3.600   1.00 26.90 ? 110 ASN A ND2 1 
ATOM   831  N  N   . TYR A 1 110 ? -11.583 10.775  0.560   1.00 25.68 ? 111 TYR A N   1 
ATOM   832  C  CA  . TYR A 1 110 ? -10.363 11.290  -0.046  1.00 25.61 ? 111 TYR A CA  1 
ATOM   833  C  C   . TYR A 1 110 ? -9.917  12.603  0.616   1.00 25.28 ? 111 TYR A C   1 
ATOM   834  O  O   . TYR A 1 110 ? -10.725 13.519  0.817   1.00 25.66 ? 111 TYR A O   1 
ATOM   835  C  CB  . TYR A 1 110 ? -10.557 11.520  -1.555  1.00 25.70 ? 111 TYR A CB  1 
ATOM   836  C  CG  . TYR A 1 110 ? -9.328  12.083  -2.249  1.00 26.13 ? 111 TYR A CG  1 
ATOM   837  C  CD1 . TYR A 1 110 ? -8.262  11.257  -2.605  1.00 27.51 ? 111 TYR A CD1 1 
ATOM   838  C  CD2 . TYR A 1 110 ? -9.232  13.433  -2.561  1.00 27.40 ? 111 TYR A CD2 1 
ATOM   839  C  CE1 . TYR A 1 110 ? -7.138  11.766  -3.238  1.00 28.28 ? 111 TYR A CE1 1 
ATOM   840  C  CE2 . TYR A 1 110 ? -8.104  13.951  -3.193  1.00 28.68 ? 111 TYR A CE2 1 
ATOM   841  C  CZ  . TYR A 1 110 ? -7.063  13.110  -3.538  1.00 28.87 ? 111 TYR A CZ  1 
ATOM   842  O  OH  . TYR A 1 110 ? -5.929  13.612  -4.164  1.00 32.19 ? 111 TYR A OH  1 
ATOM   843  N  N   . ASN A 1 111 ? -8.632  12.695  0.950   1.00 24.53 ? 112 ASN A N   1 
ATOM   844  C  CA  . ASN A 1 111 ? -8.057  13.925  1.475   1.00 24.56 ? 112 ASN A CA  1 
ATOM   845  C  C   . ASN A 1 111 ? -8.777  14.420  2.740   1.00 23.78 ? 112 ASN A C   1 
ATOM   846  O  O   . ASN A 1 111 ? -9.173  15.583  2.814   1.00 24.08 ? 112 ASN A O   1 
ATOM   847  C  CB  . ASN A 1 111 ? -8.087  14.995  0.369   1.00 24.89 ? 112 ASN A CB  1 
ATOM   848  C  CG  . ASN A 1 111 ? -7.397  16.291  0.763   1.00 26.48 ? 112 ASN A CG  1 
ATOM   849  O  OD1 . ASN A 1 111 ? -7.892  17.382  0.456   1.00 30.01 ? 112 ASN A OD1 1 
ATOM   850  N  ND2 . ASN A 1 111 ? -6.254  16.187  1.432   1.00 28.91 ? 112 ASN A ND2 1 
ATOM   851  N  N   . ILE A 1 112 ? -8.971  13.547  3.729   1.00 23.16 ? 113 ILE A N   1 
ATOM   852  C  CA  . ILE A 1 112 ? -9.617  13.978  4.975   1.00 22.87 ? 113 ILE A CA  1 
ATOM   853  C  C   . ILE A 1 112 ? -8.614  14.689  5.883   1.00 22.72 ? 113 ILE A C   1 
ATOM   854  O  O   . ILE A 1 112 ? -7.403  14.570  5.714   1.00 22.63 ? 113 ILE A O   1 
ATOM   855  C  CB  . ILE A 1 112 ? -10.354 12.837  5.726   1.00 22.62 ? 113 ILE A CB  1 
ATOM   856  C  CG1 . ILE A 1 112 ? -9.401  11.764  6.248   1.00 22.68 ? 113 ILE A CG1 1 
ATOM   857  C  CG2 . ILE A 1 112 ? -11.439 12.242  4.852   1.00 22.86 ? 113 ILE A CG2 1 
ATOM   858  C  CD1 . ILE A 1 112 ? -10.081 10.823  7.189   1.00 21.70 ? 113 ILE A CD1 1 
ATOM   859  N  N   . ASP A 1 113 ? -9.136  15.430  6.852   1.00 22.99 ? 114 ASP A N   1 
ATOM   860  C  CA  . ASP A 1 113 ? -8.320  16.224  7.749   1.00 23.09 ? 114 ASP A CA  1 
ATOM   861  C  C   . ASP A 1 113 ? -7.717  15.323  8.825   1.00 23.15 ? 114 ASP A C   1 
ATOM   862  O  O   . ASP A 1 113 ? -8.355  15.020  9.834   1.00 23.63 ? 114 ASP A O   1 
ATOM   863  C  CB  . ASP A 1 113 ? -9.206  17.313  8.359   1.00 23.39 ? 114 ASP A CB  1 
ATOM   864  C  CG  . ASP A 1 113 ? -8.477  18.193  9.326   1.00 23.55 ? 114 ASP A CG  1 
ATOM   865  O  OD1 . ASP A 1 113 ? -8.998  19.303  9.587   1.00 25.02 ? 114 ASP A OD1 1 
ATOM   866  O  OD2 . ASP A 1 113 ? -7.403  17.881  9.885   1.00 27.70 ? 114 ASP A OD2 1 
ATOM   867  N  N   . LEU A 1 114 ? -6.491  14.876  8.593   1.00 23.57 ? 115 LEU A N   1 
ATOM   868  C  CA  . LEU A 1 114 ? -5.824  13.946  9.510   1.00 23.62 ? 115 LEU A CA  1 
ATOM   869  C  C   . LEU A 1 114 ? -5.696  14.482  10.944  1.00 23.46 ? 115 LEU A C   1 
ATOM   870  O  O   . LEU A 1 114 ? -5.916  13.758  11.922  1.00 23.49 ? 115 LEU A O   1 
ATOM   871  C  CB  . LEU A 1 114 ? -4.434  13.584  8.966   1.00 24.02 ? 115 LEU A CB  1 
ATOM   872  C  CG  . LEU A 1 114 ? -4.350  13.166  7.494   1.00 25.54 ? 115 LEU A CG  1 
ATOM   873  C  CD1 . LEU A 1 114 ? -2.888  12.917  7.117   1.00 27.47 ? 115 LEU A CD1 1 
ATOM   874  C  CD2 . LEU A 1 114 ? -5.202  11.951  7.187   1.00 25.97 ? 115 LEU A CD2 1 
ATOM   875  N  N   . LYS A 1 115 ? -5.328  15.748  11.084  1.00 23.01 ? 116 LYS A N   1 
ATOM   876  C  CA  . LYS A 1 115 ? -5.159  16.319  12.415  1.00 22.96 ? 116 LYS A CA  1 
ATOM   877  C  C   . LYS A 1 115 ? -6.446  16.229  13.229  1.00 22.33 ? 116 LYS A C   1 
ATOM   878  O  O   . LYS A 1 115 ? -6.420  15.970  14.430  1.00 22.60 ? 116 LYS A O   1 
ATOM   879  C  CB  . LYS A 1 115 ? -4.680  17.770  12.338  1.00 23.40 ? 116 LYS A CB  1 
ATOM   880  C  CG  . LYS A 1 115 ? -4.419  18.414  13.709  1.00 24.89 ? 116 LYS A CG  1 
ATOM   881  C  CD  . LYS A 1 115 ? -4.090  19.901  13.584  1.00 26.70 ? 116 LYS A CD  1 
ATOM   882  C  CE  . LYS A 1 115 ? -3.885  20.611  14.921  1.00 27.98 ? 116 LYS A CE  1 
ATOM   883  N  NZ  . LYS A 1 115 ? -5.139  20.723  15.730  1.00 28.73 ? 116 LYS A NZ  1 
ATOM   884  N  N   . ALA A 1 116 ? -7.581  16.437  12.574  1.00 21.43 ? 117 ALA A N   1 
ATOM   885  C  CA  . ALA A 1 116 ? -8.854  16.424  13.282  1.00 21.16 ? 117 ALA A CA  1 
ATOM   886  C  C   . ALA A 1 116 ? -9.488  15.051  13.433  1.00 20.94 ? 117 ALA A C   1 
ATOM   887  O  O   . ALA A 1 116 ? -10.147 14.780  14.437  1.00 21.61 ? 117 ALA A O   1 
ATOM   888  C  CB  . ALA A 1 116 ? -9.840  17.348  12.574  1.00 21.34 ? 117 ALA A CB  1 
ATOM   889  N  N   . ARG A 1 117 ? -9.297  14.192  12.442  1.00 21.49 ? 118 ARG A N   1 
ATOM   890  C  CA  . ARG A 1 117 ? -10.082 12.966  12.363  1.00 21.69 ? 118 ARG A CA  1 
ATOM   891  C  C   . ARG A 1 117 ? -9.325  11.682  12.613  1.00 21.72 ? 118 ARG A C   1 
ATOM   892  O  O   . ARG A 1 117 ? -9.926  10.615  12.731  1.00 22.02 ? 118 ARG A O   1 
ATOM   893  C  CB  . ARG A 1 117 ? -10.749 12.919  11.003  1.00 22.32 ? 118 ARG A CB  1 
ATOM   894  C  CG  . ARG A 1 117 ? -11.676 14.101  10.838  1.00 22.47 ? 118 ARG A CG  1 
ATOM   895  C  CD  . ARG A 1 117 ? -12.351 14.168  9.517   1.00 23.58 ? 118 ARG A CD  1 
ATOM   896  N  NE  . ARG A 1 117 ? -13.194 13.011  9.257   1.00 25.38 ? 118 ARG A NE  1 
ATOM   897  C  CZ  . ARG A 1 117 ? -13.734 12.776  8.076   1.00 25.57 ? 118 ARG A CZ  1 
ATOM   898  N  NH1 . ARG A 1 117 ? -13.501 13.627  7.085   1.00 26.21 ? 118 ARG A NH1 1 
ATOM   899  N  NH2 . ARG A 1 117 ? -14.500 11.716  7.870   1.00 26.89 ? 118 ARG A NH2 1 
ATOM   900  N  N   . CYS A 1 118 ? -8.020  11.785  12.751  1.00 21.63 ? 119 CYS A N   1 
ATOM   901  C  CA  . CYS A 1 118 ? -7.215  10.586  12.871  1.00 22.27 ? 119 CYS A CA  1 
ATOM   902  C  C   . CYS A 1 118 ? -6.404  10.525  14.152  1.00 23.87 ? 119 CYS A C   1 
ATOM   903  O  O   . CYS A 1 118 ? -5.313  9.965   14.182  1.00 24.29 ? 119 CYS A O   1 
ATOM   904  C  CB  . CYS A 1 118 ? -6.332  10.472  11.643  1.00 21.94 ? 119 CYS A CB  1 
ATOM   905  S  SG  . CYS A 1 118 ? -7.298  10.418  10.105  1.00 21.40 ? 119 CYS A SG  1 
ATOM   906  N  N   . ASN A 1 119 ? -6.947  11.102  15.212  1.00 25.58 ? 120 ASN A N   1 
ATOM   907  C  CA  . ASN A 1 119 ? -6.332  10.973  16.522  1.00 27.18 ? 120 ASN A CA  1 
ATOM   908  C  C   . ASN A 1 119 ? -6.708  9.731   17.299  1.00 27.60 ? 120 ASN A C   1 
ATOM   909  O  O   . ASN A 1 119 ? -5.900  9.260   18.099  1.00 29.30 ? 120 ASN A O   1 
ATOM   910  C  CB  . ASN A 1 119 ? -6.555  12.240  17.269  1.00 27.75 ? 120 ASN A CB  1 
ATOM   911  C  CG  . ASN A 1 119 ? -5.685  13.258  16.689  1.00 29.62 ? 120 ASN A CG  1 
ATOM   912  O  OD1 . ASN A 1 119 ? -4.747  12.864  15.984  1.00 34.73 ? 120 ASN A OD1 1 
ATOM   913  N  ND2 . ASN A 1 119 ? -5.976  14.525  16.850  1.00 34.48 ? 120 ASN A ND2 1 
HETATM 914  CA CA  . CA  B 2 .   ? 0.300   5.571   5.434   0.50 25.97 ? 201 CA  A CA  1 
HETATM 915  P  P   . PO4 C 3 .   ? 6.913   -7.015  16.717  1.00 28.53 ? 401 PO4 A P   1 
HETATM 916  O  O1  . PO4 C 3 .   ? 6.717   -8.522  16.805  1.00 25.67 ? 401 PO4 A O1  1 
HETATM 917  O  O2  . PO4 C 3 .   ? 7.268   -6.407  18.058  1.00 27.96 ? 401 PO4 A O2  1 
HETATM 918  O  O3  . PO4 C 3 .   ? 8.059   -6.780  15.739  1.00 28.78 ? 401 PO4 A O3  1 
HETATM 919  O  O4  . PO4 C 3 .   ? 5.650   -6.378  16.137  1.00 21.91 ? 401 PO4 A O4  1 
HETATM 920  C  C   . ACY D 4 .   ? 1.817   4.623   2.276   1.00 39.93 ? 301 ACY A C   1 
HETATM 921  O  O   . ACY D 4 .   ? 0.991   4.793   3.208   1.00 40.29 ? 301 ACY A O   1 
HETATM 922  O  OXT . ACY D 4 .   ? 2.280   3.513   1.934   1.00 39.74 ? 301 ACY A OXT 1 
HETATM 923  C  CH3 . ACY D 4 .   ? 2.277   5.825   1.507   1.00 39.95 ? 301 ACY A CH3 1 
HETATM 924  O  O   . HOH E 5 .   ? -7.182  11.312  3.545   1.00 21.76 ? 402 HOH A O   1 
HETATM 925  O  O   . HOH E 5 .   ? 7.744   -0.523  -1.741  1.00 16.88 ? 403 HOH A O   1 
HETATM 926  O  O   . HOH E 5 .   ? 12.180  4.111   -8.726  1.00 43.91 ? 404 HOH A O   1 
HETATM 927  O  O   . HOH E 5 .   ? 18.550  -6.738  -3.236  1.00 40.08 ? 405 HOH A O   1 
HETATM 928  O  O   . HOH E 5 .   ? -2.474  -10.934 -7.948  1.00 27.00 ? 406 HOH A O   1 
HETATM 929  O  O   . HOH E 5 .   ? 7.372   -11.871 -1.047  1.00 23.78 ? 407 HOH A O   1 
HETATM 930  O  O   . HOH E 5 .   ? 10.960  -12.043 4.305   1.00 32.63 ? 408 HOH A O   1 
HETATM 931  O  O   . HOH E 5 .   ? -8.128  -5.198  8.564   1.00 34.89 ? 409 HOH A O   1 
HETATM 932  O  O   . HOH E 5 .   ? -4.538  2.696   -10.252 1.00 33.75 ? 410 HOH A O   1 
HETATM 933  O  O   . HOH E 5 .   ? -13.633 -2.624  -5.283  1.00 42.99 ? 411 HOH A O   1 
HETATM 934  O  O   . HOH E 5 .   ? -13.251 1.528   -10.136 1.00 45.36 ? 412 HOH A O   1 
HETATM 935  O  O   . HOH E 5 .   ? -10.439 -6.650  -0.486  1.00 46.04 ? 413 HOH A O   1 
HETATM 936  O  O   . HOH E 5 .   ? 2.770   -12.229 -12.068 1.00 25.08 ? 414 HOH A O   1 
HETATM 937  O  O   . HOH E 5 .   ? 7.599   -13.841 1.081   1.00 34.37 ? 415 HOH A O   1 
HETATM 938  O  O   . HOH E 5 .   ? 9.585   -12.482 -2.698  1.00 27.65 ? 416 HOH A O   1 
HETATM 939  O  O   . HOH E 5 .   ? 13.888  -14.026 1.002   1.00 33.13 ? 417 HOH A O   1 
HETATM 940  O  O   . HOH E 5 .   ? 16.405  -14.706 2.827   1.00 34.34 ? 418 HOH A O   1 
HETATM 941  O  O   . HOH E 5 .   ? -7.446  5.415   -14.941 1.00 50.05 ? 419 HOH A O   1 
HETATM 942  O  O   . HOH E 5 .   ? -9.870  7.656   -11.170 1.00 36.64 ? 420 HOH A O   1 
HETATM 943  O  O   . HOH E 5 .   ? 4.085   2.727   7.452   1.00 35.69 ? 421 HOH A O   1 
HETATM 944  O  O   . HOH E 5 .   ? -11.033 -5.659  1.871   1.00 39.32 ? 422 HOH A O   1 
HETATM 945  O  O   . HOH E 5 .   ? 17.308  -3.584  -4.002  1.00 30.08 ? 423 HOH A O   1 
HETATM 946  O  O   . HOH E 5 .   ? -11.604 1.372   -6.860  1.00 41.13 ? 424 HOH A O   1 
HETATM 947  O  O   . HOH E 5 .   ? -11.219 8.263   11.765  1.00 28.16 ? 425 HOH A O   1 
HETATM 948  O  O   . HOH E 5 .   ? -16.674 5.627   5.898   1.00 38.01 ? 426 HOH A O   1 
HETATM 949  O  O   . HOH E 5 .   ? 1.833   -13.425 1.700   1.00 41.00 ? 427 HOH A O   1 
HETATM 950  O  O   . HOH E 5 .   ? 6.579   -13.979 -17.256 1.00 53.36 ? 428 HOH A O   1 
HETATM 951  O  O   . HOH E 5 .   ? 9.361   7.565   -6.357  1.00 49.76 ? 429 HOH A O   1 
HETATM 952  O  O   . HOH E 5 .   ? -0.726  -12.415 -5.940  1.00 28.50 ? 430 HOH A O   1 
HETATM 953  O  O   . HOH E 5 .   ? 10.003  6.501   -2.849  1.00 46.27 ? 431 HOH A O   1 
HETATM 954  O  O   . HOH E 5 .   ? -13.879 1.069   1.573   1.00 33.66 ? 432 HOH A O   1 
HETATM 955  O  O   . HOH E 5 .   ? 4.675   -12.412 -1.828  1.00 29.67 ? 433 HOH A O   1 
HETATM 956  O  O   . HOH E 5 .   ? 13.700  -5.364  -9.603  1.00 32.28 ? 434 HOH A O   1 
HETATM 957  O  O   . HOH E 5 .   ? 10.108  5.068   -5.574  1.00 34.21 ? 435 HOH A O   1 
HETATM 958  O  O   . HOH E 5 .   ? 1.218   -6.418  -17.237 1.00 31.36 ? 436 HOH A O   1 
HETATM 959  O  O   . HOH E 5 .   ? 2.679   -9.134  4.243   1.00 29.09 ? 437 HOH A O   1 
HETATM 960  O  O   . HOH E 5 .   ? -13.662 8.587   15.331  1.00 31.93 ? 438 HOH A O   1 
HETATM 961  O  O   . HOH E 5 .   ? -9.970  -1.569  -12.063 1.00 37.43 ? 439 HOH A O   1 
HETATM 962  O  O   . HOH E 5 .   ? -9.540  8.432   14.709  1.00 31.30 ? 440 HOH A O   1 
HETATM 963  O  O   . HOH E 5 .   ? -1.195  11.339  1.511   1.00 47.67 ? 441 HOH A O   1 
HETATM 964  O  O   . HOH E 5 .   ? -4.688  -12.039 -0.675  1.00 43.51 ? 442 HOH A O   1 
HETATM 965  O  O   . HOH E 5 .   ? 10.530  -7.899  10.046  1.00 30.02 ? 443 HOH A O   1 
HETATM 966  O  O   . HOH E 5 .   ? 3.844   4.210   5.295   1.00 47.61 ? 444 HOH A O   1 
HETATM 967  O  O   . HOH E 5 .   ? 14.253  3.511   -4.675  1.00 33.63 ? 445 HOH A O   1 
HETATM 968  O  O   . HOH E 5 .   ? -9.413  10.650  -9.993  1.00 48.83 ? 446 HOH A O   1 
HETATM 969  O  O   . HOH E 5 .   ? -6.795  19.076  16.677  1.00 47.93 ? 447 HOH A O   1 
HETATM 970  O  O   . HOH E 5 .   ? 18.363  -0.687  9.667   1.00 33.94 ? 448 HOH A O   1 
HETATM 971  O  O   . HOH E 5 .   ? -7.429  20.672  11.248  1.00 23.20 ? 449 HOH A O   1 
HETATM 972  O  O   . HOH E 5 .   ? 2.054   6.729   6.697   1.00 35.15 ? 450 HOH A O   1 
HETATM 973  O  O   . HOH E 5 .   ? -14.238 11.036  10.937  1.00 44.20 ? 451 HOH A O   1 
HETATM 974  O  O   . HOH E 5 .   ? 14.976  1.177   -8.652  1.00 36.06 ? 452 HOH A O   1 
HETATM 975  O  O   . HOH E 5 .   ? -10.717 0.702   -4.305  1.00 29.41 ? 453 HOH A O   1 
HETATM 976  O  O   . HOH E 5 .   ? -10.991 10.335  -5.832  1.00 57.52 ? 454 HOH A O   1 
HETATM 977  O  O   . HOH E 5 .   ? 16.706  -8.294  -2.883  1.00 28.79 ? 455 HOH A O   1 
HETATM 978  O  O   . HOH E 5 .   ? -5.474  -8.041  -11.373 1.00 49.04 ? 456 HOH A O   1 
HETATM 979  O  O   . HOH E 5 .   ? -3.400  7.819   -13.926 1.00 41.34 ? 457 HOH A O   1 
HETATM 980  O  O   . HOH E 5 .   ? 18.246  2.131   6.646   1.00 28.13 ? 458 HOH A O   1 
HETATM 981  O  O   . HOH E 5 .   ? 13.212  -15.058 -2.357  1.00 47.64 ? 459 HOH A O   1 
HETATM 982  O  O   . HOH E 5 .   ? 11.035  6.867   -8.329  1.00 47.81 ? 460 HOH A O   1 
HETATM 983  O  O   . HOH E 5 .   ? -7.590  0.500   14.154  1.00 35.78 ? 461 HOH A O   1 
HETATM 984  O  O   . HOH E 5 .   ? -2.608  15.611  1.351   1.00 44.66 ? 462 HOH A O   1 
HETATM 985  O  O   . HOH E 5 .   ? 4.118   -13.542 -4.733  1.00 29.33 ? 463 HOH A O   1 
HETATM 986  O  O   . HOH E 5 .   ? -9.801  -3.423  -10.066 1.00 36.41 ? 464 HOH A O   1 
HETATM 987  O  O   . HOH E 5 .   ? -9.114  4.232   17.354  1.00 33.96 ? 465 HOH A O   1 
HETATM 988  O  O   . HOH E 5 .   ? -7.552  -4.895  5.395   1.00 33.59 ? 466 HOH A O   1 
HETATM 989  O  O   . HOH E 5 .   ? 0.423   3.229   13.057  1.00 32.41 ? 467 HOH A O   1 
HETATM 990  O  O   . HOH E 5 .   ? -16.417 3.995   2.510   1.00 38.32 ? 468 HOH A O   1 
HETATM 991  O  O   . HOH E 5 .   ? -1.388  1.191   13.743  1.00 29.85 ? 469 HOH A O   1 
HETATM 992  O  O   . HOH E 5 .   ? -15.840 6.900   8.995   1.00 41.91 ? 470 HOH A O   1 
HETATM 993  O  O   . HOH E 5 .   ? 15.118  -7.819  -4.952  1.00 29.12 ? 471 HOH A O   1 
HETATM 994  O  O   . HOH E 5 .   ? 15.012  -0.018  8.543   1.00 23.19 ? 472 HOH A O   1 
HETATM 995  O  O   . HOH E 5 .   ? -9.146  17.402  -2.792  1.00 50.70 ? 473 HOH A O   1 
HETATM 996  O  O   . HOH E 5 .   ? 0.404   13.406  1.176   1.00 42.23 ? 474 HOH A O   1 
HETATM 997  O  O   . HOH E 5 .   ? -3.667  12.226  -4.012  1.00 42.12 ? 475 HOH A O   1 
HETATM 998  O  O   . HOH E 5 .   ? -11.973 6.857   16.786  1.00 37.76 ? 476 HOH A O   1 
HETATM 999  O  O   . HOH E 5 .   ? 6.592   -7.037  6.848   1.00 23.37 ? 477 HOH A O   1 
HETATM 1000 O  O   . HOH E 5 .   ? 11.912  5.210   -11.857 1.00 44.86 ? 478 HOH A O   1 
HETATM 1001 O  O   . HOH E 5 .   ? 16.931  3.704   -5.741  1.00 45.24 ? 479 HOH A O   1 
HETATM 1002 O  O   . HOH E 5 .   ? -4.872  -8.685  0.210   1.00 34.16 ? 480 HOH A O   1 
HETATM 1003 O  O   . HOH E 5 .   ? -0.790  2.259   3.095   1.00 31.44 ? 481 HOH A O   1 
HETATM 1004 O  O   . HOH E 5 .   ? 4.337   4.411   -13.316 1.00 27.46 ? 482 HOH A O   1 
HETATM 1005 O  O   . HOH E 5 .   ? -3.161  9.642   10.249  1.00 29.76 ? 483 HOH A O   1 
HETATM 1006 O  O   . HOH E 5 .   ? -1.925  -5.041  12.363  1.00 20.48 ? 484 HOH A O   1 
HETATM 1007 O  O   . HOH E 5 .   ? 0.328   -7.278  4.829   1.00 21.84 ? 485 HOH A O   1 
HETATM 1008 O  O   . HOH E 5 .   ? 1.562   1.700   10.801  1.00 23.49 ? 486 HOH A O   1 
HETATM 1009 O  O   . HOH E 5 .   ? 6.508   -11.152 4.993   1.00 35.18 ? 487 HOH A O   1 
HETATM 1010 O  O   . HOH E 5 .   ? -14.477 0.857   12.147  1.00 49.89 ? 488 HOH A O   1 
HETATM 1011 O  O   . HOH E 5 .   ? -9.826  -4.093  4.152   1.00 26.54 ? 489 HOH A O   1 
HETATM 1012 O  O   . HOH E 5 .   ? 16.475  -1.926  11.174  1.00 39.34 ? 490 HOH A O   1 
HETATM 1013 O  O   . HOH E 5 .   ? 6.888   3.079   7.834   1.00 31.11 ? 491 HOH A O   1 
HETATM 1014 O  O   . HOH E 5 .   ? 8.801   -8.280  7.795   1.00 35.98 ? 492 HOH A O   1 
HETATM 1015 O  O   . HOH E 5 .   ? -5.172  21.692  10.013  1.00 39.08 ? 493 HOH A O   1 
HETATM 1016 O  O   . HOH E 5 .   ? 1.229   -13.723 -14.226 1.00 36.53 ? 494 HOH A O   1 
HETATM 1017 O  O   . HOH E 5 .   ? -10.501 8.403   18.537  1.00 40.21 ? 495 HOH A O   1 
HETATM 1018 O  O   . HOH E 5 .   ? 4.834   -8.290  -17.264 1.00 25.15 ? 496 HOH A O   1 
HETATM 1019 O  O   . HOH E 5 .   ? 10.466  -6.285  -10.915 1.00 21.17 ? 497 HOH A O   1 
HETATM 1020 O  O   . HOH E 5 .   ? -16.031 0.335   3.900   1.00 46.17 ? 498 HOH A O   1 
HETATM 1021 O  O   . HOH E 5 .   ? -5.387  14.419  3.916   1.00 28.43 ? 499 HOH A O   1 
HETATM 1022 O  O   . HOH E 5 .   ? -4.729  17.876  9.044   1.00 33.36 ? 500 HOH A O   1 
HETATM 1023 O  O   . HOH E 5 .   ? -0.442  9.155   -12.749 1.00 46.25 ? 501 HOH A O   1 
HETATM 1024 O  O   . HOH E 5 .   ? -7.579  -3.154  10.253  1.00 33.16 ? 502 HOH A O   1 
HETATM 1025 O  O   . HOH E 5 .   ? -2.985  -4.440  2.889   1.00 20.13 ? 503 HOH A O   1 
HETATM 1026 O  O   . HOH E 5 .   ? 3.631   -4.739  17.216  1.00 17.11 ? 504 HOH A O   1 
HETATM 1027 O  O   . HOH E 5 .   ? 16.577  0.908   -4.599  1.00 35.18 ? 505 HOH A O   1 
HETATM 1028 O  O   . HOH E 5 .   ? -7.805  6.501   17.963  1.00 40.00 ? 506 HOH A O   1 
HETATM 1029 O  O   . HOH E 5 .   ? -4.434  -6.932  3.153   1.00 37.87 ? 507 HOH A O   1 
HETATM 1030 O  O   . HOH E 5 .   ? -16.143 1.193   9.400   1.00 38.18 ? 508 HOH A O   1 
HETATM 1031 O  O   . HOH E 5 .   ? 1.948   8.010   13.009  1.00 37.38 ? 509 HOH A O   1 
HETATM 1032 O  O   . HOH E 5 .   ? -2.167  -7.639  -15.422 1.00 35.80 ? 510 HOH A O   1 
HETATM 1033 O  O   . HOH E 5 .   ? -9.624  0.026   -16.731 1.00 51.14 ? 511 HOH A O   1 
HETATM 1034 O  O   . HOH E 5 .   ? 9.276   -0.089  12.955  1.00 27.03 ? 512 HOH A O   1 
HETATM 1035 O  O   . HOH E 5 .   ? 5.547   -8.577  4.711   1.00 23.04 ? 513 HOH A O   1 
HETATM 1036 O  O   . HOH E 5 .   ? 12.317  1.401   -9.233  1.00 34.57 ? 514 HOH A O   1 
HETATM 1037 O  O   . HOH E 5 .   ? -4.211  -4.451  11.668  1.00 40.70 ? 515 HOH A O   1 
HETATM 1038 O  O   . HOH E 5 .   ? -15.081 11.676  5.144   1.00 30.43 ? 516 HOH A O   1 
HETATM 1039 O  O   . HOH E 5 .   ? -3.745  -5.480  -14.965 1.00 32.93 ? 517 HOH A O   1 
HETATM 1040 O  O   . HOH E 5 .   ? -0.216  -5.015  3.228   1.00 16.98 ? 518 HOH A O   1 
HETATM 1041 O  O   . HOH E 5 .   ? -7.360  -7.002  -9.733  1.00 35.46 ? 519 HOH A O   1 
HETATM 1042 O  O   . HOH E 5 .   ? -4.186  15.375  -1.418  1.00 44.77 ? 520 HOH A O   1 
HETATM 1043 O  O   . HOH E 5 .   ? 3.091   -15.831 1.083   1.00 48.63 ? 521 HOH A O   1 
HETATM 1044 O  O   . HOH E 5 .   ? -15.242 -6.868  -3.696  1.00 52.53 ? 522 HOH A O   1 
HETATM 1045 O  O   . HOH E 5 .   ? -4.741  3.353   16.361  1.00 49.38 ? 523 HOH A O   1 
HETATM 1046 O  O   . HOH E 5 .   ? 0.430   -11.910 -22.554 1.00 53.95 ? 524 HOH A O   1 
HETATM 1047 O  O   . HOH E 5 .   ? 19.245  3.712   -4.428  1.00 49.94 ? 525 HOH A O   1 
HETATM 1048 O  O   . HOH E 5 .   ? 2.712   2.372   4.009   1.00 51.04 ? 526 HOH A O   1 
HETATM 1049 O  O   . HOH E 5 .   ? 0.825   4.323   9.816   1.00 45.58 ? 527 HOH A O   1 
HETATM 1050 O  O   . HOH E 5 .   ? 20.534  1.255   -5.087  1.00 53.97 ? 528 HOH A O   1 
HETATM 1051 O  O   . HOH E 5 .   ? -6.284  -8.306  -7.528  1.00 37.85 ? 529 HOH A O   1 
HETATM 1052 O  O   . HOH E 5 .   ? 8.426   -12.361 3.146   1.00 41.57 ? 530 HOH A O   1 
HETATM 1053 O  O   . HOH E 5 .   ? -2.771  -0.929  14.144  1.00 43.18 ? 531 HOH A O   1 
HETATM 1054 O  O   . HOH E 5 .   ? 12.983  5.128   -6.347  1.00 51.04 ? 532 HOH A O   1 
HETATM 1055 O  O   . HOH E 5 .   ? 11.940  5.228   -3.738  1.00 40.54 ? 533 HOH A O   1 
HETATM 1056 O  O   . HOH E 5 .   ? -11.509 -4.129  6.120   1.00 41.19 ? 534 HOH A O   1 
HETATM 1057 O  O   . HOH E 5 .   ? -2.216  4.450   16.262  1.00 41.82 ? 535 HOH A O   1 
HETATM 1058 O  O   . HOH E 5 .   ? 1.655   -10.599 6.203   1.00 45.68 ? 536 HOH A O   1 
HETATM 1059 O  O   . HOH E 5 .   ? -1.484  3.964   -0.213  1.00 36.63 ? 537 HOH A O   1 
HETATM 1060 O  O   . HOH E 5 .   ? -4.470  16.440  6.702   1.00 38.37 ? 538 HOH A O   1 
HETATM 1061 O  O   . HOH E 5 .   ? 18.763  -10.052 -3.665  1.00 45.09 ? 539 HOH A O   1 
HETATM 1062 O  O   . HOH E 5 .   ? -16.357 -4.217  -3.687  1.00 47.87 ? 540 HOH A O   1 
HETATM 1063 O  O   . HOH E 5 .   ? -13.042 13.482  -4.084  1.00 53.57 ? 541 HOH A O   1 
HETATM 1064 O  O   . HOH E 5 .   ? -3.673  14.584  -7.127  1.00 47.15 ? 542 HOH A O   1 
HETATM 1065 O  O   . HOH E 5 .   ? -6.447  21.244  7.760   1.00 48.01 ? 543 HOH A O   1 
# 
